data_8I5X
#
_entry.id   8I5X
#
_cell.length_a   1.00
_cell.length_b   1.00
_cell.length_c   1.00
_cell.angle_alpha   90.00
_cell.angle_beta   90.00
_cell.angle_gamma   90.00
#
_symmetry.space_group_name_H-M   'P 1'
#
loop_
_entity.id
_entity.type
_entity.pdbx_description
1 polymer 'Sodium channel protein type 9 subunit alpha'
2 polymer 'Sodium channel subunit beta-1'
3 polymer 'Sodium channel subunit beta-2'
4 branched 2-acetamido-2-deoxy-beta-D-glucopyranose-(1-4)-2-acetamido-2-deoxy-beta-D-glucopyranose
5 non-polymer 2-acetamido-2-deoxy-beta-D-glucopyranose
6 non-polymer O-[(R)-{[(2R)-2,3-bis(octadecanoyloxy)propyl]oxy}(hydroxy)phosphoryl]-L-serine
7 non-polymer 'CHOLESTEROL HEMISUCCINATE'
8 non-polymer (3beta,14beta,17beta,25R)-3-[4-methoxy-3-(methoxymethyl)butoxy]spirost-5-en
9 non-polymer Vinpocetine
10 non-polymer 1-O-OCTADECYL-SN-GLYCERO-3-PHOSPHOCHOLINE
11 non-polymer 1,2-DIOLEOYL-SN-GLYCERO-3-PHOSPHOCHOLINE
#
loop_
_entity_poly.entity_id
_entity_poly.type
_entity_poly.pdbx_seq_one_letter_code
_entity_poly.pdbx_strand_id
1 'polypeptide(L)'
;WSHPQFEKGGGARGGSGGGSWSHPQFEKGFDYKDDDDKGTMAMLPPPGPQSFVHFTKQSLALIEQRIAERKSKEPKEEKK
DDDEEAPKPSSDLEAGKQLPFIYGDIPPGMVSEPLEDLDPYYADKKTFIVLNKGKTIFRFNATPALYMLSPFSPLRRISI
KILVHSLFSMLIMCTILTNCIFMTMNNPPDWTKNVEYTFTGIYTFESLVKILARGFCVGEFTFLRDPWNWLDFVVIVFAY
LTEFVNLGNVSALRTFRVLRALKTISVIPGLKTIVGALIQSVKKLSDVMILTVFCLSVFALIGLQLFMGNLKHKCFRNSL
ENNETLESIMNTLESEEDFRKYFYYLEGSKDALLCGFSTDSGQCPEGYTCVKIGRNPDYGYTSFDTFSWAFLALFRLMTQ
DYWENLYQQTLRAAGKTYMIFFVVVIFLGSFYLINLILAVVAMAYEEQNQANIEEAKQKELEFQQMLDRLKKEQEEAEAI
AAAAAEYTSIRRSRIMGLSESSSETSKLSSKSAKERRNRRKKKNQKKLSSGEEKGDAEKLSKSESEDSIRRKSFHLGVEG
HRRAHEKRLSTPNQSPLSIRGSLFSARRSSRTSLFSFKGRGRDIGSETEFADDEHSIFGDNESRRGSLFVPHRPQERRSS
NISQASRSPPMLPVNGKMHSAVDCNGVVSLVDGRSALMLPNGQLLPEVIIDKATSDDSGTTNQIHKKRRCSSYLLSEDML
NDPNLRQRAMSRASILTNTVEELEESRQKCPPWWYRFAHKFLIWNCSPYWIKFKKCIYFIVMDPFVDLAITICIVLNTLF
MAMEHHPMTEEFKNVLAIGNLVFTGIFAAEMVLKLIAMDPYEYFQVGWNIFDSLIVTLSLVELFLADVEGLSVLRSFRLL
RVFKLAKSWPTLNMLIKIIGNSVGALGNLTLVLAIIVFIFAVVGMQLFGKSYKECVCKINDDCTLPRWHMNDFFHSFLIV
FRVLCGEWIETMWDCMEVAGQAMCLIVYMMVMVIGNLVVLNLFLALLLSSFSSDNLTAIEEDPDANNLQIAVTRIKKGIN
YVKQTLREFILKAFSKKPKISREIRQAEDLNTKKENYISNHTLAEMSKGHNFLKEKDKISGFGSSVDKHLMEDSDGQSFI
HNPSLTVTVPIAPGESDLENMNAEELSSDSDSEYSKVRLNRSSSSECSTVDNPLPGEGEEAEAEPMNSDEPEACFTDGCV
WRFSCCQVNIESGKGKIWWNIRKTCYKIVEHSWFESFIVLMILLSSGALAFEDIYIERKKTIKIILEYADKIFTYIFILE
MLLKWIAYGYKTYFTNAWCWLDFLIVDVSLVTLVANTLGYSDLGPIKSLRTLRALRPLRALSRFEGMRVVVNALIGAIPS
IMNVLLVCLIFWLIFSIMGVNLFAGKFYECINTTDGSRFPASQVPNRSECFALMNVSQNVRWKNLKVNFDNVGLGYLSLL
QVATFKGWTIIMYAAVDSVNVDKQPKYEYSLYMYIYFVVFIIFGSFFTLNLFIGVIIDNFNQQKKKLGGQDIFMTEEQKK
YYNAMKKLGSKKPQKPIPRPGNKIQGCIFDLVTNQAFDISIMVLICLNMVTMMVEKEGQSQHMTEVLYWINVVFIILFTG
ECVLKLISLRHYYFTVGWNIFDFVVVIISIVGMFLADLIETYFVSPTLFRVIRLARIGRILRLVKGAKGIRTLLFALMMS
LPALFNIGLLLFLVMFIYAIFGMSNFAYVKKEDGINDMFNFETFGNSMICLFQITTSAGWDGLLAPILNSKPPDCDPKKV
HPGSSVEGDCGNPSVGIFYFVSYIIISFLVVVNMYIAVILENFSVATEESTEPLSEDDFEMFYEVWEKFDPDATQFIEFS
KLSDFAAALDPPLLIAKPNKVQLIAMDLPMVSGDRIHCLDILFAFTKRVLGESGEMDSLRSQMEERFMSANPSKVSYEPI
TTTLKRKQEDVSATVIQRAYRRYRLRQNVKNISSIYIKDGDRDDDLLNKKDMAFDNVNENSSPEKTDATSSTTSPPSYDS
VTKPDKEKYEQDRTEKEDKGKDSKESKK
;
A
2 'polypeptide(L)'
;MGRLLALVVGAALVSSACGGCVEVDSETEAVYGMTFKILCISCKRRSETNAETFTEWTFRQKGTEEFVKILRYENEVLQL
EEDERFEGRVVWNGSRGTKDLQDLSIFITNVTYNHSGDYECHVYRLLFFENYEHNTSVVKKIHIEVVDKANRDMASIVSE
IMMYVLIVVLTIWLVAEMIYCYKKIAAATETAAQENASEYLAITSESKENCTGVQVAE
;
B
3 'polypeptide(L)'
;MHRDAWLPRPAFSLTGLSLFFSLVPPGRSMEVTVPATLNVLNGSDARLPCTFNSCYTVNHKQFSLNWTYQECNNCSEEMF
LQFRMKIINLKLERFQDRVEFSGNPSKYDVSVMLRNVQPEDEGIYNCYIMNPPDRHRGHGKIHLQVLMEEPPERDSTVAV
IVGASVGGFLAVVILVLMVVKCVRRKKEQKLSTDDLKTEEEGKTDGEGNPDDGAK
;
C
#
# COMPACT_ATOMS: atom_id res chain seq x y z
N GLY A 48 32.33 47.92 -21.62
CA GLY A 48 30.99 48.46 -21.67
C GLY A 48 30.20 47.99 -22.87
N PRO A 49 29.07 48.66 -23.15
CA PRO A 49 28.25 48.26 -24.31
C PRO A 49 28.97 48.43 -25.64
N GLN A 50 29.98 49.29 -25.69
CA GLN A 50 30.68 49.58 -26.95
C GLN A 50 31.60 48.45 -27.36
N SER A 51 31.80 47.46 -26.48
CA SER A 51 32.74 46.37 -26.73
C SER A 51 32.09 45.33 -27.63
N PHE A 52 31.95 45.67 -28.91
CA PHE A 52 31.43 44.74 -29.92
C PHE A 52 32.23 44.93 -31.19
N VAL A 53 32.84 43.85 -31.67
CA VAL A 53 33.74 43.89 -32.86
C VAL A 53 33.75 42.51 -33.51
N HIS A 54 33.64 42.43 -34.83
CA HIS A 54 33.72 41.16 -35.53
C HIS A 54 35.04 40.45 -35.30
N PHE A 55 35.00 39.12 -35.18
CA PHE A 55 36.21 38.32 -35.07
C PHE A 55 36.89 38.20 -36.41
N THR A 56 38.03 38.88 -36.58
CA THR A 56 38.77 38.86 -37.83
C THR A 56 40.09 38.12 -37.65
N LYS A 57 40.78 37.90 -38.77
CA LYS A 57 42.04 37.19 -38.78
C LYS A 57 43.10 37.93 -37.96
N GLN A 58 43.02 39.27 -37.94
CA GLN A 58 43.96 40.04 -37.14
C GLN A 58 43.79 39.74 -35.66
N SER A 59 42.55 39.61 -35.20
CA SER A 59 42.30 39.27 -33.80
C SER A 59 42.82 37.86 -33.47
N LEU A 60 42.63 36.91 -34.39
CA LEU A 60 43.17 35.57 -34.17
C LEU A 60 44.69 35.60 -34.10
N ALA A 61 45.32 36.40 -34.96
CA ALA A 61 46.77 36.53 -34.92
C ALA A 61 47.23 37.15 -33.60
N LEU A 62 46.51 38.16 -33.11
CA LEU A 62 46.84 38.74 -31.82
C LEU A 62 46.70 37.74 -30.68
N ILE A 63 45.62 36.94 -30.70
CA ILE A 63 45.42 35.93 -29.66
C ILE A 63 46.53 34.89 -29.70
N GLU A 64 46.91 34.44 -30.91
CA GLU A 64 47.98 33.47 -31.03
C GLU A 64 49.31 34.06 -30.57
N GLN A 65 49.56 35.35 -30.86
CA GLN A 65 50.76 36.01 -30.38
C GLN A 65 50.78 36.08 -28.86
N ARG A 66 49.63 36.38 -28.25
CA ARG A 66 49.56 36.39 -26.78
C ARG A 66 49.82 35.01 -26.21
N ILE A 67 49.28 33.97 -26.85
CA ILE A 67 49.53 32.60 -26.38
C ILE A 67 51.01 32.26 -26.50
N ALA A 68 51.65 32.68 -27.60
CA ALA A 68 53.08 32.46 -27.77
C ALA A 68 53.89 33.19 -26.70
N GLU A 69 53.48 34.41 -26.37
CA GLU A 69 54.16 35.15 -25.30
C GLU A 69 54.00 34.44 -23.96
N ARG A 70 52.81 33.92 -23.68
CA ARG A 70 52.59 33.16 -22.45
C ARG A 70 53.47 31.91 -22.42
N LYS A 71 53.58 31.20 -23.55
CA LYS A 71 54.44 30.03 -23.60
C LYS A 71 55.89 30.40 -23.38
N SER A 72 56.34 31.52 -23.96
CA SER A 72 57.72 31.96 -23.77
C SER A 72 57.99 32.34 -22.33
N LYS A 73 57.02 32.99 -21.67
CA LYS A 73 57.20 33.36 -20.27
C LYS A 73 57.33 32.13 -19.38
N GLU A 74 56.54 31.10 -19.65
CA GLU A 74 56.59 29.86 -18.87
C GLU A 74 57.94 29.17 -19.02
N PRO A 87 42.22 31.84 -11.78
CA PRO A 87 41.41 32.67 -12.68
C PRO A 87 40.13 31.98 -13.12
N LYS A 88 38.99 32.62 -12.84
CA LYS A 88 37.69 32.10 -13.20
C LYS A 88 36.90 33.13 -14.00
N PRO A 89 36.02 32.69 -14.90
CA PRO A 89 35.31 33.65 -15.76
C PRO A 89 34.04 34.20 -15.12
N SER A 90 33.41 35.16 -15.79
CA SER A 90 32.16 35.74 -15.31
C SER A 90 31.01 34.76 -15.49
N SER A 91 30.37 34.37 -14.39
CA SER A 91 29.20 33.50 -14.48
C SER A 91 28.06 34.15 -15.23
N ASP A 92 28.01 35.49 -15.27
CA ASP A 92 27.03 36.20 -16.07
C ASP A 92 27.29 35.94 -17.55
N LEU A 93 28.57 35.89 -17.93
CA LEU A 93 28.93 35.66 -19.32
C LEU A 93 29.09 34.16 -19.62
N GLU A 94 28.79 33.32 -18.63
CA GLU A 94 28.93 31.87 -18.79
C GLU A 94 27.96 31.35 -19.85
N ALA A 95 28.34 30.27 -20.53
CA ALA A 95 27.60 29.73 -21.68
C ALA A 95 26.14 29.47 -21.35
N GLY A 96 25.25 29.71 -22.32
CA GLY A 96 23.83 29.51 -22.15
C GLY A 96 23.20 30.46 -21.16
N LYS A 97 23.56 31.74 -21.22
CA LYS A 97 23.00 32.75 -20.33
C LYS A 97 22.58 33.96 -21.14
N GLN A 98 21.83 34.85 -20.50
CA GLN A 98 21.43 36.10 -21.11
C GLN A 98 22.56 37.11 -21.03
N LEU A 99 22.72 37.90 -22.10
CA LEU A 99 23.73 38.94 -22.10
C LEU A 99 23.32 40.05 -21.13
N PRO A 100 24.25 40.56 -20.30
CA PRO A 100 23.87 41.62 -19.34
C PRO A 100 23.30 42.86 -20.00
N PHE A 101 22.33 43.48 -19.32
CA PHE A 101 21.70 44.70 -19.86
C PHE A 101 22.68 45.87 -19.95
N ILE A 102 23.81 45.79 -19.24
CA ILE A 102 24.80 46.86 -19.31
C ILE A 102 25.37 47.00 -20.71
N TYR A 103 25.30 45.93 -21.51
CA TYR A 103 25.74 45.98 -22.90
C TYR A 103 24.68 46.53 -23.85
N GLY A 104 23.45 46.72 -23.38
CA GLY A 104 22.40 47.30 -24.18
C GLY A 104 22.03 46.44 -25.36
N ASP A 105 21.52 47.09 -26.41
CA ASP A 105 21.16 46.39 -27.63
C ASP A 105 22.40 46.06 -28.46
N ILE A 106 22.22 45.17 -29.42
CA ILE A 106 23.31 44.70 -30.27
C ILE A 106 23.25 45.42 -31.60
N PRO A 107 24.39 45.79 -32.20
CA PRO A 107 24.37 46.35 -33.55
C PRO A 107 23.76 45.38 -34.55
N PRO A 108 23.03 45.89 -35.54
CA PRO A 108 22.35 44.99 -36.49
C PRO A 108 23.29 44.05 -37.22
N GLY A 109 24.50 44.52 -37.51
CA GLY A 109 25.49 43.69 -38.20
C GLY A 109 26.24 42.76 -37.26
N MET A 110 26.04 42.93 -35.96
CA MET A 110 26.74 42.14 -34.96
C MET A 110 26.06 40.82 -34.63
N VAL A 111 24.73 40.74 -34.76
CA VAL A 111 24.01 39.55 -34.35
C VAL A 111 24.30 38.40 -35.31
N SER A 112 24.37 37.19 -34.74
CA SER A 112 24.56 35.95 -35.49
C SER A 112 25.83 36.02 -36.35
N GLU A 113 26.88 36.60 -35.76
CA GLU A 113 28.16 36.70 -36.44
C GLU A 113 29.26 36.32 -35.46
N PRO A 114 30.34 35.69 -35.91
CA PRO A 114 31.46 35.42 -35.01
C PRO A 114 32.10 36.71 -34.49
N LEU A 115 32.03 36.92 -33.18
CA LEU A 115 32.62 38.11 -32.56
C LEU A 115 33.49 37.71 -31.38
N GLU A 116 34.34 38.65 -30.97
CA GLU A 116 35.42 38.38 -30.03
C GLU A 116 34.90 37.93 -28.68
N ASP A 117 35.83 37.44 -27.86
CA ASP A 117 35.49 36.99 -26.52
C ASP A 117 35.35 38.18 -25.57
N LEU A 118 34.18 38.32 -24.96
CA LEU A 118 33.94 39.42 -24.04
C LEU A 118 34.64 39.18 -22.71
N ASP A 119 34.63 37.93 -22.24
CA ASP A 119 35.23 37.58 -20.95
C ASP A 119 36.74 37.69 -21.02
N PRO A 120 37.36 38.47 -20.12
CA PRO A 120 38.83 38.56 -20.14
C PRO A 120 39.53 37.25 -19.88
N TYR A 121 38.86 36.30 -19.20
CA TYR A 121 39.49 35.03 -18.89
C TYR A 121 39.84 34.26 -20.15
N TYR A 122 38.92 34.22 -21.12
CA TYR A 122 39.16 33.56 -22.39
C TYR A 122 39.68 34.51 -23.46
N ALA A 123 39.92 35.78 -23.14
CA ALA A 123 40.47 36.71 -24.12
C ALA A 123 41.86 36.29 -24.57
N ASP A 124 42.62 35.64 -23.68
CA ASP A 124 43.96 35.17 -24.02
C ASP A 124 43.91 33.89 -24.87
N LYS A 125 42.97 32.99 -24.57
CA LYS A 125 42.82 31.78 -25.37
C LYS A 125 42.03 32.06 -26.64
N LYS A 126 42.00 31.06 -27.53
CA LYS A 126 41.40 31.20 -28.84
C LYS A 126 39.94 30.72 -28.79
N THR A 127 39.02 31.67 -28.61
CA THR A 127 37.59 31.40 -28.60
C THR A 127 36.89 32.55 -29.30
N PHE A 128 35.61 32.35 -29.60
CA PHE A 128 34.78 33.44 -30.12
C PHE A 128 33.34 33.23 -29.68
N ILE A 129 32.59 34.33 -29.56
CA ILE A 129 31.23 34.33 -29.06
C ILE A 129 30.30 34.70 -30.21
N VAL A 130 29.11 34.11 -30.21
CA VAL A 130 28.07 34.43 -31.18
C VAL A 130 26.80 34.83 -30.44
N LEU A 131 26.08 35.80 -30.98
CA LEU A 131 24.87 36.35 -30.38
C LEU A 131 23.68 36.17 -31.32
N ASN A 132 22.58 35.68 -30.75
CA ASN A 132 21.32 35.52 -31.51
C ASN A 132 20.47 36.76 -31.20
N LYS A 133 19.21 36.78 -31.60
CA LYS A 133 18.32 37.93 -31.43
C LYS A 133 17.66 37.94 -30.06
N GLY A 134 18.05 37.01 -29.18
CA GLY A 134 17.55 36.98 -27.82
C GLY A 134 18.64 37.24 -26.80
N LYS A 135 19.80 37.71 -27.27
CA LYS A 135 20.94 38.05 -26.41
C LYS A 135 21.40 36.85 -25.60
N THR A 136 21.62 35.72 -26.28
CA THR A 136 22.16 34.52 -25.67
C THR A 136 23.55 34.27 -26.21
N ILE A 137 24.56 34.33 -25.34
CA ILE A 137 25.94 34.13 -25.76
C ILE A 137 26.22 32.63 -25.86
N PHE A 138 27.02 32.25 -26.85
CA PHE A 138 27.50 30.89 -27.03
C PHE A 138 29.00 30.92 -27.21
N ARG A 139 29.70 30.06 -26.46
CA ARG A 139 31.16 30.01 -26.47
C ARG A 139 31.63 28.81 -27.28
N PHE A 140 32.29 29.06 -28.40
CA PHE A 140 32.85 28.04 -29.27
C PHE A 140 34.38 28.16 -29.29
N ASN A 141 35.01 27.39 -30.16
CA ASN A 141 36.47 27.28 -30.20
C ASN A 141 36.96 27.87 -31.51
N ALA A 142 38.06 28.62 -31.44
CA ALA A 142 38.59 29.29 -32.63
C ALA A 142 39.43 28.36 -33.51
N THR A 143 39.89 27.24 -32.95
CA THR A 143 40.65 26.29 -33.76
C THR A 143 39.76 25.73 -34.87
N PRO A 144 40.28 25.58 -36.08
CA PRO A 144 39.42 25.09 -37.18
C PRO A 144 38.80 23.74 -36.86
N ALA A 145 37.55 23.59 -37.29
CA ALA A 145 36.80 22.36 -37.03
C ALA A 145 37.39 21.22 -37.86
N LEU A 146 38.03 20.28 -37.18
CA LEU A 146 38.73 19.18 -37.81
C LEU A 146 39.78 19.70 -38.79
N TYR A 147 40.35 20.87 -38.49
CA TYR A 147 41.50 21.42 -39.23
C TYR A 147 41.17 21.76 -40.68
N MET A 148 39.89 21.74 -41.04
CA MET A 148 39.45 22.12 -42.39
C MET A 148 38.65 23.42 -42.41
N LEU A 149 37.64 23.55 -41.56
CA LEU A 149 36.77 24.71 -41.62
C LEU A 149 37.24 25.78 -40.64
N SER A 150 37.44 26.99 -41.15
CA SER A 150 37.91 28.15 -40.42
C SER A 150 36.74 28.99 -39.95
N PRO A 151 36.91 29.80 -38.89
CA PRO A 151 35.81 30.67 -38.45
C PRO A 151 35.28 31.60 -39.53
N PHE A 152 36.16 32.10 -40.40
CA PHE A 152 35.76 33.06 -41.42
C PHE A 152 35.18 32.37 -42.66
N SER A 153 35.26 31.04 -42.72
CA SER A 153 34.74 30.32 -43.87
C SER A 153 33.21 30.47 -43.94
N PRO A 154 32.65 30.69 -45.13
CA PRO A 154 31.19 30.80 -45.23
C PRO A 154 30.45 29.55 -44.80
N LEU A 155 31.03 28.36 -44.98
CA LEU A 155 30.37 27.14 -44.55
C LEU A 155 30.15 27.13 -43.04
N ARG A 156 31.20 27.44 -42.27
CA ARG A 156 31.03 27.53 -40.84
C ARG A 156 30.10 28.68 -40.46
N ARG A 157 30.13 29.77 -41.22
CA ARG A 157 29.21 30.88 -40.95
C ARG A 157 27.76 30.42 -41.05
N ILE A 158 27.43 29.68 -42.10
CA ILE A 158 26.08 29.17 -42.26
C ILE A 158 25.74 28.16 -41.16
N SER A 159 26.72 27.30 -40.81
CA SER A 159 26.48 26.33 -39.75
C SER A 159 26.17 27.02 -38.43
N ILE A 160 26.91 28.08 -38.11
CA ILE A 160 26.66 28.84 -36.88
C ILE A 160 25.31 29.51 -36.95
N LYS A 161 24.95 30.06 -38.13
CA LYS A 161 23.66 30.71 -38.30
C LYS A 161 22.52 29.75 -38.03
N ILE A 162 22.62 28.52 -38.54
CA ILE A 162 21.59 27.52 -38.30
C ILE A 162 21.59 27.09 -36.84
N LEU A 163 22.78 26.90 -36.26
CA LEU A 163 22.86 26.41 -34.88
C LEU A 163 22.20 27.37 -33.90
N VAL A 164 22.44 28.68 -34.07
CA VAL A 164 21.92 29.66 -33.13
C VAL A 164 20.69 30.34 -33.73
N HIS A 165 19.52 29.79 -33.45
CA HIS A 165 18.26 30.34 -33.96
C HIS A 165 17.10 29.68 -33.22
N SER A 166 15.93 30.28 -33.37
CA SER A 166 14.72 29.74 -32.76
C SER A 166 14.04 28.69 -33.62
N LEU A 167 14.07 28.85 -34.95
CA LEU A 167 13.49 27.87 -35.86
C LEU A 167 14.24 26.54 -35.83
N PHE A 168 15.47 26.53 -35.33
CA PHE A 168 16.21 25.27 -35.18
C PHE A 168 15.71 24.49 -33.97
N SER A 169 15.66 25.16 -32.82
CA SER A 169 15.18 24.51 -31.60
C SER A 169 13.72 24.11 -31.73
N MET A 170 12.88 24.96 -32.33
CA MET A 170 11.48 24.61 -32.52
C MET A 170 11.33 23.40 -33.44
N LEU A 171 12.12 23.34 -34.51
CA LEU A 171 12.05 22.21 -35.43
C LEU A 171 12.46 20.92 -34.73
N ILE A 172 13.54 20.98 -33.94
CA ILE A 172 13.98 19.77 -33.23
C ILE A 172 12.96 19.36 -32.18
N MET A 173 12.35 20.32 -31.49
CA MET A 173 11.32 19.99 -30.52
C MET A 173 10.13 19.30 -31.18
N CYS A 174 9.68 19.84 -32.32
CA CYS A 174 8.56 19.23 -33.02
C CYS A 174 8.92 17.83 -33.51
N THR A 175 10.14 17.66 -34.02
CA THR A 175 10.58 16.35 -34.48
C THR A 175 10.59 15.34 -33.34
N ILE A 176 11.11 15.74 -32.18
CA ILE A 176 11.21 14.82 -31.05
C ILE A 176 9.81 14.47 -30.54
N LEU A 177 8.91 15.46 -30.49
CA LEU A 177 7.55 15.17 -30.05
C LEU A 177 6.82 14.23 -31.00
N THR A 178 6.96 14.44 -32.31
CA THR A 178 6.34 13.54 -33.28
C THR A 178 6.92 12.14 -33.17
N ASN A 179 8.25 12.04 -32.99
CA ASN A 179 8.87 10.73 -32.81
C ASN A 179 8.36 10.04 -31.56
N CYS A 180 8.20 10.78 -30.46
CA CYS A 180 7.67 10.21 -29.23
C CYS A 180 6.25 9.72 -29.43
N ILE A 181 5.44 10.47 -30.17
CA ILE A 181 4.09 10.01 -30.50
C ILE A 181 4.15 8.71 -31.30
N PHE A 182 5.13 8.61 -32.20
CA PHE A 182 5.23 7.41 -33.02
C PHE A 182 5.77 6.21 -32.24
N MET A 183 6.48 6.45 -31.13
CA MET A 183 6.96 5.32 -30.33
C MET A 183 5.83 4.61 -29.59
N THR A 184 4.67 5.26 -29.45
CA THR A 184 3.59 4.67 -28.69
C THR A 184 2.88 3.54 -29.44
N MET A 185 3.17 3.36 -30.72
CA MET A 185 2.50 2.34 -31.51
C MET A 185 3.22 0.99 -31.36
N ASN A 186 2.44 -0.04 -31.02
CA ASN A 186 2.99 -1.36 -30.76
C ASN A 186 3.11 -2.22 -32.00
N ASN A 187 2.22 -2.04 -32.97
CA ASN A 187 2.25 -2.78 -34.23
C ASN A 187 2.20 -1.76 -35.36
N PRO A 188 3.32 -1.12 -35.67
CA PRO A 188 3.31 -0.06 -36.68
C PRO A 188 2.95 -0.60 -38.05
N PRO A 189 2.19 0.15 -38.84
CA PRO A 189 1.93 -0.24 -40.23
C PRO A 189 3.16 -0.07 -41.09
N ASP A 190 3.03 -0.32 -42.40
CA ASP A 190 4.18 -0.28 -43.30
C ASP A 190 4.48 1.12 -43.81
N TRP A 191 3.66 2.12 -43.49
CA TRP A 191 3.95 3.48 -43.92
C TRP A 191 4.70 4.25 -42.84
N THR A 192 5.13 3.54 -41.80
CA THR A 192 5.89 4.13 -40.72
C THR A 192 7.40 4.12 -40.97
N LYS A 193 7.88 3.23 -41.84
CA LYS A 193 9.31 3.13 -42.09
C LYS A 193 9.87 4.38 -42.76
N ASN A 194 9.14 4.96 -43.71
CA ASN A 194 9.59 6.19 -44.35
C ASN A 194 9.63 7.33 -43.35
N VAL A 195 8.63 7.40 -42.46
CA VAL A 195 8.63 8.41 -41.41
C VAL A 195 9.82 8.22 -40.47
N GLU A 196 10.21 6.96 -40.23
CA GLU A 196 11.34 6.63 -39.35
C GLU A 196 12.64 7.03 -40.04
N TYR A 197 12.75 6.88 -41.36
CA TYR A 197 13.90 7.39 -42.10
C TYR A 197 13.95 8.92 -42.07
N THR A 198 12.79 9.57 -42.17
CA THR A 198 12.75 11.03 -42.06
C THR A 198 13.25 11.50 -40.70
N PHE A 199 12.81 10.85 -39.62
CA PHE A 199 13.29 11.21 -38.29
C PHE A 199 14.80 11.02 -38.17
N THR A 200 15.32 9.92 -38.72
CA THR A 200 16.76 9.70 -38.68
C THR A 200 17.51 10.78 -39.44
N GLY A 201 16.99 11.17 -40.62
CA GLY A 201 17.62 12.22 -41.38
C GLY A 201 17.63 13.57 -40.69
N ILE A 202 16.52 13.95 -40.05
CA ILE A 202 16.49 15.21 -39.32
C ILE A 202 17.51 15.24 -38.19
N TYR A 203 17.69 14.14 -37.47
CA TYR A 203 18.70 14.06 -36.42
C TYR A 203 20.12 14.08 -36.97
N THR A 204 20.36 13.39 -38.08
CA THR A 204 21.67 13.47 -38.74
C THR A 204 21.98 14.91 -39.14
N PHE A 205 20.96 15.65 -39.57
CA PHE A 205 21.14 17.05 -39.96
C PHE A 205 21.71 17.87 -38.80
N GLU A 206 21.06 17.78 -37.63
CA GLU A 206 21.50 18.59 -36.50
C GLU A 206 22.86 18.12 -35.98
N SER A 207 23.10 16.80 -35.98
CA SER A 207 24.40 16.31 -35.55
C SER A 207 25.51 16.82 -36.45
N LEU A 208 25.29 16.79 -37.77
CA LEU A 208 26.28 17.29 -38.70
C LEU A 208 26.49 18.79 -38.53
N VAL A 209 25.42 19.54 -38.30
CA VAL A 209 25.55 20.98 -38.10
C VAL A 209 26.39 21.28 -36.87
N LYS A 210 26.11 20.59 -35.76
CA LYS A 210 26.87 20.83 -34.54
C LYS A 210 28.33 20.43 -34.70
N ILE A 211 28.59 19.30 -35.37
CA ILE A 211 29.98 18.88 -35.58
C ILE A 211 30.72 19.89 -36.46
N LEU A 212 30.07 20.37 -37.52
CA LEU A 212 30.71 21.33 -38.41
C LEU A 212 31.00 22.64 -37.69
N ALA A 213 30.06 23.10 -36.85
CA ALA A 213 30.20 24.42 -36.24
C ALA A 213 31.18 24.40 -35.06
N ARG A 214 31.06 23.42 -34.18
CA ARG A 214 31.80 23.43 -32.91
C ARG A 214 33.07 22.59 -32.95
N GLY A 215 33.38 21.94 -34.07
CA GLY A 215 34.44 20.94 -34.08
C GLY A 215 33.94 19.65 -33.47
N PHE A 216 34.74 18.60 -33.64
CA PHE A 216 34.23 17.28 -33.24
C PHE A 216 34.68 16.93 -31.83
N CYS A 217 35.99 16.79 -31.60
CA CYS A 217 36.47 16.37 -30.29
C CYS A 217 37.73 17.12 -29.85
N VAL A 218 38.47 17.66 -30.81
CA VAL A 218 39.83 18.13 -30.54
C VAL A 218 39.83 19.27 -29.53
N GLY A 219 38.90 20.21 -29.70
CA GLY A 219 38.92 21.43 -28.90
C GLY A 219 38.34 21.33 -27.51
N GLU A 220 38.05 22.50 -26.93
CA GLU A 220 37.52 22.58 -25.56
C GLU A 220 36.02 22.81 -25.59
N PHE A 221 35.55 23.80 -26.36
CA PHE A 221 34.11 24.02 -26.54
C PHE A 221 33.69 23.35 -27.87
N THR A 222 33.66 22.02 -27.83
CA THR A 222 33.47 21.20 -29.01
C THR A 222 32.23 20.34 -28.87
N PHE A 223 31.90 19.64 -29.96
CA PHE A 223 30.69 18.81 -30.00
C PHE A 223 30.72 17.72 -28.93
N LEU A 224 31.87 17.05 -28.77
CA LEU A 224 31.94 15.88 -27.93
C LEU A 224 32.10 16.20 -26.44
N ARG A 225 32.46 17.44 -26.09
CA ARG A 225 32.63 17.79 -24.69
C ARG A 225 31.29 17.87 -23.96
N ASP A 226 30.23 18.24 -24.67
CA ASP A 226 28.92 18.37 -24.04
C ASP A 226 28.41 17.00 -23.62
N PRO A 227 28.17 16.75 -22.33
CA PRO A 227 27.69 15.42 -21.91
C PRO A 227 26.36 15.04 -22.53
N TRP A 228 25.48 15.99 -22.82
CA TRP A 228 24.20 15.69 -23.44
C TRP A 228 24.33 15.39 -24.93
N ASN A 229 25.44 15.81 -25.56
CA ASN A 229 25.68 15.49 -26.95
C ASN A 229 26.07 14.03 -27.15
N TRP A 230 26.59 13.37 -26.10
N TRP A 230 26.59 13.38 -26.10
CA TRP A 230 26.87 11.95 -26.19
CA TRP A 230 26.87 11.95 -26.17
C TRP A 230 25.60 11.16 -26.44
C TRP A 230 25.60 11.17 -26.43
N LEU A 231 24.48 11.60 -25.87
CA LEU A 231 23.21 10.94 -26.12
C LEU A 231 22.83 11.01 -27.60
N ASP A 232 23.01 12.18 -28.22
CA ASP A 232 22.72 12.31 -29.64
C ASP A 232 23.64 11.44 -30.48
N PHE A 233 24.93 11.41 -30.15
CA PHE A 233 25.86 10.54 -30.87
C PHE A 233 25.46 9.07 -30.74
N VAL A 234 25.12 8.64 -29.53
CA VAL A 234 24.74 7.25 -29.30
C VAL A 234 23.48 6.91 -30.07
N VAL A 235 22.50 7.84 -30.08
CA VAL A 235 21.27 7.60 -30.83
C VAL A 235 21.57 7.43 -32.31
N ILE A 236 22.37 8.33 -32.88
CA ILE A 236 22.60 8.28 -34.32
C ILE A 236 23.38 7.03 -34.71
N VAL A 237 24.39 6.67 -33.89
CA VAL A 237 25.19 5.49 -34.24
C VAL A 237 24.37 4.22 -34.06
N PHE A 238 23.53 4.15 -33.01
CA PHE A 238 22.66 2.99 -32.84
C PHE A 238 21.72 2.86 -34.02
N ALA A 239 21.08 3.96 -34.43
CA ALA A 239 20.16 3.93 -35.55
C ALA A 239 20.84 3.38 -36.79
N TYR A 240 21.94 4.03 -37.21
CA TYR A 240 22.57 3.64 -38.47
C TYR A 240 23.14 2.22 -38.39
N LEU A 241 23.81 1.89 -37.28
CA LEU A 241 24.46 0.59 -37.16
C LEU A 241 23.44 -0.54 -37.13
N THR A 242 22.37 -0.38 -36.35
CA THR A 242 21.36 -1.44 -36.27
C THR A 242 20.57 -1.54 -37.57
N GLU A 243 20.44 -0.43 -38.30
CA GLU A 243 19.83 -0.51 -39.62
C GLU A 243 20.69 -1.32 -40.58
N PHE A 244 22.01 -1.07 -40.56
CA PHE A 244 22.90 -1.75 -41.48
C PHE A 244 23.06 -3.23 -41.13
N VAL A 245 23.14 -3.55 -39.83
CA VAL A 245 23.39 -4.93 -39.42
C VAL A 245 22.24 -5.84 -39.84
N ASN A 246 21.01 -5.40 -39.62
CA ASN A 246 19.84 -6.20 -39.97
C ASN A 246 19.65 -6.26 -41.49
N ASN A 249 17.81 -8.19 -31.46
CA ASN A 249 16.39 -8.22 -31.13
C ASN A 249 15.71 -6.94 -31.57
N VAL A 250 14.53 -7.07 -32.20
CA VAL A 250 13.75 -5.89 -32.58
C VAL A 250 13.35 -5.10 -31.35
N SER A 251 12.99 -5.82 -30.28
CA SER A 251 12.61 -5.20 -28.99
C SER A 251 13.82 -4.45 -28.45
N ALA A 252 15.04 -4.98 -28.60
CA ALA A 252 16.25 -4.30 -28.18
C ALA A 252 16.48 -3.03 -28.99
N LEU A 253 16.30 -3.12 -30.31
CA LEU A 253 16.49 -1.96 -31.22
C LEU A 253 15.50 -0.85 -30.86
N ARG A 254 14.33 -1.21 -30.33
CA ARG A 254 13.31 -0.21 -29.92
C ARG A 254 13.69 0.32 -28.52
N THR A 255 14.35 -0.49 -27.69
CA THR A 255 14.84 -0.05 -26.35
C THR A 255 16.03 0.89 -26.57
N PHE A 256 16.61 0.93 -27.77
CA PHE A 256 17.73 1.84 -28.11
C PHE A 256 17.15 3.07 -28.82
N ARG A 257 15.97 2.93 -29.44
CA ARG A 257 15.30 4.05 -30.16
C ARG A 257 14.62 4.96 -29.15
N VAL A 258 14.22 4.42 -27.99
CA VAL A 258 13.49 5.20 -26.99
C VAL A 258 14.37 6.29 -26.38
N LEU A 259 15.70 6.17 -26.50
CA LEU A 259 16.61 7.19 -26.00
C LEU A 259 16.38 8.54 -26.66
N ARG A 260 15.74 8.57 -27.83
CA ARG A 260 15.43 9.84 -28.47
C ARG A 260 14.44 10.65 -27.64
N ALA A 261 13.67 9.99 -26.79
CA ALA A 261 12.76 10.70 -25.89
C ALA A 261 13.52 11.51 -24.85
N LEU A 262 14.76 11.12 -24.56
CA LEU A 262 15.58 11.86 -23.61
C LEU A 262 16.19 13.11 -24.21
N LYS A 263 16.07 13.32 -25.52
CA LYS A 263 16.56 14.55 -26.11
C LYS A 263 15.64 15.73 -25.82
N THR A 264 14.44 15.46 -25.27
CA THR A 264 13.56 16.55 -24.86
C THR A 264 14.21 17.38 -23.75
N ILE A 265 15.03 16.75 -22.92
CA ILE A 265 15.66 17.46 -21.82
C ILE A 265 16.60 18.55 -22.33
N SER A 266 17.28 18.28 -23.45
CA SER A 266 18.30 19.20 -23.94
C SER A 266 17.78 20.23 -24.92
N VAL A 267 16.50 20.18 -25.31
CA VAL A 267 15.92 21.12 -26.27
C VAL A 267 14.85 21.99 -25.63
N ILE A 268 14.11 21.46 -24.66
CA ILE A 268 13.22 22.32 -23.88
C ILE A 268 14.04 23.04 -22.82
N PRO A 269 14.04 24.37 -22.79
CA PRO A 269 14.96 25.08 -21.89
C PRO A 269 14.57 24.93 -20.43
N GLY A 270 15.59 24.90 -19.58
CA GLY A 270 15.38 24.83 -18.15
C GLY A 270 15.12 23.44 -17.60
N LEU A 271 15.31 22.41 -18.42
CA LEU A 271 15.15 21.03 -17.95
C LEU A 271 16.45 20.41 -17.46
N LYS A 272 17.59 20.83 -18.02
CA LYS A 272 18.88 20.36 -17.53
C LYS A 272 19.09 20.76 -16.08
N THR A 273 18.58 21.93 -15.70
CA THR A 273 18.68 22.38 -14.31
C THR A 273 17.89 21.45 -13.38
N ILE A 274 16.68 21.06 -13.80
CA ILE A 274 15.88 20.14 -12.98
C ILE A 274 16.57 18.78 -12.88
N VAL A 275 17.12 18.30 -13.99
CA VAL A 275 17.81 17.01 -13.96
C VAL A 275 19.01 17.07 -13.02
N GLY A 276 19.79 18.17 -13.10
CA GLY A 276 20.91 18.33 -12.20
C GLY A 276 20.52 18.42 -10.74
N ALA A 277 19.43 19.13 -10.45
CA ALA A 277 18.94 19.20 -9.08
C ALA A 277 18.50 17.83 -8.58
N LEU A 278 17.86 17.04 -9.45
CA LEU A 278 17.48 15.68 -9.06
C LEU A 278 18.70 14.82 -8.80
N ILE A 279 19.77 14.97 -9.59
CA ILE A 279 21.01 14.26 -9.31
C ILE A 279 21.59 14.70 -7.98
N GLN A 280 21.58 16.00 -7.69
CA GLN A 280 22.11 16.49 -6.41
C GLN A 280 21.33 15.95 -5.23
N SER A 281 20.00 15.85 -5.36
CA SER A 281 19.19 15.33 -4.27
C SER A 281 19.54 13.88 -3.94
N VAL A 282 19.96 13.11 -4.94
CA VAL A 282 20.33 11.72 -4.70
C VAL A 282 21.63 11.61 -3.90
N LYS A 283 22.60 12.46 -4.18
CA LYS A 283 23.93 12.32 -3.57
C LYS A 283 23.87 12.52 -2.06
N LYS A 284 22.88 13.26 -1.57
CA LYS A 284 22.77 13.49 -0.13
C LYS A 284 22.19 12.27 0.58
N LEU A 285 21.57 11.35 -0.16
CA LEU A 285 20.95 10.14 0.37
C LEU A 285 21.91 8.99 0.53
N SER A 286 23.24 9.21 0.52
CA SER A 286 24.17 8.10 0.51
C SER A 286 24.10 7.26 1.79
N ASP A 287 24.21 7.91 2.95
CA ASP A 287 24.25 7.18 4.21
C ASP A 287 22.91 6.55 4.56
N VAL A 288 21.80 7.22 4.25
CA VAL A 288 20.49 6.66 4.56
C VAL A 288 20.22 5.41 3.71
N MET A 289 20.69 5.41 2.46
CA MET A 289 20.59 4.19 1.65
C MET A 289 21.41 3.05 2.24
N ILE A 290 22.61 3.35 2.74
CA ILE A 290 23.43 2.31 3.37
C ILE A 290 22.74 1.75 4.59
N LEU A 291 22.15 2.63 5.42
CA LEU A 291 21.43 2.17 6.59
C LEU A 291 20.20 1.35 6.20
N THR A 292 19.52 1.74 5.13
CA THR A 292 18.36 0.99 4.67
C THR A 292 18.77 -0.41 4.22
N VAL A 293 19.86 -0.51 3.47
CA VAL A 293 20.35 -1.82 3.05
C VAL A 293 20.74 -2.67 4.26
N PHE A 294 21.42 -2.07 5.23
CA PHE A 294 21.84 -2.81 6.41
C PHE A 294 20.64 -3.32 7.20
N CYS A 295 19.66 -2.46 7.45
CA CYS A 295 18.48 -2.87 8.21
C CYS A 295 17.66 -3.90 7.46
N LEU A 296 17.50 -3.73 6.14
CA LEU A 296 16.77 -4.72 5.35
C LEU A 296 17.48 -6.06 5.38
N SER A 297 18.81 -6.06 5.33
CA SER A 297 19.55 -7.32 5.36
C SER A 297 19.45 -7.99 6.71
N VAL A 298 19.52 -7.22 7.80
CA VAL A 298 19.40 -7.81 9.13
C VAL A 298 18.01 -8.40 9.33
N PHE A 299 16.96 -7.66 8.95
CA PHE A 299 15.61 -8.19 9.06
C PHE A 299 15.40 -9.38 8.13
N ALA A 300 16.04 -9.38 6.96
CA ALA A 300 15.94 -10.52 6.06
C ALA A 300 16.61 -11.75 6.64
N LEU A 301 17.74 -11.58 7.33
CA LEU A 301 18.36 -12.71 8.02
C LEU A 301 17.49 -13.24 9.14
N ILE A 302 16.87 -12.34 9.91
CA ILE A 302 15.97 -12.77 10.97
C ILE A 302 14.78 -13.54 10.39
N GLY A 303 14.20 -13.01 9.31
CA GLY A 303 13.07 -13.68 8.68
C GLY A 303 13.46 -15.00 8.04
N LEU A 304 14.67 -15.08 7.49
CA LEU A 304 15.18 -16.33 6.95
C LEU A 304 15.32 -17.38 8.05
N GLN A 305 15.83 -16.95 9.21
CA GLN A 305 15.96 -17.88 10.34
C GLN A 305 14.60 -18.34 10.83
N LEU A 306 13.65 -17.42 10.94
CA LEU A 306 12.36 -17.76 11.53
C LEU A 306 11.48 -18.57 10.57
N PHE A 307 11.43 -18.19 9.30
CA PHE A 307 10.43 -18.68 8.37
C PHE A 307 11.01 -19.48 7.20
N MET A 308 12.14 -20.15 7.38
CA MET A 308 12.71 -20.91 6.28
C MET A 308 11.86 -22.15 5.98
N GLY A 309 11.20 -22.16 4.83
CA GLY A 309 10.43 -23.30 4.40
C GLY A 309 9.00 -23.36 4.89
N ASN A 310 8.53 -22.34 5.62
CA ASN A 310 7.19 -22.40 6.19
C ASN A 310 6.11 -22.20 5.13
N LEU A 311 6.40 -21.40 4.10
CA LEU A 311 5.39 -21.17 3.08
C LEU A 311 5.27 -22.34 2.12
N LYS A 312 5.85 -23.48 2.36
CA LYS A 312 5.70 -24.68 1.53
C LYS A 312 4.88 -25.71 2.26
N HIS A 313 4.25 -25.38 3.41
CA HIS A 313 3.33 -26.30 4.06
C HIS A 313 2.03 -26.40 3.27
N LYS A 314 1.53 -27.64 3.12
CA LYS A 314 0.29 -27.90 2.40
C LYS A 314 -0.48 -28.99 3.12
N CYS A 315 -1.79 -29.06 2.85
CA CYS A 315 -2.67 -30.05 3.44
C CYS A 315 -2.75 -31.24 2.50
N PHE A 316 -2.01 -32.30 2.80
CA PHE A 316 -1.95 -33.49 1.96
C PHE A 316 -2.90 -34.55 2.51
N ARG A 317 -3.66 -35.19 1.61
CA ARG A 317 -4.65 -36.17 2.04
C ARG A 317 -3.97 -37.39 2.64
N ASN A 318 -4.68 -38.04 3.57
CA ASN A 318 -4.13 -39.18 4.30
C ASN A 318 -4.23 -40.48 3.54
N SER A 319 -5.41 -40.81 3.01
CA SER A 319 -5.65 -42.13 2.41
C SER A 319 -5.30 -42.07 0.92
N LEU A 320 -4.28 -42.83 0.53
CA LEU A 320 -3.84 -42.94 -0.85
C LEU A 320 -4.01 -44.39 -1.30
N GLU A 321 -4.63 -44.58 -2.46
CA GLU A 321 -4.85 -45.93 -2.97
C GLU A 321 -3.69 -46.37 -3.85
N ASN A 322 -3.77 -47.62 -4.31
CA ASN A 322 -2.80 -48.20 -5.25
C ASN A 322 -1.38 -48.18 -4.69
N ASN A 323 -1.28 -48.24 -3.35
CA ASN A 323 0.01 -48.18 -2.66
C ASN A 323 0.83 -47.00 -3.14
N GLU A 324 0.29 -45.79 -2.98
CA GLU A 324 0.94 -44.57 -3.44
C GLU A 324 1.56 -43.84 -2.25
N THR A 325 2.51 -42.96 -2.54
CA THR A 325 3.23 -42.23 -1.47
C THR A 325 3.43 -40.79 -1.93
N LEU A 326 3.76 -39.90 -1.03
CA LEU A 326 3.93 -38.48 -1.32
C LEU A 326 5.06 -38.24 -2.32
N GLU A 327 6.20 -38.91 -2.11
CA GLU A 327 7.35 -38.73 -3.00
C GLU A 327 7.03 -39.21 -4.41
N SER A 328 6.34 -40.35 -4.54
CA SER A 328 5.96 -40.84 -5.86
C SER A 328 4.99 -39.89 -6.54
N ILE A 329 4.01 -39.36 -5.78
CA ILE A 329 3.02 -38.46 -6.35
C ILE A 329 3.65 -37.13 -6.77
N MET A 330 4.58 -36.60 -5.99
CA MET A 330 5.14 -35.28 -6.23
C MET A 330 5.95 -35.18 -7.52
N ASN A 331 6.33 -36.32 -8.11
CA ASN A 331 7.08 -36.32 -9.36
C ASN A 331 6.19 -36.40 -10.59
N THR A 332 4.95 -36.84 -10.44
CA THR A 332 4.02 -37.00 -11.56
C THR A 332 2.85 -36.03 -11.49
N LEU A 333 3.09 -34.79 -11.05
CA LEU A 333 2.04 -33.78 -10.98
C LEU A 333 2.49 -32.55 -11.73
N GLU A 334 1.71 -32.14 -12.74
CA GLU A 334 2.02 -30.93 -13.49
C GLU A 334 0.91 -29.89 -13.38
N SER A 335 -0.34 -30.31 -13.61
CA SER A 335 -1.44 -29.38 -13.66
C SER A 335 -2.08 -29.21 -12.29
N GLU A 336 -2.64 -28.02 -12.06
CA GLU A 336 -3.37 -27.73 -10.84
C GLU A 336 -4.65 -28.55 -10.73
N GLU A 337 -5.21 -29.02 -11.85
CA GLU A 337 -6.37 -29.90 -11.80
C GLU A 337 -6.03 -31.23 -11.13
N ASP A 338 -4.77 -31.68 -11.26
CA ASP A 338 -4.32 -32.88 -10.58
C ASP A 338 -3.69 -32.60 -9.23
N PHE A 339 -3.15 -31.40 -9.04
CA PHE A 339 -2.69 -31.00 -7.71
C PHE A 339 -3.86 -30.87 -6.74
N ARG A 340 -5.02 -30.44 -7.23
CA ARG A 340 -6.22 -30.26 -6.42
C ARG A 340 -6.76 -31.58 -5.90
N LYS A 341 -6.48 -32.70 -6.56
CA LYS A 341 -6.95 -34.01 -6.12
C LYS A 341 -6.17 -34.56 -4.93
N TYR A 342 -4.99 -34.04 -4.65
CA TYR A 342 -4.16 -34.53 -3.55
C TYR A 342 -3.93 -33.50 -2.45
N PHE A 343 -3.85 -32.22 -2.78
CA PHE A 343 -3.76 -31.15 -1.80
C PHE A 343 -5.06 -30.38 -1.75
N TYR A 344 -5.26 -29.64 -0.67
CA TYR A 344 -6.53 -28.95 -0.42
C TYR A 344 -6.43 -27.52 -0.93
N TYR A 345 -7.31 -27.16 -1.86
CA TYR A 345 -7.40 -25.82 -2.42
C TYR A 345 -8.75 -25.22 -2.04
N LEU A 346 -8.72 -23.97 -1.59
CA LEU A 346 -9.97 -23.21 -1.49
C LEU A 346 -10.49 -22.91 -2.89
N GLU A 347 -11.81 -22.82 -3.00
CA GLU A 347 -12.43 -22.64 -4.31
C GLU A 347 -12.02 -21.31 -4.90
N GLY A 348 -11.53 -21.35 -6.15
CA GLY A 348 -11.08 -20.15 -6.83
C GLY A 348 -9.66 -19.73 -6.50
N SER A 349 -8.88 -20.57 -5.84
CA SER A 349 -7.53 -20.23 -5.41
C SER A 349 -6.52 -20.91 -6.32
N LYS A 350 -5.51 -20.15 -6.75
CA LYS A 350 -4.44 -20.70 -7.57
C LYS A 350 -3.44 -21.50 -6.77
N ASP A 351 -3.23 -21.17 -5.50
CA ASP A 351 -2.26 -21.82 -4.63
C ASP A 351 -2.96 -22.76 -3.67
N ALA A 352 -2.22 -23.76 -3.19
CA ALA A 352 -2.73 -24.67 -2.18
C ALA A 352 -2.85 -23.94 -0.83
N LEU A 353 -3.75 -24.44 0.01
CA LEU A 353 -3.98 -23.81 1.31
C LEU A 353 -2.78 -24.06 2.24
N LEU A 354 -2.36 -23.01 2.92
CA LEU A 354 -1.23 -23.10 3.84
C LEU A 354 -1.69 -23.61 5.20
N CYS A 355 -0.79 -24.33 5.88
CA CYS A 355 -1.10 -24.94 7.16
C CYS A 355 0.12 -24.78 8.08
N GLY A 356 -0.07 -25.18 9.35
CA GLY A 356 1.00 -25.15 10.32
C GLY A 356 0.85 -26.30 11.30
N PHE A 357 1.92 -26.51 12.07
CA PHE A 357 1.94 -27.59 13.06
C PHE A 357 1.64 -27.13 14.47
N SER A 358 1.58 -25.82 14.73
CA SER A 358 1.25 -25.32 16.05
C SER A 358 -0.25 -25.08 16.16
N THR A 359 -0.71 -24.81 17.39
CA THR A 359 -2.13 -24.61 17.63
C THR A 359 -2.61 -23.23 17.24
N ASP A 360 -1.69 -22.29 17.01
CA ASP A 360 -2.04 -20.93 16.61
C ASP A 360 -1.87 -20.70 15.11
N SER A 361 -1.61 -21.76 14.34
CA SER A 361 -1.47 -21.66 12.90
C SER A 361 -2.73 -22.15 12.21
N GLY A 362 -2.68 -22.21 10.87
CA GLY A 362 -3.82 -22.67 10.12
C GLY A 362 -4.06 -24.16 10.31
N GLN A 363 -5.32 -24.55 10.17
CA GLN A 363 -5.75 -25.92 10.39
C GLN A 363 -6.26 -26.53 9.09
N CYS A 364 -5.80 -27.75 8.81
CA CYS A 364 -6.21 -28.55 7.68
C CYS A 364 -7.60 -29.13 7.90
N PRO A 365 -8.32 -29.46 6.84
CA PRO A 365 -9.60 -30.16 7.03
C PRO A 365 -9.38 -31.60 7.47
N GLU A 366 -10.43 -32.21 8.01
CA GLU A 366 -10.35 -33.60 8.40
C GLU A 366 -10.07 -34.47 7.18
N GLY A 367 -9.11 -35.38 7.32
CA GLY A 367 -8.65 -36.19 6.22
C GLY A 367 -7.38 -35.67 5.55
N TYR A 368 -6.90 -34.50 5.94
CA TYR A 368 -5.68 -33.93 5.41
C TYR A 368 -4.71 -33.64 6.55
N THR A 369 -3.43 -33.87 6.30
CA THR A 369 -2.38 -33.59 7.27
C THR A 369 -1.40 -32.61 6.69
N CYS A 370 -0.86 -31.75 7.55
CA CYS A 370 0.05 -30.71 7.12
C CYS A 370 1.44 -31.29 6.82
N VAL A 371 1.97 -30.96 5.66
CA VAL A 371 3.28 -31.44 5.22
C VAL A 371 3.97 -30.32 4.47
N LYS A 372 5.30 -30.30 4.55
CA LYS A 372 6.12 -29.32 3.84
C LYS A 372 6.59 -29.96 2.54
N ILE A 373 6.00 -29.54 1.42
CA ILE A 373 6.31 -30.09 0.11
C ILE A 373 5.78 -29.15 -0.95
N GLY A 374 6.33 -29.23 -2.15
CA GLY A 374 5.84 -28.43 -3.26
C GLY A 374 6.40 -27.04 -3.34
N ARG A 375 5.84 -26.22 -4.23
CA ARG A 375 6.38 -24.89 -4.46
C ARG A 375 5.79 -23.87 -3.50
N ASN A 376 6.36 -22.67 -3.52
CA ASN A 376 5.92 -21.56 -2.70
C ASN A 376 4.72 -20.85 -3.35
N PRO A 377 3.97 -20.05 -2.59
CA PRO A 377 2.85 -19.33 -3.18
C PRO A 377 3.30 -18.24 -4.15
N ASP A 378 2.35 -17.79 -4.97
CA ASP A 378 2.57 -16.70 -5.93
C ASP A 378 3.63 -17.06 -6.96
N TYR A 379 3.39 -18.16 -7.66
CA TYR A 379 4.31 -18.72 -8.65
C TYR A 379 5.65 -19.11 -8.04
N GLY A 380 5.73 -19.18 -6.71
CA GLY A 380 6.98 -19.47 -6.03
C GLY A 380 7.82 -18.27 -5.68
N TYR A 381 7.30 -17.06 -5.87
CA TYR A 381 8.08 -15.85 -5.63
C TYR A 381 7.95 -15.31 -4.22
N THR A 382 6.99 -15.80 -3.43
CA THR A 382 6.83 -15.38 -2.05
C THR A 382 7.39 -16.47 -1.16
N SER A 383 8.50 -16.18 -0.49
CA SER A 383 9.18 -17.17 0.34
C SER A 383 10.20 -16.47 1.22
N PHE A 384 10.66 -17.20 2.23
CA PHE A 384 11.82 -16.83 3.05
C PHE A 384 12.88 -17.92 2.96
N ASP A 385 13.02 -18.53 1.78
CA ASP A 385 13.88 -19.71 1.63
C ASP A 385 15.34 -19.35 1.44
N THR A 386 15.63 -18.30 0.67
CA THR A 386 16.99 -17.84 0.47
C THR A 386 17.07 -16.37 0.87
N PHE A 387 18.30 -15.87 0.99
CA PHE A 387 18.48 -14.48 1.40
C PHE A 387 17.93 -13.52 0.35
N SER A 388 17.99 -13.93 -0.91
CA SER A 388 17.52 -13.11 -2.06
C SER A 388 16.01 -12.88 -1.95
N TRP A 389 15.23 -13.96 -1.82
CA TRP A 389 13.78 -13.86 -1.68
C TRP A 389 13.38 -13.24 -0.35
N ALA A 390 14.13 -13.51 0.71
CA ALA A 390 13.86 -12.89 2.01
C ALA A 390 14.07 -11.38 1.93
N PHE A 391 15.13 -10.94 1.24
CA PHE A 391 15.36 -9.51 1.04
C PHE A 391 14.26 -8.88 0.21
N LEU A 392 13.79 -9.59 -0.81
CA LEU A 392 12.66 -9.09 -1.61
C LEU A 392 11.41 -8.93 -0.75
N ALA A 393 11.14 -9.92 0.10
CA ALA A 393 9.98 -9.85 0.98
C ALA A 393 10.10 -8.70 1.98
N LEU A 394 11.30 -8.48 2.51
CA LEU A 394 11.49 -7.40 3.47
C LEU A 394 11.40 -6.04 2.80
N PHE A 395 11.88 -5.93 1.57
CA PHE A 395 11.69 -4.70 0.80
C PHE A 395 10.20 -4.46 0.53
N ARG A 396 9.47 -5.52 0.22
CA ARG A 396 8.02 -5.42 0.05
C ARG A 396 7.36 -4.92 1.33
N LEU A 397 7.77 -5.46 2.48
CA LEU A 397 7.23 -5.01 3.75
C LEU A 397 7.57 -3.55 4.01
N MET A 398 8.80 -3.14 3.69
CA MET A 398 9.19 -1.74 3.88
C MET A 398 8.35 -0.80 3.03
N THR A 399 8.09 -1.17 1.78
CA THR A 399 7.23 -0.37 0.92
C THR A 399 5.75 -0.64 1.13
N GLN A 400 5.41 -1.64 1.95
CA GLN A 400 3.99 -1.94 2.30
C GLN A 400 3.17 -2.22 1.03
N ASP A 401 3.77 -2.91 0.05
CA ASP A 401 3.05 -3.31 -1.15
C ASP A 401 2.44 -4.68 -0.92
N TYR A 402 1.12 -4.73 -0.79
CA TYR A 402 0.39 -5.99 -0.62
C TYR A 402 0.90 -6.77 0.59
N TRP A 403 1.39 -6.04 1.60
CA TRP A 403 2.06 -6.70 2.73
C TRP A 403 1.08 -7.48 3.59
N GLU A 404 -0.21 -7.16 3.51
CA GLU A 404 -1.19 -7.87 4.33
C GLU A 404 -1.35 -9.32 3.85
N ASN A 405 -1.18 -9.55 2.54
CA ASN A 405 -1.22 -10.91 2.02
C ASN A 405 -0.07 -11.75 2.57
N LEU A 406 1.14 -11.18 2.55
CA LEU A 406 2.29 -11.88 3.10
C LEU A 406 2.14 -12.09 4.60
N TYR A 407 1.61 -11.09 5.30
CA TYR A 407 1.37 -11.19 6.73
C TYR A 407 0.40 -12.32 7.05
N GLN A 408 -0.68 -12.41 6.26
CA GLN A 408 -1.67 -13.46 6.47
C GLN A 408 -1.09 -14.85 6.17
N GLN A 409 -0.34 -14.97 5.06
CA GLN A 409 0.26 -16.26 4.73
C GLN A 409 1.26 -16.70 5.80
N THR A 410 2.08 -15.77 6.28
CA THR A 410 3.07 -16.12 7.30
C THR A 410 2.41 -16.49 8.61
N LEU A 411 1.33 -15.79 9.01
CA LEU A 411 0.63 -16.19 10.22
C LEU A 411 -0.05 -17.54 10.06
N ARG A 412 -0.60 -17.82 8.87
CA ARG A 412 -1.22 -19.11 8.63
C ARG A 412 -0.21 -20.25 8.68
N ALA A 413 0.98 -20.03 8.12
CA ALA A 413 1.97 -21.09 8.01
C ALA A 413 2.85 -21.24 9.24
N ALA A 414 3.04 -20.19 10.03
CA ALA A 414 3.94 -20.23 11.18
C ALA A 414 3.27 -19.96 12.52
N GLY A 415 2.09 -19.36 12.54
CA GLY A 415 1.41 -19.09 13.80
C GLY A 415 1.13 -17.62 14.02
N LYS A 416 0.09 -17.33 14.81
CA LYS A 416 -0.29 -15.95 15.11
C LYS A 416 0.70 -15.26 16.03
N THR A 417 1.51 -16.01 16.78
CA THR A 417 2.47 -15.40 17.70
C THR A 417 3.60 -14.68 16.99
N TYR A 418 3.76 -14.86 15.69
CA TYR A 418 4.80 -14.20 14.92
C TYR A 418 4.36 -12.85 14.37
N MET A 419 3.18 -12.37 14.77
CA MET A 419 2.77 -11.01 14.45
C MET A 419 3.69 -9.97 15.07
N ILE A 420 4.45 -10.35 16.10
CA ILE A 420 5.44 -9.45 16.68
C ILE A 420 6.51 -9.10 15.66
N PHE A 421 6.93 -10.07 14.85
CA PHE A 421 7.92 -9.80 13.81
C PHE A 421 7.40 -8.75 12.83
N PHE A 422 6.15 -8.87 12.41
CA PHE A 422 5.60 -7.91 11.48
C PHE A 422 5.41 -6.54 12.13
N VAL A 423 5.02 -6.50 13.40
CA VAL A 423 4.91 -5.22 14.09
C VAL A 423 6.25 -4.51 14.12
N VAL A 424 7.29 -5.22 14.55
CA VAL A 424 8.62 -4.63 14.66
C VAL A 424 9.13 -4.21 13.28
N VAL A 425 8.97 -5.07 12.28
CA VAL A 425 9.44 -4.77 10.94
C VAL A 425 8.74 -3.56 10.37
N ILE A 426 7.41 -3.50 10.48
CA ILE A 426 6.67 -2.35 9.98
C ILE A 426 7.14 -1.08 10.67
N PHE A 427 7.15 -1.09 12.00
CA PHE A 427 7.40 0.15 12.75
C PHE A 427 8.85 0.61 12.56
N LEU A 428 9.79 -0.32 12.36
CA LEU A 428 11.18 0.07 12.22
C LEU A 428 11.54 0.43 10.79
N GLY A 429 11.18 -0.42 9.83
CA GLY A 429 11.50 -0.11 8.46
C GLY A 429 10.52 0.83 7.80
N SER A 430 9.26 0.40 7.64
CA SER A 430 8.35 1.10 6.74
C SER A 430 8.05 2.49 7.25
N PHE A 431 8.16 2.70 8.55
CA PHE A 431 7.96 4.01 9.14
C PHE A 431 9.27 4.78 9.22
N TYR A 432 10.25 4.24 9.94
CA TYR A 432 11.44 5.02 10.28
C TYR A 432 12.36 5.23 9.09
N LEU A 433 12.59 4.20 8.28
CA LEU A 433 13.50 4.35 7.14
C LEU A 433 12.90 5.27 6.08
N ILE A 434 11.59 5.16 5.84
CA ILE A 434 10.91 6.09 4.94
C ILE A 434 11.00 7.50 5.49
N ASN A 435 10.85 7.64 6.81
CA ASN A 435 11.01 8.94 7.45
C ASN A 435 12.39 9.51 7.19
N LEU A 436 13.42 8.67 7.31
CA LEU A 436 14.80 9.12 7.09
C LEU A 436 15.05 9.56 5.66
N ILE A 437 14.64 8.75 4.68
CA ILE A 437 14.83 9.14 3.28
C ILE A 437 14.10 10.43 2.99
N LEU A 438 12.87 10.53 3.49
CA LEU A 438 12.00 11.66 3.23
C LEU A 438 12.56 12.94 3.83
N ALA A 439 13.04 12.86 5.08
CA ALA A 439 13.61 14.03 5.73
C ALA A 439 14.93 14.45 5.10
N VAL A 440 15.75 13.49 4.66
CA VAL A 440 16.99 13.85 3.99
C VAL A 440 16.71 14.55 2.67
N VAL A 441 15.72 14.06 1.91
CA VAL A 441 15.31 14.79 0.73
C VAL A 441 14.85 16.20 1.09
N ALA A 442 14.12 16.34 2.21
CA ALA A 442 13.72 17.65 2.69
C ALA A 442 14.90 18.57 2.98
N MET A 443 15.92 18.10 3.70
CA MET A 443 17.13 18.92 3.86
C MET A 443 17.73 19.31 2.53
N ALA A 444 17.89 18.36 1.60
CA ALA A 444 18.56 18.67 0.35
C ALA A 444 17.84 19.78 -0.40
N TYR A 445 16.52 19.69 -0.51
CA TYR A 445 15.81 20.72 -1.25
C TYR A 445 15.84 22.04 -0.49
N GLU A 446 15.85 21.97 0.85
CA GLU A 446 15.88 23.20 1.64
C GLU A 446 17.20 23.96 1.44
N GLU A 447 18.31 23.24 1.41
CA GLU A 447 19.63 23.84 1.18
C GLU A 447 19.68 24.37 -0.24
N GLN A 448 19.08 23.67 -1.21
CA GLN A 448 19.02 24.14 -2.58
C GLN A 448 18.25 25.46 -2.67
N ASN A 449 17.07 25.52 -2.03
CA ASN A 449 16.26 26.74 -2.07
C ASN A 449 16.95 27.89 -1.36
N GLN A 450 17.59 27.62 -0.22
CA GLN A 450 18.28 28.68 0.50
C GLN A 450 19.43 29.24 -0.32
N ALA A 451 20.20 28.38 -0.97
CA ALA A 451 21.28 28.85 -1.84
C ALA A 451 20.71 29.66 -3.01
N ASN A 452 19.60 29.19 -3.58
CA ASN A 452 18.99 29.91 -4.69
C ASN A 452 18.58 31.31 -4.28
N ILE A 453 17.86 31.44 -3.16
CA ILE A 453 17.38 32.75 -2.71
C ILE A 453 18.55 33.62 -2.27
N GLU A 454 19.58 33.02 -1.69
CA GLU A 454 20.75 33.79 -1.26
C GLU A 454 21.47 34.40 -2.46
N GLU A 455 21.69 33.60 -3.50
CA GLU A 455 22.36 34.11 -4.70
C GLU A 455 21.44 34.97 -5.56
N ALA A 456 20.15 34.65 -5.62
CA ALA A 456 19.22 35.49 -6.39
C ALA A 456 19.10 36.88 -5.81
N LYS A 457 19.00 36.99 -4.47
CA LYS A 457 18.95 38.31 -3.84
C LYS A 457 20.25 39.07 -4.06
N GLN A 458 21.39 38.38 -3.96
CA GLN A 458 22.67 39.03 -4.18
C GLN A 458 22.80 39.53 -5.62
N PRO A 768 -25.99 57.65 -26.69
CA PRO A 768 -26.93 58.38 -25.83
C PRO A 768 -27.74 57.46 -24.93
N TYR A 769 -28.81 56.87 -25.48
CA TYR A 769 -29.62 55.93 -24.71
C TYR A 769 -28.80 54.72 -24.30
N TRP A 770 -27.89 54.27 -25.17
CA TRP A 770 -27.02 53.14 -24.84
C TRP A 770 -26.20 53.45 -23.59
N ILE A 771 -25.61 54.65 -23.55
CA ILE A 771 -24.80 55.06 -22.40
C ILE A 771 -25.65 55.04 -21.14
N LYS A 772 -26.87 55.58 -21.24
CA LYS A 772 -27.76 55.66 -20.08
C LYS A 772 -28.06 54.27 -19.53
N PHE A 773 -28.45 53.34 -20.40
CA PHE A 773 -28.84 52.05 -19.84
C PHE A 773 -27.64 51.18 -19.47
N LYS A 774 -26.47 51.37 -20.10
CA LYS A 774 -25.33 50.59 -19.62
C LYS A 774 -24.86 51.09 -18.26
N LYS A 775 -24.92 52.41 -18.03
CA LYS A 775 -24.62 52.90 -16.68
C LYS A 775 -25.68 52.43 -15.69
N CYS A 776 -26.94 52.34 -16.11
CA CYS A 776 -27.97 51.79 -15.23
C CYS A 776 -27.67 50.34 -14.87
N ILE A 777 -27.26 49.53 -15.85
CA ILE A 777 -26.90 48.15 -15.58
C ILE A 777 -25.68 48.06 -14.67
N TYR A 778 -24.68 48.91 -14.91
CA TYR A 778 -23.51 48.97 -14.03
C TYR A 778 -23.90 49.29 -12.60
N PHE A 779 -24.86 50.20 -12.40
CA PHE A 779 -25.41 50.44 -11.07
C PHE A 779 -26.14 49.22 -10.53
N ILE A 780 -26.84 48.48 -11.39
CA ILE A 780 -27.52 47.26 -10.97
C ILE A 780 -26.51 46.26 -10.43
N VAL A 781 -25.34 46.17 -11.07
CA VAL A 781 -24.25 45.38 -10.50
C VAL A 781 -23.83 46.03 -9.19
N MET A 782 -24.13 45.35 -8.08
CA MET A 782 -23.91 45.90 -6.76
C MET A 782 -23.39 44.80 -5.84
N ASP A 783 -22.22 45.04 -5.25
CA ASP A 783 -21.45 43.98 -4.60
C ASP A 783 -22.17 43.31 -3.44
N PRO A 784 -22.80 44.03 -2.50
CA PRO A 784 -23.33 43.34 -1.30
C PRO A 784 -24.32 42.24 -1.59
N PHE A 785 -25.17 42.38 -2.61
CA PHE A 785 -26.23 41.41 -2.84
C PHE A 785 -26.01 40.57 -4.10
N VAL A 786 -25.65 41.21 -5.22
CA VAL A 786 -25.59 40.49 -6.49
C VAL A 786 -24.56 39.37 -6.42
N ASP A 787 -23.34 39.67 -5.94
CA ASP A 787 -22.33 38.64 -5.80
C ASP A 787 -22.72 37.63 -4.73
N LEU A 788 -23.31 38.09 -3.62
CA LEU A 788 -23.80 37.17 -2.60
C LEU A 788 -24.92 36.29 -3.15
N ALA A 789 -25.81 36.87 -3.97
CA ALA A 789 -26.86 36.09 -4.60
C ALA A 789 -26.27 35.02 -5.52
N ILE A 790 -25.22 35.37 -6.25
CA ILE A 790 -24.58 34.41 -7.14
C ILE A 790 -23.89 33.30 -6.34
N THR A 791 -23.27 33.66 -5.22
CA THR A 791 -22.65 32.65 -4.35
C THR A 791 -23.70 31.68 -3.81
N ILE A 792 -24.83 32.23 -3.35
CA ILE A 792 -25.93 31.40 -2.87
C ILE A 792 -26.43 30.50 -4.00
N CYS A 793 -26.50 31.05 -5.21
CA CYS A 793 -26.96 30.27 -6.35
C CYS A 793 -26.00 29.15 -6.70
N ILE A 794 -24.70 29.40 -6.58
CA ILE A 794 -23.70 28.36 -6.84
C ILE A 794 -23.84 27.24 -5.82
N VAL A 795 -23.98 27.60 -4.54
CA VAL A 795 -24.15 26.59 -3.50
C VAL A 795 -25.43 25.79 -3.74
N LEU A 796 -26.53 26.48 -4.07
CA LEU A 796 -27.78 25.78 -4.34
C LEU A 796 -27.65 24.87 -5.56
N ASN A 797 -26.95 25.31 -6.59
CA ASN A 797 -26.80 24.51 -7.80
C ASN A 797 -26.01 23.24 -7.53
N THR A 798 -24.91 23.35 -6.79
CA THR A 798 -24.13 22.15 -6.50
C THR A 798 -24.89 21.21 -5.57
N LEU A 799 -25.61 21.75 -4.58
CA LEU A 799 -26.45 20.90 -3.76
C LEU A 799 -27.54 20.24 -4.58
N PHE A 800 -28.06 20.94 -5.59
CA PHE A 800 -29.11 20.40 -6.43
C PHE A 800 -28.61 19.25 -7.29
N MET A 801 -27.42 19.41 -7.89
CA MET A 801 -26.87 18.32 -8.68
C MET A 801 -26.30 17.22 -7.81
N ALA A 802 -26.16 17.45 -6.51
CA ALA A 802 -25.81 16.35 -5.61
C ALA A 802 -27.01 15.44 -5.26
N MET A 803 -28.24 15.66 -5.74
CA MET A 803 -29.35 14.77 -5.43
C MET A 803 -29.56 13.66 -6.44
N GLU A 804 -28.71 13.56 -7.47
CA GLU A 804 -28.87 12.51 -8.46
C GLU A 804 -28.55 11.14 -7.87
N HIS A 805 -29.32 10.13 -8.27
CA HIS A 805 -29.08 8.75 -7.86
C HIS A 805 -29.63 7.82 -8.94
N HIS A 806 -29.30 6.53 -8.81
CA HIS A 806 -29.73 5.58 -9.83
C HIS A 806 -31.21 5.25 -9.77
N PRO A 807 -31.77 4.73 -8.66
CA PRO A 807 -33.21 4.42 -8.71
C PRO A 807 -34.06 5.69 -8.61
N MET A 808 -34.03 6.47 -9.68
CA MET A 808 -34.66 7.79 -9.71
C MET A 808 -35.92 7.74 -10.55
N THR A 809 -37.02 8.23 -9.99
CA THR A 809 -38.27 8.30 -10.72
C THR A 809 -38.20 9.39 -11.78
N GLU A 810 -39.12 9.32 -12.74
CA GLU A 810 -39.14 10.30 -13.82
C GLU A 810 -39.49 11.70 -13.33
N GLU A 811 -40.29 11.81 -12.27
CA GLU A 811 -40.63 13.12 -11.72
C GLU A 811 -39.40 13.79 -11.12
N PHE A 812 -38.60 13.02 -10.37
CA PHE A 812 -37.37 13.56 -9.80
C PHE A 812 -36.39 13.97 -10.90
N LYS A 813 -36.28 13.16 -11.95
CA LYS A 813 -35.43 13.51 -13.08
C LYS A 813 -35.90 14.80 -13.75
N ASN A 814 -37.22 14.94 -13.91
CA ASN A 814 -37.78 16.13 -14.54
C ASN A 814 -37.48 17.37 -13.71
N VAL A 815 -37.67 17.29 -12.39
CA VAL A 815 -37.43 18.47 -11.56
C VAL A 815 -35.94 18.80 -11.52
N LEU A 816 -35.07 17.79 -11.52
CA LEU A 816 -33.64 18.06 -11.58
C LEU A 816 -33.27 18.73 -12.90
N ALA A 817 -33.88 18.28 -14.01
CA ALA A 817 -33.61 18.90 -15.30
C ALA A 817 -34.05 20.36 -15.33
N ILE A 818 -35.25 20.67 -14.83
CA ILE A 818 -35.70 22.05 -14.85
C ILE A 818 -34.85 22.92 -13.91
N GLY A 819 -34.40 22.35 -12.79
CA GLY A 819 -33.53 23.10 -11.90
C GLY A 819 -32.19 23.41 -12.54
N ASN A 820 -31.57 22.42 -13.20
CA ASN A 820 -30.32 22.65 -13.89
C ASN A 820 -30.48 23.61 -15.06
N LEU A 821 -31.65 23.62 -15.71
CA LEU A 821 -31.92 24.58 -16.76
C LEU A 821 -32.04 26.01 -16.22
N VAL A 822 -32.77 26.17 -15.10
CA VAL A 822 -32.99 27.52 -14.58
C VAL A 822 -31.69 28.09 -14.01
N PHE A 823 -30.87 27.24 -13.38
CA PHE A 823 -29.59 27.74 -12.87
C PHE A 823 -28.70 28.20 -14.02
N THR A 824 -28.64 27.42 -15.10
CA THR A 824 -27.86 27.82 -16.26
C THR A 824 -28.41 29.10 -16.87
N GLY A 825 -29.73 29.25 -16.90
CA GLY A 825 -30.33 30.46 -17.41
C GLY A 825 -29.93 31.69 -16.62
N ILE A 826 -30.00 31.61 -15.30
CA ILE A 826 -29.63 32.77 -14.49
C ILE A 826 -28.13 33.05 -14.55
N PHE A 827 -27.29 32.02 -14.62
CA PHE A 827 -25.86 32.28 -14.80
C PHE A 827 -25.57 32.95 -16.13
N ALA A 828 -26.25 32.51 -17.21
CA ALA A 828 -26.09 33.17 -18.49
C ALA A 828 -26.61 34.60 -18.46
N ALA A 829 -27.68 34.84 -17.70
CA ALA A 829 -28.18 36.21 -17.55
C ALA A 829 -27.14 37.09 -16.88
N GLU A 830 -26.50 36.59 -15.81
CA GLU A 830 -25.37 37.30 -15.20
C GLU A 830 -24.27 37.55 -16.23
N MET A 831 -23.91 36.51 -16.98
CA MET A 831 -22.81 36.59 -17.98
C MET A 831 -23.10 37.70 -18.98
N VAL A 832 -24.31 37.75 -19.55
CA VAL A 832 -24.66 38.75 -20.56
C VAL A 832 -24.79 40.13 -19.95
N LEU A 833 -25.39 40.21 -18.76
CA LEU A 833 -25.59 41.52 -18.12
C LEU A 833 -24.25 42.16 -17.80
N LYS A 834 -23.30 41.37 -17.28
CA LYS A 834 -21.96 41.91 -17.04
C LYS A 834 -21.28 42.29 -18.35
N LEU A 835 -21.43 41.45 -19.39
CA LEU A 835 -20.76 41.74 -20.65
C LEU A 835 -21.30 43.01 -21.30
N ILE A 836 -22.57 43.35 -21.06
CA ILE A 836 -23.10 44.60 -21.59
C ILE A 836 -22.89 45.76 -20.62
N ALA A 837 -22.62 45.48 -19.34
CA ALA A 837 -22.37 46.54 -18.38
C ALA A 837 -20.97 47.11 -18.56
N MET A 838 -19.96 46.28 -18.39
CA MET A 838 -18.60 46.68 -18.71
C MET A 838 -18.29 46.38 -20.18
N ASP A 839 -17.28 47.05 -20.71
CA ASP A 839 -16.91 46.85 -22.11
C ASP A 839 -16.40 45.42 -22.31
N PRO A 840 -16.67 44.82 -23.48
CA PRO A 840 -16.18 43.45 -23.73
C PRO A 840 -14.67 43.32 -23.59
N TYR A 841 -13.90 44.33 -24.02
CA TYR A 841 -12.47 44.31 -23.78
C TYR A 841 -12.17 44.38 -22.29
N GLU A 842 -12.94 45.19 -21.56
CA GLU A 842 -12.74 45.28 -20.11
C GLU A 842 -13.20 44.00 -19.40
N TYR A 843 -14.26 43.36 -19.91
CA TYR A 843 -14.78 42.17 -19.23
C TYR A 843 -13.78 41.03 -19.27
N PHE A 844 -13.18 40.76 -20.43
CA PHE A 844 -12.27 39.64 -20.57
C PHE A 844 -10.88 39.93 -20.02
N GLN A 845 -10.71 41.03 -19.29
CA GLN A 845 -9.43 41.30 -18.63
C GLN A 845 -9.25 40.42 -17.40
N VAL A 846 -10.33 40.19 -16.66
CA VAL A 846 -10.25 39.42 -15.42
C VAL A 846 -10.36 37.93 -15.74
N GLY A 847 -9.46 37.14 -15.17
CA GLY A 847 -9.46 35.71 -15.43
C GLY A 847 -10.71 35.01 -14.94
N TRP A 848 -11.28 35.48 -13.83
CA TRP A 848 -12.52 34.89 -13.32
C TRP A 848 -13.65 35.07 -14.32
N ASN A 849 -13.72 36.24 -14.96
CA ASN A 849 -14.74 36.47 -15.98
C ASN A 849 -14.55 35.53 -17.16
N ILE A 850 -13.30 35.31 -17.57
CA ILE A 850 -13.04 34.39 -18.66
C ILE A 850 -13.46 32.97 -18.29
N PHE A 851 -13.12 32.53 -17.09
CA PHE A 851 -13.48 31.18 -16.66
C PHE A 851 -14.98 31.00 -16.59
N ASP A 852 -15.69 32.00 -16.05
CA ASP A 852 -17.14 31.96 -16.05
C ASP A 852 -17.69 31.91 -17.47
N SER A 853 -17.06 32.64 -18.40
CA SER A 853 -17.51 32.62 -19.78
C SER A 853 -17.35 31.23 -20.40
N LEU A 854 -16.22 30.57 -20.15
CA LEU A 854 -16.06 29.21 -20.66
C LEU A 854 -17.09 28.27 -20.07
N ILE A 855 -17.32 28.36 -18.75
CA ILE A 855 -18.31 27.49 -18.13
C ILE A 855 -19.69 27.72 -18.73
N VAL A 856 -20.06 28.99 -18.94
CA VAL A 856 -21.36 29.31 -19.52
C VAL A 856 -21.47 28.79 -20.96
N THR A 857 -20.42 28.97 -21.75
CA THR A 857 -20.52 28.53 -23.15
C THR A 857 -20.60 27.01 -23.26
N LEU A 858 -19.87 26.28 -22.40
CA LEU A 858 -20.04 24.83 -22.40
C LEU A 858 -21.43 24.43 -21.90
N SER A 859 -22.00 25.21 -20.97
CA SER A 859 -23.37 24.94 -20.54
C SER A 859 -24.35 25.08 -21.69
N LEU A 860 -24.22 26.15 -22.48
CA LEU A 860 -25.07 26.29 -23.67
C LEU A 860 -24.82 25.16 -24.68
N VAL A 861 -23.55 24.78 -24.85
CA VAL A 861 -23.23 23.70 -25.80
C VAL A 861 -23.92 22.41 -25.39
N GLU A 862 -23.86 22.05 -24.11
CA GLU A 862 -24.54 20.83 -23.67
C GLU A 862 -26.05 21.00 -23.70
N LEU A 863 -26.53 22.25 -23.57
CA LEU A 863 -27.96 22.50 -23.72
C LEU A 863 -28.42 22.20 -25.14
N PHE A 864 -27.65 22.64 -26.15
CA PHE A 864 -28.01 22.37 -27.53
C PHE A 864 -27.95 20.87 -27.83
N LEU A 865 -26.94 20.19 -27.31
CA LEU A 865 -26.78 18.75 -27.53
C LEU A 865 -27.90 17.96 -26.86
N LEU A 871 -22.81 15.01 -24.01
CA LEU A 871 -22.25 13.80 -23.42
C LEU A 871 -22.63 13.68 -21.95
N SER A 872 -21.92 12.81 -21.23
CA SER A 872 -22.17 12.59 -19.81
C SER A 872 -21.14 13.29 -18.94
N VAL A 873 -19.89 13.41 -19.42
CA VAL A 873 -18.87 14.14 -18.67
C VAL A 873 -19.09 15.64 -18.79
N LEU A 874 -19.67 16.09 -19.91
CA LEU A 874 -19.88 17.52 -20.11
C LEU A 874 -20.89 18.08 -19.11
N ARG A 875 -21.78 17.24 -18.59
CA ARG A 875 -22.72 17.69 -17.57
C ARG A 875 -22.01 18.07 -16.29
N SER A 876 -20.83 17.51 -16.07
CA SER A 876 -20.09 17.70 -14.81
C SER A 876 -19.06 18.81 -14.88
N PHE A 877 -18.98 19.54 -16.00
CA PHE A 877 -18.07 20.68 -16.03
C PHE A 877 -18.66 21.89 -15.32
N ARG A 878 -19.95 21.82 -14.99
CA ARG A 878 -20.60 22.88 -14.21
C ARG A 878 -20.11 22.94 -12.78
N LEU A 879 -19.57 21.84 -12.24
CA LEU A 879 -19.11 21.82 -10.86
C LEU A 879 -17.87 22.68 -10.64
N LEU A 880 -17.16 23.06 -11.71
CA LEU A 880 -16.00 23.91 -11.55
C LEU A 880 -16.33 25.31 -11.07
N ARG A 881 -17.60 25.72 -11.15
CA ARG A 881 -18.00 27.01 -10.61
C ARG A 881 -17.86 27.06 -9.10
N VAL A 882 -17.73 25.91 -8.44
CA VAL A 882 -17.54 25.88 -6.99
C VAL A 882 -16.26 26.63 -6.61
N PHE A 883 -15.26 26.61 -7.50
CA PHE A 883 -14.00 27.31 -7.21
C PHE A 883 -14.17 28.82 -7.18
N LYS A 884 -15.31 29.34 -7.64
CA LYS A 884 -15.58 30.77 -7.52
C LYS A 884 -15.71 31.23 -6.08
N LEU A 885 -15.92 30.31 -5.13
CA LEU A 885 -15.98 30.66 -3.72
C LEU A 885 -14.60 30.87 -3.12
N ALA A 886 -13.53 30.59 -3.85
CA ALA A 886 -12.18 30.82 -3.36
C ALA A 886 -11.84 32.29 -3.20
N LYS A 887 -12.61 33.18 -3.83
CA LYS A 887 -12.39 34.61 -3.63
C LYS A 887 -12.63 35.00 -2.18
N SER A 888 -13.60 34.38 -1.53
CA SER A 888 -13.92 34.64 -0.13
C SER A 888 -13.43 33.56 0.81
N TRP A 889 -13.09 32.37 0.31
CA TRP A 889 -12.65 31.27 1.14
C TRP A 889 -11.13 31.18 1.05
N PRO A 890 -10.39 31.44 2.12
CA PRO A 890 -8.93 31.57 1.98
C PRO A 890 -8.19 30.27 1.80
N THR A 891 -8.62 29.18 2.45
CA THR A 891 -7.90 27.91 2.33
C THR A 891 -8.23 27.16 1.05
N LEU A 892 -9.30 27.52 0.36
CA LEU A 892 -9.52 27.00 -1.00
C LEU A 892 -8.60 27.68 -1.99
N ASN A 893 -8.34 28.98 -1.78
CA ASN A 893 -7.36 29.69 -2.59
C ASN A 893 -5.96 29.10 -2.43
N MET A 894 -5.65 28.55 -1.26
CA MET A 894 -4.37 27.84 -1.08
C MET A 894 -4.26 26.62 -1.98
N LEU A 895 -5.32 25.81 -2.06
CA LEU A 895 -5.32 24.66 -2.96
C LEU A 895 -5.24 25.11 -4.41
N ILE A 896 -5.96 26.18 -4.77
CA ILE A 896 -5.89 26.70 -6.13
C ILE A 896 -4.47 27.14 -6.46
N LYS A 897 -3.80 27.78 -5.49
CA LYS A 897 -2.42 28.23 -5.70
C LYS A 897 -1.47 27.06 -5.83
N ILE A 898 -1.68 25.99 -5.08
CA ILE A 898 -0.85 24.79 -5.22
C ILE A 898 -0.99 24.22 -6.62
N ILE A 899 -2.24 24.09 -7.08
CA ILE A 899 -2.49 23.54 -8.41
C ILE A 899 -1.89 24.44 -9.48
N GLY A 900 -1.96 25.76 -9.28
CA GLY A 900 -1.38 26.68 -10.23
C GLY A 900 0.14 26.62 -10.27
N ASN A 901 0.76 26.47 -9.10
CA ASN A 901 2.21 26.33 -9.03
C ASN A 901 2.70 25.04 -9.67
N SER A 902 1.88 23.98 -9.63
CA SER A 902 2.26 22.74 -10.30
C SER A 902 2.48 22.92 -11.79
N VAL A 903 1.86 23.91 -12.42
CA VAL A 903 2.06 24.17 -13.84
C VAL A 903 2.61 25.58 -14.02
N GLY A 904 3.01 26.21 -12.92
CA GLY A 904 3.54 27.55 -12.97
C GLY A 904 5.03 27.60 -12.67
N ALA A 905 5.38 27.98 -11.44
CA ALA A 905 6.78 28.03 -11.04
C ALA A 905 7.46 26.67 -11.05
N LEU A 906 6.70 25.58 -10.94
CA LEU A 906 7.24 24.23 -10.98
C LEU A 906 6.78 23.47 -12.22
N GLY A 907 6.55 24.19 -13.33
CA GLY A 907 6.13 23.51 -14.54
C GLY A 907 7.19 22.60 -15.11
N ASN A 908 8.46 22.99 -14.97
CA ASN A 908 9.55 22.19 -15.52
C ASN A 908 9.66 20.84 -14.82
N LEU A 909 9.49 20.82 -13.49
CA LEU A 909 9.59 19.56 -12.76
C LEU A 909 8.44 18.63 -13.11
N THR A 910 7.23 19.18 -13.23
CA THR A 910 6.08 18.38 -13.64
C THR A 910 6.28 17.84 -15.06
N LEU A 911 6.83 18.66 -15.95
CA LEU A 911 7.11 18.20 -17.31
C LEU A 911 8.14 17.09 -17.30
N VAL A 912 9.17 17.20 -16.46
CA VAL A 912 10.16 16.14 -16.34
C VAL A 912 9.51 14.85 -15.84
N LEU A 913 8.62 14.97 -14.85
CA LEU A 913 7.93 13.78 -14.35
C LEU A 913 7.11 13.12 -15.44
N ALA A 914 6.40 13.93 -16.23
CA ALA A 914 5.61 13.39 -17.33
C ALA A 914 6.49 12.70 -18.36
N ILE A 915 7.65 13.29 -18.67
CA ILE A 915 8.58 12.68 -19.62
C ILE A 915 9.08 11.34 -19.10
N ILE A 916 9.43 11.29 -17.81
CA ILE A 916 9.91 10.04 -17.23
C ILE A 916 8.83 8.96 -17.27
N VAL A 917 7.58 9.34 -16.95
CA VAL A 917 6.49 8.37 -16.99
C VAL A 917 6.29 7.86 -18.40
N PHE A 918 6.33 8.75 -19.39
CA PHE A 918 6.16 8.34 -20.78
C PHE A 918 7.27 7.38 -21.21
N ILE A 919 8.52 7.71 -20.85
CA ILE A 919 9.65 6.86 -21.24
C ILE A 919 9.54 5.49 -20.58
N PHE A 920 9.17 5.45 -19.30
CA PHE A 920 9.01 4.16 -18.63
C PHE A 920 7.91 3.34 -19.29
N ALA A 921 6.79 3.98 -19.63
CA ALA A 921 5.69 3.26 -20.25
C ALA A 921 6.10 2.65 -21.59
N VAL A 922 6.76 3.45 -22.44
CA VAL A 922 7.13 2.95 -23.76
C VAL A 922 8.22 1.90 -23.67
N VAL A 923 9.17 2.07 -22.74
CA VAL A 923 10.22 1.07 -22.55
C VAL A 923 9.62 -0.26 -22.11
N GLY A 924 8.70 -0.20 -21.14
CA GLY A 924 8.04 -1.42 -20.71
C GLY A 924 7.25 -2.08 -21.83
N MET A 925 6.53 -1.28 -22.61
CA MET A 925 5.75 -1.84 -23.70
C MET A 925 6.65 -2.51 -24.73
N GLN A 926 7.77 -1.88 -25.08
CA GLN A 926 8.68 -2.48 -26.05
C GLN A 926 9.32 -3.76 -25.51
N LEU A 927 9.76 -3.74 -24.25
CA LEU A 927 10.47 -4.90 -23.71
C LEU A 927 9.53 -6.08 -23.49
N PHE A 928 8.38 -5.87 -22.84
CA PHE A 928 7.56 -6.97 -22.40
C PHE A 928 6.21 -7.08 -23.11
N GLY A 929 5.96 -6.29 -24.14
CA GLY A 929 4.67 -6.30 -24.80
C GLY A 929 4.33 -7.59 -25.51
N LYS A 930 5.29 -8.12 -26.27
CA LYS A 930 5.04 -9.36 -27.00
C LYS A 930 5.06 -10.57 -26.08
N SER A 931 5.82 -10.50 -24.98
CA SER A 931 5.86 -11.61 -24.03
C SER A 931 4.49 -11.81 -23.39
N TYR A 932 3.80 -10.72 -23.04
CA TYR A 932 2.47 -10.85 -22.46
C TYR A 932 1.50 -11.54 -23.40
N LYS A 933 1.75 -11.49 -24.72
CA LYS A 933 0.84 -12.10 -25.67
C LYS A 933 1.23 -13.54 -25.98
N GLU A 934 2.53 -13.79 -26.17
CA GLU A 934 2.97 -15.15 -26.48
C GLU A 934 2.92 -16.05 -25.25
N CYS A 935 3.29 -15.51 -24.10
CA CYS A 935 3.35 -16.26 -22.85
C CYS A 935 2.08 -16.08 -22.02
N VAL A 936 0.93 -15.87 -22.68
CA VAL A 936 -0.27 -15.41 -21.97
C VAL A 936 -0.87 -16.53 -21.13
N CYS A 937 -0.78 -17.78 -21.60
CA CYS A 937 -1.42 -18.88 -20.91
C CYS A 937 -0.76 -19.19 -19.57
N LYS A 938 0.43 -18.63 -19.32
CA LYS A 938 1.10 -18.86 -18.04
C LYS A 938 0.47 -18.03 -16.93
N ILE A 939 -0.13 -16.88 -17.27
CA ILE A 939 -0.66 -15.97 -16.26
C ILE A 939 -2.17 -15.84 -16.35
N ASN A 940 -2.85 -16.62 -17.19
CA ASN A 940 -4.29 -16.54 -17.31
C ASN A 940 -4.81 -17.86 -17.85
N ASP A 941 -5.75 -18.47 -17.11
CA ASP A 941 -6.25 -19.79 -17.49
C ASP A 941 -7.02 -19.76 -18.81
N ASP A 942 -7.79 -18.71 -19.06
CA ASP A 942 -8.53 -18.58 -20.30
C ASP A 942 -7.65 -18.22 -21.49
N CYS A 943 -6.34 -18.08 -21.28
CA CYS A 943 -5.41 -17.70 -22.33
C CYS A 943 -5.82 -16.39 -23.00
N THR A 944 -6.24 -15.44 -22.17
CA THR A 944 -6.53 -14.07 -22.60
C THR A 944 -5.71 -13.10 -21.76
N LEU A 945 -5.51 -11.91 -22.28
CA LEU A 945 -4.68 -10.93 -21.59
C LEU A 945 -5.33 -10.54 -20.27
N PRO A 946 -4.55 -10.42 -19.19
CA PRO A 946 -5.13 -10.02 -17.90
C PRO A 946 -5.56 -8.56 -17.88
N ARG A 947 -6.09 -8.11 -16.76
CA ARG A 947 -6.51 -6.72 -16.64
C ARG A 947 -5.32 -5.77 -16.75
N TRP A 948 -4.20 -6.14 -16.13
CA TRP A 948 -2.99 -5.33 -16.16
C TRP A 948 -1.91 -6.02 -16.96
N HIS A 949 -1.40 -5.31 -17.98
CA HIS A 949 -0.40 -5.86 -18.89
C HIS A 949 0.28 -4.69 -19.60
N MET A 950 1.25 -5.03 -20.45
CA MET A 950 1.99 -4.03 -21.22
C MET A 950 1.97 -4.33 -22.71
N ASN A 951 0.89 -4.92 -23.22
CA ASN A 951 0.81 -5.23 -24.65
C ASN A 951 0.73 -3.97 -25.49
N ASP A 952 -0.01 -2.97 -25.02
CA ASP A 952 -0.15 -1.71 -25.72
C ASP A 952 0.24 -0.56 -24.80
N PHE A 953 0.31 0.64 -25.38
CA PHE A 953 0.86 1.79 -24.66
C PHE A 953 -0.01 2.18 -23.46
N PHE A 954 -1.33 2.15 -23.63
CA PHE A 954 -2.22 2.60 -22.55
C PHE A 954 -2.07 1.72 -21.33
N HIS A 955 -2.04 0.40 -21.52
CA HIS A 955 -1.93 -0.51 -20.38
C HIS A 955 -0.53 -0.48 -19.78
N SER A 956 0.48 -0.29 -20.61
CA SER A 956 1.84 -0.13 -20.10
C SER A 956 1.93 1.11 -19.21
N PHE A 957 1.30 2.21 -19.64
CA PHE A 957 1.29 3.43 -18.83
C PHE A 957 0.46 3.24 -17.55
N LEU A 958 -0.62 2.47 -17.64
CA LEU A 958 -1.41 2.18 -16.44
C LEU A 958 -0.59 1.41 -15.42
N ILE A 959 0.22 0.46 -15.88
CA ILE A 959 1.10 -0.27 -14.97
C ILE A 959 2.08 0.68 -14.29
N VAL A 960 2.66 1.61 -15.06
CA VAL A 960 3.61 2.55 -14.48
C VAL A 960 2.93 3.44 -13.45
N PHE A 961 1.73 3.92 -13.76
CA PHE A 961 1.00 4.77 -12.82
C PHE A 961 0.64 4.00 -11.55
N ARG A 962 0.24 2.73 -11.70
CA ARG A 962 -0.06 1.90 -10.54
C ARG A 962 1.19 1.68 -9.68
N VAL A 963 2.34 1.50 -10.32
CA VAL A 963 3.59 1.36 -9.58
C VAL A 963 3.89 2.65 -8.81
N LEU A 964 3.68 3.80 -9.45
CA LEU A 964 3.88 5.07 -8.76
C LEU A 964 2.93 5.23 -7.58
N CYS A 965 1.70 4.72 -7.71
CA CYS A 965 0.79 4.72 -6.58
C CYS A 965 1.26 3.82 -5.46
N GLY A 966 2.04 2.78 -5.77
CA GLY A 966 2.64 1.93 -4.77
C GLY A 966 2.36 0.45 -4.90
N GLU A 967 1.79 -0.01 -6.01
CA GLU A 967 1.47 -1.42 -6.20
C GLU A 967 2.29 -1.95 -7.38
N TRP A 968 3.31 -2.75 -7.07
CA TRP A 968 4.22 -3.23 -8.10
C TRP A 968 4.45 -4.73 -8.03
N ILE A 969 4.17 -5.37 -6.89
CA ILE A 969 4.53 -6.77 -6.69
C ILE A 969 3.64 -7.69 -7.55
N GLU A 970 2.34 -7.38 -7.62
CA GLU A 970 1.42 -8.27 -8.30
C GLU A 970 1.61 -8.25 -9.81
N THR A 971 1.84 -7.07 -10.40
CA THR A 971 2.17 -7.02 -11.81
C THR A 971 3.58 -7.55 -12.06
N MET A 972 4.46 -7.41 -11.08
CA MET A 972 5.82 -7.95 -11.21
C MET A 972 5.80 -9.46 -11.31
N TRP A 973 4.91 -10.12 -10.57
CA TRP A 973 4.82 -11.57 -10.67
C TRP A 973 4.48 -12.01 -12.09
N ASP A 974 3.51 -11.34 -12.71
CA ASP A 974 3.14 -11.65 -14.09
C ASP A 974 4.27 -11.35 -15.05
N CYS A 975 4.97 -10.22 -14.83
CA CYS A 975 6.08 -9.86 -15.69
C CYS A 975 7.18 -10.91 -15.62
N MET A 976 7.50 -11.37 -14.41
CA MET A 976 8.54 -12.38 -14.25
C MET A 976 8.10 -13.72 -14.80
N GLU A 977 6.79 -13.99 -14.81
CA GLU A 977 6.32 -15.22 -15.42
C GLU A 977 6.41 -15.19 -16.94
N VAL A 978 6.14 -14.04 -17.55
CA VAL A 978 6.11 -13.99 -19.01
C VAL A 978 7.46 -13.67 -19.64
N ALA A 979 8.32 -12.90 -18.96
CA ALA A 979 9.51 -12.34 -19.57
C ALA A 979 10.78 -12.56 -18.77
N GLY A 980 10.74 -13.30 -17.68
CA GLY A 980 11.97 -13.56 -16.95
C GLY A 980 12.14 -12.67 -15.75
N GLN A 981 12.86 -13.19 -14.75
CA GLN A 981 12.99 -12.52 -13.47
C GLN A 981 13.89 -11.29 -13.55
N ALA A 982 15.05 -11.43 -14.20
CA ALA A 982 16.08 -10.40 -14.13
C ALA A 982 15.63 -9.10 -14.79
N MET A 983 15.08 -9.21 -16.00
CA MET A 983 14.67 -8.02 -16.75
C MET A 983 13.58 -7.25 -16.02
N CYS A 984 12.54 -7.96 -15.59
CA CYS A 984 11.44 -7.32 -14.88
C CYS A 984 11.91 -6.74 -13.55
N LEU A 985 12.79 -7.46 -12.85
CA LEU A 985 13.34 -6.94 -11.61
C LEU A 985 14.07 -5.62 -11.82
N ILE A 986 14.98 -5.57 -12.79
CA ILE A 986 15.73 -4.35 -13.05
C ILE A 986 14.78 -3.22 -13.43
N VAL A 987 13.84 -3.51 -14.33
CA VAL A 987 12.94 -2.46 -14.81
C VAL A 987 12.08 -1.93 -13.68
N TYR A 988 11.52 -2.82 -12.86
CA TYR A 988 10.62 -2.37 -11.80
C TYR A 988 11.36 -1.60 -10.71
N MET A 989 12.53 -2.09 -10.29
CA MET A 989 13.30 -1.33 -9.30
C MET A 989 13.70 0.04 -9.83
N MET A 990 14.14 0.11 -11.08
CA MET A 990 14.53 1.41 -11.63
C MET A 990 13.34 2.36 -11.74
N VAL A 991 12.19 1.84 -12.19
CA VAL A 991 10.99 2.66 -12.27
C VAL A 991 10.61 3.19 -10.89
N MET A 992 10.58 2.30 -9.90
CA MET A 992 10.20 2.73 -8.55
C MET A 992 11.16 3.79 -8.03
N VAL A 993 12.46 3.55 -8.14
CA VAL A 993 13.45 4.49 -7.61
C VAL A 993 13.29 5.85 -8.26
N ILE A 994 13.38 5.91 -9.59
CA ILE A 994 13.37 7.20 -10.29
C ILE A 994 12.03 7.90 -10.11
N GLY A 995 10.93 7.17 -10.32
CA GLY A 995 9.62 7.79 -10.23
C GLY A 995 9.31 8.30 -8.84
N ASN A 996 9.61 7.50 -7.81
CA ASN A 996 9.35 7.93 -6.45
C ASN A 996 10.22 9.12 -6.07
N LEU A 997 11.48 9.12 -6.52
CA LEU A 997 12.34 10.27 -6.24
C LEU A 997 11.80 11.54 -6.87
N VAL A 998 11.36 11.47 -8.13
CA VAL A 998 10.88 12.67 -8.80
C VAL A 998 9.56 13.13 -8.18
N VAL A 999 8.68 12.19 -7.82
CA VAL A 999 7.41 12.56 -7.20
C VAL A 999 7.65 13.19 -5.84
N LEU A 1000 8.62 12.66 -5.08
CA LEU A 1000 8.93 13.24 -3.77
C LEU A 1000 9.51 14.64 -3.92
N ASN A 1001 10.40 14.85 -4.89
CA ASN A 1001 10.92 16.20 -5.12
C ASN A 1001 9.82 17.17 -5.52
N LEU A 1002 8.90 16.75 -6.40
CA LEU A 1002 7.78 17.60 -6.78
C LEU A 1002 6.92 17.94 -5.56
N PHE A 1003 6.65 16.94 -4.73
CA PHE A 1003 5.85 17.16 -3.54
C PHE A 1003 6.51 18.17 -2.61
N LEU A 1004 7.81 18.01 -2.38
CA LEU A 1004 8.53 18.90 -1.47
C LEU A 1004 8.57 20.32 -2.01
N ALA A 1005 8.86 20.46 -3.31
CA ALA A 1005 8.88 21.78 -3.92
C ALA A 1005 7.53 22.47 -3.80
N LEU A 1006 6.45 21.75 -4.16
CA LEU A 1006 5.11 22.32 -4.02
C LEU A 1006 4.82 22.70 -2.58
N LEU A 1007 5.09 21.79 -1.64
CA LEU A 1007 4.77 22.02 -0.25
C LEU A 1007 5.44 23.28 0.27
N LEU A 1008 6.75 23.39 0.09
CA LEU A 1008 7.45 24.50 0.72
C LEU A 1008 7.28 25.80 -0.06
N SER A 1009 7.12 25.72 -1.38
CA SER A 1009 6.82 26.92 -2.16
C SER A 1009 5.50 27.52 -1.69
N SER A 1010 4.44 26.71 -1.65
CA SER A 1010 3.14 27.21 -1.21
C SER A 1010 3.12 27.53 0.27
N PHE A 1011 4.01 26.93 1.06
CA PHE A 1011 4.04 27.18 2.49
C PHE A 1011 4.65 28.53 2.81
N SER A 1012 5.87 28.77 2.33
CA SER A 1012 6.60 29.98 2.69
C SER A 1012 6.71 31.01 1.57
N SER A 1013 6.94 30.60 0.32
CA SER A 1013 7.22 31.57 -0.72
C SER A 1013 5.96 32.32 -1.15
N ASP A 1014 4.84 31.61 -1.26
CA ASP A 1014 3.62 32.23 -1.79
C ASP A 1014 3.00 33.19 -0.79
N ASN A 1015 2.92 32.79 0.49
CA ASN A 1015 2.26 33.61 1.50
C ASN A 1015 3.28 34.52 2.16
N LEU A 1016 3.13 35.84 1.95
CA LEU A 1016 4.00 36.83 2.57
C LEU A 1016 3.21 38.02 3.11
N THR A 1017 1.88 37.96 3.08
CA THR A 1017 1.02 39.05 3.51
C THR A 1017 1.38 40.36 2.82
N ALA A 1018 1.65 40.30 1.52
CA ALA A 1018 1.98 41.51 0.77
C ALA A 1018 0.81 42.49 0.75
N ILE A 1019 -0.39 41.97 0.55
CA ILE A 1019 -1.59 42.80 0.55
C ILE A 1019 -2.39 42.55 1.81
N GLU A 1020 -3.38 43.39 2.08
CA GLU A 1020 -4.24 43.22 3.23
C GLU A 1020 -5.21 42.06 3.02
N GLU A 1021 -5.90 41.67 4.08
CA GLU A 1021 -6.95 40.66 3.97
C GLU A 1021 -8.09 41.23 3.15
N ASP A 1022 -8.22 40.77 1.90
CA ASP A 1022 -9.16 41.34 0.94
C ASP A 1022 -8.92 42.85 0.85
N PRO A 1023 -7.82 43.28 0.20
CA PRO A 1023 -7.50 44.72 0.19
C PRO A 1023 -8.64 45.58 -0.35
N ASP A 1024 -9.15 45.25 -1.53
CA ASP A 1024 -10.44 45.78 -1.97
C ASP A 1024 -11.52 45.07 -1.18
N ALA A 1025 -12.26 45.81 -0.37
CA ALA A 1025 -13.24 45.25 0.57
C ALA A 1025 -14.12 44.21 -0.10
N ASN A 1026 -14.02 42.96 0.36
CA ASN A 1026 -14.73 41.85 -0.26
C ASN A 1026 -16.23 42.08 -0.24
N ASN A 1027 -16.89 41.76 -1.36
CA ASN A 1027 -18.34 41.91 -1.44
C ASN A 1027 -19.04 41.14 -0.34
N LEU A 1028 -18.52 39.97 0.01
CA LEU A 1028 -19.08 39.23 1.14
C LEU A 1028 -18.93 40.02 2.44
N GLN A 1029 -17.77 40.66 2.63
CA GLN A 1029 -17.58 41.48 3.83
C GLN A 1029 -18.44 42.72 3.82
N ILE A 1030 -18.65 43.33 2.65
CA ILE A 1030 -19.56 44.46 2.56
C ILE A 1030 -20.98 44.05 2.92
N ALA A 1031 -21.42 42.88 2.42
CA ALA A 1031 -22.73 42.36 2.79
C ALA A 1031 -22.80 42.06 4.28
N VAL A 1032 -21.73 41.52 4.87
CA VAL A 1032 -21.71 41.24 6.29
C VAL A 1032 -21.84 42.52 7.11
N THR A 1033 -21.14 43.58 6.68
CA THR A 1033 -21.26 44.87 7.36
C THR A 1033 -22.68 45.43 7.23
N ARG A 1034 -23.28 45.32 6.05
CA ARG A 1034 -24.65 45.77 5.86
C ARG A 1034 -25.61 45.00 6.75
N ILE A 1035 -25.38 43.68 6.88
CA ILE A 1035 -26.21 42.86 7.76
C ILE A 1035 -26.02 43.25 9.22
N LYS A 1036 -24.78 43.51 9.62
CA LYS A 1036 -24.52 43.96 10.99
C LYS A 1036 -25.24 45.26 11.28
N LYS A 1037 -25.27 46.17 10.31
CA LYS A 1037 -26.08 47.37 10.46
C LYS A 1037 -27.55 47.02 10.61
N GLY A 1038 -28.11 46.35 9.59
CA GLY A 1038 -29.55 46.13 9.50
C GLY A 1038 -30.18 45.30 10.58
N ILE A 1039 -29.64 44.10 10.85
CA ILE A 1039 -30.25 43.24 11.85
C ILE A 1039 -30.19 43.89 13.23
N ASN A 1040 -29.03 44.44 13.59
CA ASN A 1040 -28.90 45.09 14.88
C ASN A 1040 -29.83 46.29 15.01
N TYR A 1041 -29.93 47.10 13.95
CA TYR A 1041 -30.76 48.29 14.01
C TYR A 1041 -32.24 47.90 14.11
N VAL A 1042 -32.68 46.91 13.34
CA VAL A 1042 -34.07 46.47 13.39
C VAL A 1042 -34.40 45.89 14.76
N LYS A 1043 -33.48 45.08 15.32
CA LYS A 1043 -33.74 44.51 16.63
C LYS A 1043 -33.80 45.59 17.71
N GLN A 1044 -32.91 46.59 17.62
CA GLN A 1044 -32.95 47.68 18.58
C GLN A 1044 -34.23 48.48 18.47
N THR A 1045 -34.69 48.75 17.24
CA THR A 1045 -35.95 49.46 17.07
C THR A 1045 -37.12 48.64 17.60
N LEU A 1046 -37.09 47.33 17.42
CA LEU A 1046 -38.14 46.48 17.96
C LEU A 1046 -38.13 46.52 19.49
N ARG A 1047 -36.95 46.50 20.10
CA ARG A 1047 -36.86 46.63 21.55
C ARG A 1047 -37.42 47.96 22.01
N GLU A 1048 -37.10 49.04 21.30
CA GLU A 1048 -37.62 50.36 21.66
C GLU A 1048 -39.14 50.40 21.54
N PHE A 1049 -39.69 49.78 20.48
CA PHE A 1049 -41.14 49.73 20.33
C PHE A 1049 -41.79 48.93 21.45
N ILE A 1050 -41.16 47.83 21.86
CA ILE A 1050 -41.68 47.04 22.97
C ILE A 1050 -41.66 47.86 24.26
N LEU A 1051 -40.58 48.60 24.48
CA LEU A 1051 -40.50 49.45 25.68
C LEU A 1051 -41.58 50.53 25.65
N LYS A 1052 -41.82 51.13 24.48
CA LYS A 1052 -42.89 52.11 24.36
C LYS A 1052 -44.25 51.49 24.65
N ALA A 1053 -44.50 50.28 24.14
CA ALA A 1053 -45.78 49.64 24.35
C ALA A 1053 -46.04 49.34 25.83
N PHE A 1054 -45.02 48.87 26.53
CA PHE A 1054 -45.15 48.56 27.95
C PHE A 1054 -44.63 49.71 28.81
N GLY A 1215 -20.45 26.24 60.70
CA GLY A 1215 -20.43 25.26 59.62
C GLY A 1215 -19.03 24.88 59.17
N LYS A 1216 -18.06 25.05 60.08
CA LYS A 1216 -16.68 24.71 59.75
C LYS A 1216 -16.50 23.21 59.58
N ILE A 1217 -17.41 22.41 60.14
CA ILE A 1217 -17.30 20.96 60.04
C ILE A 1217 -17.39 20.51 58.59
N TRP A 1218 -18.31 21.09 57.82
CA TRP A 1218 -18.43 20.73 56.41
C TRP A 1218 -17.19 21.15 55.63
N TRP A 1219 -16.59 22.30 56.00
CA TRP A 1219 -15.35 22.73 55.36
C TRP A 1219 -14.22 21.75 55.65
N ASN A 1220 -14.14 21.25 56.89
CA ASN A 1220 -13.15 20.22 57.23
C ASN A 1220 -13.42 18.93 56.47
N ILE A 1221 -14.69 18.56 56.29
CA ILE A 1221 -15.02 17.38 55.48
C ILE A 1221 -14.53 17.55 54.05
N ARG A 1222 -14.74 18.75 53.48
CA ARG A 1222 -14.24 19.04 52.14
C ARG A 1222 -12.72 18.94 52.08
N LYS A 1223 -12.03 19.47 53.09
CA LYS A 1223 -10.57 19.33 53.14
C LYS A 1223 -10.15 17.86 53.23
N THR A 1224 -10.86 17.06 54.02
CA THR A 1224 -10.56 15.64 54.12
C THR A 1224 -10.70 14.93 52.78
N CYS A 1225 -11.79 15.21 52.06
CA CYS A 1225 -11.97 14.62 50.74
C CYS A 1225 -10.88 15.06 49.78
N TYR A 1226 -10.49 16.34 49.86
CA TYR A 1226 -9.37 16.82 49.05
C TYR A 1226 -8.09 16.06 49.38
N LYS A 1227 -7.83 15.84 50.67
CA LYS A 1227 -6.64 15.12 51.10
C LYS A 1227 -6.63 13.70 50.56
N ILE A 1228 -7.77 13.01 50.65
CA ILE A 1228 -7.85 11.62 50.21
C ILE A 1228 -7.68 11.54 48.70
N VAL A 1229 -8.40 12.38 47.96
CA VAL A 1229 -8.45 12.27 46.51
C VAL A 1229 -7.11 12.60 45.85
N GLU A 1230 -6.39 13.61 46.36
CA GLU A 1230 -5.15 14.07 45.75
C GLU A 1230 -3.93 13.24 46.13
N HIS A 1231 -4.07 12.24 46.99
CA HIS A 1231 -2.94 11.44 47.41
C HIS A 1231 -2.52 10.47 46.30
N SER A 1232 -1.26 10.05 46.35
CA SER A 1232 -0.72 9.15 45.33
C SER A 1232 -1.30 7.75 45.42
N TRP A 1233 -1.60 7.26 46.62
CA TRP A 1233 -2.16 5.93 46.77
C TRP A 1233 -3.55 5.82 46.15
N PHE A 1234 -4.37 6.86 46.30
CA PHE A 1234 -5.69 6.86 45.66
C PHE A 1234 -5.55 6.82 44.14
N GLU A 1235 -4.63 7.61 43.60
CA GLU A 1235 -4.40 7.60 42.16
C GLU A 1235 -3.94 6.23 41.68
N SER A 1236 -3.02 5.61 42.41
CA SER A 1236 -2.53 4.28 42.03
C SER A 1236 -3.65 3.24 42.09
N PHE A 1237 -4.48 3.30 43.14
CA PHE A 1237 -5.61 2.38 43.25
C PHE A 1237 -6.56 2.53 42.08
N ILE A 1238 -6.92 3.77 41.73
CA ILE A 1238 -7.87 3.99 40.65
C ILE A 1238 -7.26 3.55 39.32
N VAL A 1239 -5.96 3.78 39.12
CA VAL A 1239 -5.31 3.34 37.89
C VAL A 1239 -5.34 1.81 37.79
N LEU A 1240 -5.05 1.14 38.91
CA LEU A 1240 -5.07 -0.33 38.90
C LEU A 1240 -6.45 -0.87 38.60
N MET A 1241 -7.49 -0.25 39.19
CA MET A 1241 -8.84 -0.75 38.95
C MET A 1241 -9.30 -0.44 37.53
N ILE A 1242 -8.84 0.68 36.97
CA ILE A 1242 -9.12 0.96 35.55
C ILE A 1242 -8.48 -0.10 34.67
N LEU A 1243 -7.24 -0.48 34.97
CA LEU A 1243 -6.59 -1.52 34.17
C LEU A 1243 -7.33 -2.85 34.30
N LEU A 1244 -7.75 -3.21 35.51
CA LEU A 1244 -8.47 -4.46 35.70
C LEU A 1244 -9.81 -4.46 34.96
N SER A 1245 -10.57 -3.37 35.08
CA SER A 1245 -11.85 -3.28 34.40
C SER A 1245 -11.70 -3.31 32.88
N SER A 1246 -10.68 -2.63 32.35
CA SER A 1246 -10.42 -2.67 30.92
C SER A 1246 -10.04 -4.08 30.47
N GLY A 1247 -9.19 -4.76 31.24
CA GLY A 1247 -8.79 -6.11 30.86
C GLY A 1247 -9.92 -7.11 30.97
N ALA A 1248 -10.91 -6.82 31.82
CA ALA A 1248 -12.05 -7.73 31.95
C ALA A 1248 -12.89 -7.76 30.67
N LEU A 1249 -12.77 -6.73 29.83
CA LEU A 1249 -13.53 -6.69 28.59
C LEU A 1249 -12.94 -7.61 27.53
N ALA A 1250 -11.65 -7.93 27.64
CA ALA A 1250 -11.00 -8.76 26.63
C ALA A 1250 -11.45 -10.21 26.68
N PHE A 1251 -12.17 -10.63 27.72
CA PHE A 1251 -12.54 -12.02 27.90
C PHE A 1251 -13.90 -12.37 27.31
N GLU A 1252 -14.66 -11.34 26.89
CA GLU A 1252 -16.05 -11.54 26.39
C GLU A 1252 -16.06 -11.84 24.88
N ASP A 1253 -15.40 -12.92 24.47
CA ASP A 1253 -15.39 -13.37 23.08
C ASP A 1253 -16.47 -14.42 22.88
N ILE A 1254 -16.48 -15.04 21.69
CA ILE A 1254 -17.50 -16.01 21.35
C ILE A 1254 -17.38 -17.32 22.12
N TYR A 1255 -16.32 -17.49 22.91
CA TYR A 1255 -16.10 -18.70 23.69
C TYR A 1255 -16.45 -18.53 25.16
N ILE A 1256 -17.15 -17.46 25.53
CA ILE A 1256 -17.42 -17.13 26.92
C ILE A 1256 -18.30 -18.20 27.58
N GLU A 1257 -19.07 -18.93 26.77
CA GLU A 1257 -19.92 -19.97 27.33
C GLU A 1257 -19.18 -21.29 27.58
N ARG A 1258 -17.90 -21.37 27.23
CA ARG A 1258 -17.05 -22.46 27.68
C ARG A 1258 -16.35 -22.15 29.00
N LYS A 1259 -16.54 -20.95 29.53
CA LYS A 1259 -15.77 -20.46 30.68
C LYS A 1259 -16.74 -19.90 31.73
N LYS A 1260 -17.75 -20.73 32.09
CA LYS A 1260 -18.79 -20.33 33.03
C LYS A 1260 -18.23 -19.64 34.25
N THR A 1261 -17.21 -20.25 34.86
CA THR A 1261 -16.66 -19.73 36.11
C THR A 1261 -16.13 -18.30 35.93
N ILE A 1262 -15.30 -18.10 34.91
CA ILE A 1262 -14.72 -16.78 34.70
C ILE A 1262 -15.80 -15.78 34.28
N LYS A 1263 -16.86 -16.25 33.61
CA LYS A 1263 -17.95 -15.37 33.25
C LYS A 1263 -18.67 -14.85 34.49
N ILE A 1264 -18.95 -15.73 35.45
CA ILE A 1264 -19.57 -15.32 36.71
C ILE A 1264 -18.65 -14.37 37.48
N ILE A 1265 -17.35 -14.69 37.56
CA ILE A 1265 -16.41 -13.81 38.25
C ILE A 1265 -16.39 -12.44 37.59
N LEU A 1266 -16.43 -12.39 36.27
CA LEU A 1266 -16.39 -11.10 35.58
C LEU A 1266 -17.66 -10.29 35.83
N GLU A 1267 -18.82 -10.95 35.88
CA GLU A 1267 -20.04 -10.22 36.21
C GLU A 1267 -19.95 -9.59 37.61
N TYR A 1268 -19.55 -10.37 38.61
CA TYR A 1268 -19.50 -9.81 39.95
C TYR A 1268 -18.40 -8.76 40.08
N ALA A 1269 -17.27 -8.97 39.40
CA ALA A 1269 -16.23 -7.97 39.39
C ALA A 1269 -16.69 -6.67 38.75
N ASP A 1270 -17.53 -6.76 37.71
CA ASP A 1270 -18.09 -5.57 37.10
C ASP A 1270 -18.97 -4.81 38.08
N LYS A 1271 -19.76 -5.55 38.87
CA LYS A 1271 -20.54 -4.91 39.93
C LYS A 1271 -19.62 -4.18 40.91
N ILE A 1272 -18.54 -4.82 41.33
CA ILE A 1272 -17.61 -4.20 42.25
C ILE A 1272 -16.99 -2.94 41.65
N PHE A 1273 -16.61 -3.02 40.36
CA PHE A 1273 -16.00 -1.86 39.70
C PHE A 1273 -16.98 -0.69 39.66
N THR A 1274 -18.25 -0.96 39.35
CA THR A 1274 -19.24 0.11 39.33
C THR A 1274 -19.38 0.75 40.70
N TYR A 1275 -19.39 -0.08 41.76
CA TYR A 1275 -19.44 0.45 43.12
C TYR A 1275 -18.24 1.37 43.40
N ILE A 1276 -17.04 0.91 43.03
CA ILE A 1276 -15.83 1.66 43.35
C ILE A 1276 -15.82 3.00 42.60
N PHE A 1277 -16.26 3.00 41.34
CA PHE A 1277 -16.24 4.24 40.59
C PHE A 1277 -17.35 5.19 41.02
N ILE A 1278 -18.48 4.66 41.50
CA ILE A 1278 -19.48 5.52 42.15
C ILE A 1278 -18.85 6.22 43.35
N LEU A 1279 -18.11 5.47 44.17
CA LEU A 1279 -17.46 6.07 45.33
C LEU A 1279 -16.45 7.13 44.92
N GLU A 1280 -15.67 6.85 43.87
CA GLU A 1280 -14.68 7.82 43.41
C GLU A 1280 -15.34 9.09 42.93
N MET A 1281 -16.45 8.96 42.19
CA MET A 1281 -17.18 10.12 41.72
C MET A 1281 -17.71 10.96 42.89
N LEU A 1282 -18.25 10.28 43.91
CA LEU A 1282 -18.76 11.02 45.06
C LEU A 1282 -17.64 11.74 45.80
N LEU A 1283 -16.50 11.08 45.97
CA LEU A 1283 -15.36 11.72 46.62
C LEU A 1283 -14.90 12.94 45.84
N LYS A 1284 -14.83 12.82 44.51
CA LYS A 1284 -14.43 13.96 43.68
C LYS A 1284 -15.43 15.10 43.79
N TRP A 1285 -16.73 14.78 43.81
CA TRP A 1285 -17.74 15.82 43.98
C TRP A 1285 -17.55 16.57 45.29
N ILE A 1286 -17.36 15.83 46.38
CA ILE A 1286 -17.24 16.50 47.68
C ILE A 1286 -15.95 17.29 47.77
N ALA A 1287 -14.85 16.76 47.21
CA ALA A 1287 -13.57 17.45 47.31
C ALA A 1287 -13.49 18.70 46.43
N TYR A 1288 -13.93 18.61 45.18
CA TYR A 1288 -13.79 19.70 44.22
C TYR A 1288 -14.99 20.62 44.17
N GLY A 1289 -16.20 20.10 44.32
CA GLY A 1289 -17.36 20.94 44.11
C GLY A 1289 -17.89 20.83 42.69
N TYR A 1290 -19.19 21.10 42.54
CA TYR A 1290 -19.85 20.90 41.26
C TYR A 1290 -19.24 21.78 40.17
N LYS A 1291 -18.96 23.04 40.49
CA LYS A 1291 -18.42 23.96 39.49
C LYS A 1291 -17.07 23.49 38.97
N THR A 1292 -16.14 23.23 39.89
CA THR A 1292 -14.80 22.80 39.48
C THR A 1292 -14.85 21.44 38.80
N TYR A 1293 -15.68 20.52 39.32
CA TYR A 1293 -15.76 19.18 38.73
C TYR A 1293 -16.29 19.23 37.32
N PHE A 1294 -17.31 20.06 37.07
CA PHE A 1294 -17.94 20.09 35.76
C PHE A 1294 -17.33 21.13 34.82
N THR A 1295 -16.34 21.89 35.26
CA THR A 1295 -15.53 22.65 34.32
C THR A 1295 -14.42 21.81 33.71
N ASN A 1296 -14.10 20.66 34.29
CA ASN A 1296 -13.06 19.79 33.78
C ASN A 1296 -13.63 18.80 32.77
N ALA A 1297 -12.94 18.64 31.64
CA ALA A 1297 -13.39 17.72 30.60
C ALA A 1297 -13.09 16.26 30.93
N TRP A 1298 -11.95 15.98 31.54
CA TRP A 1298 -11.67 14.60 31.96
C TRP A 1298 -12.68 14.12 32.99
N CYS A 1299 -13.04 15.00 33.93
CA CYS A 1299 -14.07 14.65 34.91
C CYS A 1299 -15.42 14.43 34.22
N TRP A 1300 -15.72 15.21 33.18
CA TRP A 1300 -16.96 15.00 32.45
C TRP A 1300 -16.97 13.65 31.75
N LEU A 1301 -15.83 13.26 31.16
CA LEU A 1301 -15.73 11.95 30.53
C LEU A 1301 -15.95 10.84 31.54
N ASP A 1302 -15.30 10.94 32.70
CA ASP A 1302 -15.51 9.95 33.76
C ASP A 1302 -16.96 9.91 34.20
N PHE A 1303 -17.58 11.09 34.31
CA PHE A 1303 -18.98 11.18 34.72
C PHE A 1303 -19.90 10.47 33.72
N LEU A 1304 -19.66 10.70 32.43
CA LEU A 1304 -20.48 10.04 31.41
C LEU A 1304 -20.31 8.53 31.43
N ILE A 1305 -19.06 8.06 31.54
CA ILE A 1305 -18.82 6.61 31.55
C ILE A 1305 -19.48 5.98 32.77
N VAL A 1306 -19.30 6.59 33.94
CA VAL A 1306 -19.85 6.02 35.17
C VAL A 1306 -21.37 6.11 35.16
N ASP A 1307 -21.94 7.14 34.54
CA ASP A 1307 -23.40 7.23 34.44
C ASP A 1307 -23.95 6.11 33.56
N VAL A 1308 -23.29 5.85 32.43
CA VAL A 1308 -23.73 4.76 31.57
C VAL A 1308 -23.65 3.43 32.31
N SER A 1309 -22.56 3.21 33.05
CA SER A 1309 -22.42 1.96 33.80
C SER A 1309 -23.50 1.84 34.87
N LEU A 1310 -23.81 2.93 35.55
CA LEU A 1310 -24.84 2.90 36.59
C LEU A 1310 -26.21 2.62 36.00
N VAL A 1311 -26.53 3.23 34.84
CA VAL A 1311 -27.81 2.97 34.19
C VAL A 1311 -27.90 1.52 33.78
N THR A 1312 -26.82 0.96 33.24
CA THR A 1312 -26.82 -0.45 32.86
C THR A 1312 -27.04 -1.34 34.07
N LEU A 1313 -26.36 -1.04 35.18
CA LEU A 1313 -26.52 -1.85 36.39
C LEU A 1313 -27.95 -1.79 36.91
N VAL A 1314 -28.54 -0.59 36.94
CA VAL A 1314 -29.89 -0.46 37.47
C VAL A 1314 -30.90 -1.15 36.54
N ALA A 1315 -30.66 -1.11 35.23
CA ALA A 1315 -31.53 -1.81 34.30
C ALA A 1315 -31.43 -3.32 34.50
N ASN A 1316 -30.21 -3.82 34.68
CA ASN A 1316 -30.03 -5.25 34.90
C ASN A 1316 -30.68 -5.69 36.21
N THR A 1317 -30.55 -4.89 37.25
CA THR A 1317 -31.17 -5.17 38.54
C THR A 1317 -32.69 -5.14 38.49
N LEU A 1318 -33.27 -4.17 37.79
CA LEU A 1318 -34.73 -4.02 37.73
C LEU A 1318 -35.33 -4.89 36.63
N GLY A 1319 -34.59 -5.89 36.15
CA GLY A 1319 -35.10 -6.84 35.19
C GLY A 1319 -35.05 -6.42 33.74
N TYR A 1320 -34.58 -5.20 33.44
CA TYR A 1320 -34.50 -4.73 32.05
C TYR A 1320 -33.12 -5.09 31.49
N SER A 1321 -32.92 -6.39 31.26
CA SER A 1321 -31.66 -6.90 30.78
C SER A 1321 -31.68 -7.34 29.33
N ASP A 1322 -32.87 -7.47 28.72
CA ASP A 1322 -32.98 -7.93 27.35
C ASP A 1322 -33.66 -6.95 26.41
N LEU A 1323 -33.95 -5.73 26.87
CA LEU A 1323 -34.51 -4.72 25.98
C LEU A 1323 -33.49 -4.33 24.93
N GLY A 1324 -33.98 -4.03 23.72
CA GLY A 1324 -33.11 -3.62 22.63
C GLY A 1324 -32.29 -2.37 22.87
N PRO A 1325 -32.90 -1.28 23.35
CA PRO A 1325 -32.06 -0.12 23.74
C PRO A 1325 -31.06 -0.45 24.83
N ILE A 1326 -31.42 -1.30 25.79
CA ILE A 1326 -30.48 -1.67 26.84
C ILE A 1326 -29.38 -2.56 26.28
N LYS A 1327 -29.73 -3.45 25.35
CA LYS A 1327 -28.72 -4.31 24.76
C LYS A 1327 -27.77 -3.53 23.86
N SER A 1328 -28.26 -2.42 23.29
CA SER A 1328 -27.37 -1.54 22.52
C SER A 1328 -26.61 -0.58 23.43
N LEU A 1329 -27.09 -0.33 24.64
CA LEU A 1329 -26.32 0.45 25.61
C LEU A 1329 -25.20 -0.38 26.23
N ARG A 1330 -25.41 -1.68 26.40
CA ARG A 1330 -24.40 -2.50 27.06
C ARG A 1330 -23.17 -2.69 26.18
N THR A 1331 -23.26 -2.31 24.90
CA THR A 1331 -22.07 -2.37 24.06
C THR A 1331 -21.21 -1.12 24.23
N LEU A 1332 -21.68 -0.14 25.00
CA LEU A 1332 -20.90 1.06 25.25
C LEU A 1332 -19.90 0.89 26.39
N ARG A 1333 -19.80 -0.31 26.95
CA ARG A 1333 -18.76 -0.56 27.95
C ARG A 1333 -17.38 -0.63 27.31
N ALA A 1334 -17.30 -0.57 25.99
CA ALA A 1334 -16.00 -0.52 25.33
C ALA A 1334 -15.29 0.81 25.57
N LEU A 1335 -15.98 1.79 26.14
CA LEU A 1335 -15.42 3.11 26.38
C LEU A 1335 -14.81 3.29 27.76
N ARG A 1336 -14.85 2.27 28.63
CA ARG A 1336 -14.13 2.38 29.90
C ARG A 1336 -12.64 2.65 29.75
N PRO A 1337 -11.90 2.07 28.80
CA PRO A 1337 -10.47 2.42 28.68
C PRO A 1337 -10.21 3.90 28.47
N LEU A 1338 -11.23 4.69 28.11
CA LEU A 1338 -11.02 6.13 27.98
C LEU A 1338 -10.72 6.78 29.32
N ARG A 1339 -10.94 6.07 30.43
CA ARG A 1339 -10.56 6.60 31.73
C ARG A 1339 -9.06 6.62 31.92
N ALA A 1340 -8.32 5.91 31.06
CA ALA A 1340 -6.87 5.85 31.22
C ALA A 1340 -6.18 7.04 30.60
N LEU A 1341 -6.90 7.84 29.81
CA LEU A 1341 -6.30 9.01 29.18
C LEU A 1341 -5.84 10.04 30.21
N SER A 1342 -6.67 10.29 31.22
CA SER A 1342 -6.35 11.33 32.18
C SER A 1342 -5.34 10.87 33.23
N ARG A 1343 -5.06 9.57 33.28
CA ARG A 1343 -4.16 9.04 34.30
C ARG A 1343 -2.70 8.98 33.84
N PHE A 1344 -2.45 8.94 32.53
CA PHE A 1344 -1.10 8.80 32.00
C PHE A 1344 -0.73 10.10 31.30
N GLU A 1345 0.45 10.64 31.64
CA GLU A 1345 0.88 11.93 31.12
C GLU A 1345 1.20 11.90 29.64
N GLY A 1346 1.72 10.77 29.15
CA GLY A 1346 2.04 10.67 27.74
C GLY A 1346 0.81 10.79 26.86
N MET A 1347 -0.23 10.00 27.16
CA MET A 1347 -1.47 10.12 26.43
C MET A 1347 -2.10 11.50 26.62
N ARG A 1348 -1.97 12.08 27.81
CA ARG A 1348 -2.54 13.41 28.03
C ARG A 1348 -1.88 14.46 27.15
N VAL A 1349 -0.55 14.47 27.06
CA VAL A 1349 0.13 15.45 26.23
C VAL A 1349 -0.12 15.19 24.74
N VAL A 1350 -0.15 13.93 24.31
CA VAL A 1350 -0.46 13.66 22.91
C VAL A 1350 -1.89 14.11 22.57
N VAL A 1351 -2.85 13.86 23.47
CA VAL A 1351 -4.22 14.27 23.23
C VAL A 1351 -4.33 15.79 23.22
N ASN A 1352 -3.58 16.46 24.10
CA ASN A 1352 -3.59 17.92 24.11
C ASN A 1352 -3.08 18.47 22.79
N ALA A 1353 -2.00 17.90 22.27
CA ALA A 1353 -1.50 18.32 20.96
C ALA A 1353 -2.53 18.06 19.87
N LEU A 1354 -3.19 16.90 19.92
CA LEU A 1354 -4.18 16.58 18.88
C LEU A 1354 -5.36 17.54 18.91
N ILE A 1355 -5.88 17.84 20.11
CA ILE A 1355 -7.00 18.78 20.21
C ILE A 1355 -6.57 20.18 19.80
N GLY A 1356 -5.32 20.57 20.10
CA GLY A 1356 -4.82 21.82 19.56
C GLY A 1356 -4.75 21.83 18.05
N ALA A 1357 -4.49 20.67 17.45
CA ALA A 1357 -4.41 20.58 15.99
C ALA A 1357 -5.78 20.58 15.33
N ILE A 1358 -6.77 20.03 16.04
CA ILE A 1358 -8.14 19.85 15.47
C ILE A 1358 -8.61 21.09 14.71
N PRO A 1359 -8.69 22.30 15.31
CA PRO A 1359 -9.30 23.45 14.61
C PRO A 1359 -8.72 23.72 13.24
N SER A 1360 -7.41 23.58 13.06
CA SER A 1360 -6.81 23.78 11.75
C SER A 1360 -7.13 22.63 10.82
N ILE A 1361 -7.30 21.42 11.36
CA ILE A 1361 -7.65 20.27 10.54
C ILE A 1361 -9.06 20.42 9.98
N MET A 1362 -9.96 21.07 10.72
CA MET A 1362 -11.36 21.13 10.30
C MET A 1362 -11.53 21.87 8.97
N ASN A 1363 -10.86 23.01 8.80
CA ASN A 1363 -11.02 23.80 7.59
C ASN A 1363 -10.50 23.07 6.36
N VAL A 1364 -9.35 22.39 6.48
CA VAL A 1364 -8.72 21.60 5.37
C VAL A 1364 -9.55 20.36 5.14
N LEU A 1365 -10.26 19.87 6.13
CA LEU A 1365 -11.22 18.79 5.93
C LEU A 1365 -12.41 19.26 5.12
N LEU A 1366 -12.91 20.46 5.41
CA LEU A 1366 -14.04 21.01 4.65
C LEU A 1366 -13.66 21.22 3.18
N VAL A 1367 -12.46 21.77 2.95
CA VAL A 1367 -12.00 21.97 1.57
C VAL A 1367 -11.90 20.64 0.85
N CYS A 1368 -11.37 19.62 1.52
CA CYS A 1368 -11.25 18.30 0.93
C CYS A 1368 -12.61 17.69 0.64
N LEU A 1369 -13.59 17.91 1.53
CA LEU A 1369 -14.93 17.41 1.28
C LEU A 1369 -15.56 18.07 0.05
N ILE A 1370 -15.34 19.37 -0.12
CA ILE A 1370 -15.86 20.04 -1.32
C ILE A 1370 -15.21 19.48 -2.58
N PHE A 1371 -13.88 19.35 -2.55
CA PHE A 1371 -13.16 18.84 -3.71
C PHE A 1371 -13.59 17.41 -4.03
N TRP A 1372 -13.81 16.60 -3.00
CA TRP A 1372 -14.23 15.22 -3.21
C TRP A 1372 -15.70 15.13 -3.63
N LEU A 1373 -16.52 16.10 -3.21
CA LEU A 1373 -17.91 16.13 -3.63
C LEU A 1373 -18.01 16.39 -5.14
N ILE A 1374 -17.15 17.26 -5.66
CA ILE A 1374 -17.12 17.47 -7.11
C ILE A 1374 -16.89 16.15 -7.84
N PHE A 1375 -15.86 15.40 -7.42
CA PHE A 1375 -15.55 14.14 -8.07
C PHE A 1375 -16.63 13.09 -7.82
N SER A 1376 -17.28 13.14 -6.65
CA SER A 1376 -18.36 12.20 -6.36
C SER A 1376 -19.55 12.44 -7.28
N ILE A 1377 -19.90 13.70 -7.51
CA ILE A 1377 -21.00 14.02 -8.42
C ILE A 1377 -20.64 13.61 -9.84
N MET A 1378 -19.40 13.86 -10.26
CA MET A 1378 -18.96 13.41 -11.59
C MET A 1378 -19.06 11.89 -11.71
N GLY A 1379 -18.61 11.16 -10.69
CA GLY A 1379 -18.66 9.71 -10.74
C GLY A 1379 -20.07 9.18 -10.74
N VAL A 1380 -20.97 9.85 -10.01
CA VAL A 1380 -22.38 9.44 -10.02
C VAL A 1380 -22.98 9.67 -11.40
N ASN A 1381 -22.64 10.79 -12.03
CA ASN A 1381 -23.16 11.03 -13.38
C ASN A 1381 -22.61 10.01 -14.37
N LEU A 1382 -21.36 9.59 -14.20
CA LEU A 1382 -20.76 8.65 -15.13
C LEU A 1382 -21.28 7.23 -14.92
N PHE A 1383 -21.42 6.80 -13.66
CA PHE A 1383 -21.54 5.38 -13.35
C PHE A 1383 -22.76 4.99 -12.53
N ALA A 1384 -23.81 5.82 -12.47
CA ALA A 1384 -24.97 5.48 -11.66
C ALA A 1384 -25.75 4.31 -12.26
N GLY A 1385 -25.79 3.19 -11.54
CA GLY A 1385 -26.60 2.06 -11.93
C GLY A 1385 -26.02 1.16 -13.00
N LYS A 1386 -24.76 1.39 -13.40
CA LYS A 1386 -24.15 0.62 -14.46
C LYS A 1386 -23.25 -0.50 -13.96
N PHE A 1387 -23.16 -0.71 -12.64
CA PHE A 1387 -22.33 -1.75 -12.08
C PHE A 1387 -23.09 -3.05 -11.83
N TYR A 1388 -24.37 -3.12 -12.19
CA TYR A 1388 -25.15 -4.34 -12.10
C TYR A 1388 -24.68 -5.33 -13.14
N GLU A 1389 -24.74 -6.62 -12.80
CA GLU A 1389 -24.34 -7.67 -13.71
C GLU A 1389 -25.11 -8.95 -13.38
N CYS A 1390 -25.23 -9.81 -14.40
CA CYS A 1390 -25.82 -11.13 -14.25
C CYS A 1390 -24.68 -12.13 -14.10
N ILE A 1391 -24.57 -12.73 -12.91
CA ILE A 1391 -23.43 -13.58 -12.58
C ILE A 1391 -23.91 -15.00 -12.25
N ASN A 1392 -23.05 -15.97 -12.49
CA ASN A 1392 -23.28 -17.36 -12.13
C ASN A 1392 -22.76 -17.58 -10.71
N THR A 1393 -23.68 -17.71 -9.75
CA THR A 1393 -23.32 -17.57 -8.35
C THR A 1393 -22.36 -18.67 -7.88
N THR A 1394 -22.59 -19.90 -8.32
CA THR A 1394 -21.80 -21.02 -7.80
C THR A 1394 -20.32 -20.85 -8.08
N ASP A 1395 -19.96 -20.29 -9.24
CA ASP A 1395 -18.58 -20.02 -9.57
C ASP A 1395 -18.25 -18.53 -9.63
N GLY A 1396 -19.24 -17.65 -9.47
CA GLY A 1396 -18.99 -16.22 -9.41
C GLY A 1396 -18.39 -15.60 -10.66
N SER A 1397 -18.87 -16.00 -11.84
CA SER A 1397 -18.39 -15.45 -13.11
C SER A 1397 -19.52 -14.77 -13.85
N ARG A 1398 -19.24 -13.57 -14.36
CA ARG A 1398 -20.21 -12.84 -15.16
C ARG A 1398 -20.53 -13.61 -16.44
N PHE A 1399 -21.82 -13.70 -16.76
CA PHE A 1399 -22.21 -14.28 -18.03
C PHE A 1399 -21.74 -13.40 -19.17
N PRO A 1400 -21.51 -13.98 -20.34
CA PRO A 1400 -21.14 -13.17 -21.51
C PRO A 1400 -22.25 -12.20 -21.89
N ALA A 1401 -21.99 -11.30 -22.84
CA ALA A 1401 -23.01 -10.40 -23.33
C ALA A 1401 -23.71 -10.89 -24.59
N SER A 1402 -23.23 -11.98 -25.20
CA SER A 1402 -23.95 -12.56 -26.33
C SER A 1402 -25.25 -13.19 -25.87
N GLN A 1403 -25.19 -13.99 -24.80
CA GLN A 1403 -26.37 -14.39 -24.06
C GLN A 1403 -26.57 -13.42 -22.90
N VAL A 1404 -27.81 -13.33 -22.43
CA VAL A 1404 -28.23 -12.44 -21.35
C VAL A 1404 -27.50 -11.10 -21.42
N PRO A 1405 -27.87 -10.22 -22.36
CA PRO A 1405 -27.32 -8.86 -22.36
C PRO A 1405 -28.18 -7.83 -21.62
N ASN A 1406 -29.34 -8.23 -21.12
CA ASN A 1406 -30.28 -7.30 -20.50
C ASN A 1406 -30.72 -7.84 -19.15
N ARG A 1407 -31.35 -6.95 -18.38
CA ARG A 1407 -31.92 -7.34 -17.09
C ARG A 1407 -33.06 -8.34 -17.28
N SER A 1408 -33.91 -8.13 -18.28
CA SER A 1408 -35.02 -9.03 -18.51
C SER A 1408 -34.55 -10.42 -18.91
N GLU A 1409 -33.53 -10.50 -19.77
CA GLU A 1409 -32.91 -11.79 -20.07
C GLU A 1409 -32.30 -12.42 -18.83
N CYS A 1410 -31.71 -11.60 -17.95
CA CYS A 1410 -31.19 -12.11 -16.69
C CYS A 1410 -32.30 -12.71 -15.85
N PHE A 1411 -33.49 -12.12 -15.86
CA PHE A 1411 -34.60 -12.63 -15.04
C PHE A 1411 -35.16 -13.93 -15.63
N ALA A 1412 -35.28 -13.96 -16.95
CA ALA A 1412 -35.57 -15.22 -17.63
C ALA A 1412 -34.59 -16.30 -17.19
N LEU A 1413 -33.32 -15.99 -17.17
CA LEU A 1413 -32.36 -17.04 -16.80
C LEU A 1413 -32.47 -17.26 -15.26
N MET A 1414 -32.73 -16.27 -14.40
CA MET A 1414 -32.85 -16.52 -12.93
C MET A 1414 -33.99 -17.51 -12.69
N ASN A 1415 -35.15 -17.25 -13.28
CA ASN A 1415 -36.33 -18.13 -13.09
C ASN A 1415 -36.07 -19.45 -13.84
N VAL A 1416 -35.02 -19.49 -14.69
CA VAL A 1416 -34.65 -20.75 -15.39
C VAL A 1416 -33.55 -21.45 -14.57
N SER A 1417 -32.30 -21.04 -14.73
CA SER A 1417 -31.22 -21.63 -13.94
C SER A 1417 -31.24 -21.05 -12.53
N GLN A 1418 -31.15 -21.94 -11.54
CA GLN A 1418 -31.28 -21.53 -10.15
C GLN A 1418 -30.15 -20.61 -9.70
N ASN A 1419 -28.91 -20.97 -10.02
CA ASN A 1419 -27.74 -20.21 -9.55
C ASN A 1419 -27.43 -19.06 -10.50
N VAL A 1420 -28.34 -18.09 -10.53
CA VAL A 1420 -28.20 -16.89 -11.33
C VAL A 1420 -28.61 -15.71 -10.45
N ARG A 1421 -27.90 -14.59 -10.57
CA ARG A 1421 -28.23 -13.41 -9.80
C ARG A 1421 -27.84 -12.15 -10.56
N TRP A 1422 -28.70 -11.13 -10.50
CA TRP A 1422 -28.45 -9.80 -11.13
C TRP A 1422 -27.97 -8.86 -10.02
N LYS A 1423 -26.92 -9.24 -9.29
CA LYS A 1423 -26.43 -8.45 -8.12
C LYS A 1423 -25.68 -7.19 -8.57
N ASN A 1424 -25.32 -6.31 -7.65
CA ASN A 1424 -24.55 -5.06 -7.94
C ASN A 1424 -23.48 -4.91 -6.87
N LEU A 1425 -22.44 -4.09 -7.10
CA LEU A 1425 -21.34 -3.96 -6.16
C LEU A 1425 -21.80 -3.25 -4.89
N LYS A 1426 -21.21 -3.65 -3.76
CA LYS A 1426 -21.54 -3.03 -2.49
C LYS A 1426 -21.08 -1.59 -2.44
N VAL A 1427 -19.87 -1.32 -2.92
CA VAL A 1427 -19.32 0.03 -2.99
C VAL A 1427 -19.33 0.47 -4.44
N ASN A 1428 -20.09 1.52 -4.74
CA ASN A 1428 -20.34 1.92 -6.12
C ASN A 1428 -20.66 3.41 -6.15
N PHE A 1429 -21.18 3.89 -7.29
CA PHE A 1429 -21.52 5.29 -7.47
C PHE A 1429 -23.02 5.46 -7.69
N ASP A 1430 -23.85 4.76 -6.92
CA ASP A 1430 -25.29 4.90 -7.06
C ASP A 1430 -25.77 6.25 -6.55
N ASN A 1431 -25.17 6.74 -5.46
CA ASN A 1431 -25.48 8.07 -4.95
C ASN A 1431 -24.19 8.73 -4.49
N VAL A 1432 -24.33 9.92 -3.91
CA VAL A 1432 -23.17 10.73 -3.56
C VAL A 1432 -22.43 10.13 -2.36
N GLY A 1433 -23.15 9.58 -1.39
CA GLY A 1433 -22.49 8.97 -0.25
C GLY A 1433 -21.70 7.73 -0.63
N LEU A 1434 -22.31 6.86 -1.45
CA LEU A 1434 -21.59 5.70 -1.94
C LEU A 1434 -20.43 6.14 -2.83
N GLY A 1435 -20.59 7.25 -3.55
CA GLY A 1435 -19.48 7.81 -4.29
C GLY A 1435 -18.34 8.27 -3.38
N TYR A 1436 -18.68 8.84 -2.23
CA TYR A 1436 -17.66 9.21 -1.24
C TYR A 1436 -16.92 7.97 -0.75
N LEU A 1437 -17.66 6.90 -0.47
CA LEU A 1437 -17.01 5.66 -0.03
C LEU A 1437 -16.09 5.11 -1.11
N SER A 1438 -16.55 5.13 -2.37
CA SER A 1438 -15.73 4.67 -3.49
C SER A 1438 -14.47 5.53 -3.63
N LEU A 1439 -14.61 6.85 -3.49
CA LEU A 1439 -13.47 7.74 -3.60
C LEU A 1439 -12.48 7.50 -2.46
N LEU A 1440 -12.98 7.21 -1.26
CA LEU A 1440 -12.10 6.88 -0.15
C LEU A 1440 -11.33 5.59 -0.44
N GLN A 1441 -11.99 4.60 -1.03
CA GLN A 1441 -11.31 3.36 -1.38
C GLN A 1441 -10.27 3.61 -2.47
N VAL A 1442 -10.57 4.46 -3.43
CA VAL A 1442 -9.64 4.73 -4.52
C VAL A 1442 -8.43 5.52 -4.03
N ALA A 1443 -8.67 6.55 -3.20
CA ALA A 1443 -7.59 7.41 -2.75
C ALA A 1443 -6.59 6.64 -1.89
N THR A 1444 -7.07 5.69 -1.10
CA THR A 1444 -6.19 4.86 -0.30
C THR A 1444 -5.63 3.67 -1.08
N PHE A 1445 -6.13 3.43 -2.30
CA PHE A 1445 -5.71 2.30 -3.14
C PHE A 1445 -6.00 0.97 -2.47
N LYS A 1446 -7.15 0.86 -1.79
CA LYS A 1446 -7.58 -0.37 -1.15
C LYS A 1446 -8.99 -0.68 -1.63
N GLY A 1447 -9.14 -1.72 -2.43
CA GLY A 1447 -10.41 -2.07 -3.02
C GLY A 1447 -10.78 -1.28 -4.25
N TRP A 1448 -9.87 -0.47 -4.77
CA TRP A 1448 -10.17 0.39 -5.91
C TRP A 1448 -10.25 -0.40 -7.21
N THR A 1449 -9.51 -1.51 -7.32
CA THR A 1449 -9.41 -2.22 -8.59
C THR A 1449 -10.75 -2.77 -9.04
N ILE A 1450 -11.55 -3.28 -8.10
CA ILE A 1450 -12.89 -3.77 -8.44
C ILE A 1450 -13.73 -2.64 -9.00
N ILE A 1451 -13.64 -1.46 -8.37
CA ILE A 1451 -14.40 -0.30 -8.84
C ILE A 1451 -13.98 0.09 -10.24
N MET A 1452 -12.68 0.13 -10.52
CA MET A 1452 -12.22 0.51 -11.85
C MET A 1452 -12.59 -0.53 -12.90
N TYR A 1453 -12.55 -1.82 -12.56
CA TYR A 1453 -13.00 -2.83 -13.51
C TYR A 1453 -14.48 -2.67 -13.82
N ALA A 1454 -15.30 -2.43 -12.79
CA ALA A 1454 -16.72 -2.24 -13.02
C ALA A 1454 -16.99 -0.97 -13.83
N ALA A 1455 -16.16 0.06 -13.63
CA ALA A 1455 -16.35 1.30 -14.37
C ALA A 1455 -15.97 1.15 -15.83
N VAL A 1456 -14.87 0.46 -16.11
CA VAL A 1456 -14.44 0.28 -17.50
C VAL A 1456 -15.26 -0.78 -18.24
N ASP A 1457 -15.92 -1.69 -17.52
CA ASP A 1457 -16.82 -2.63 -18.17
C ASP A 1457 -18.22 -2.05 -18.39
N SER A 1458 -18.52 -0.90 -17.79
CA SER A 1458 -19.89 -0.38 -17.80
C SER A 1458 -20.36 -0.07 -19.21
N VAL A 1459 -21.64 -0.32 -19.46
CA VAL A 1459 -22.24 -0.07 -20.76
C VAL A 1459 -23.34 0.98 -20.61
N ASN A 1460 -24.35 0.67 -19.82
CA ASN A 1460 -25.49 1.55 -19.60
C ASN A 1460 -26.30 1.00 -18.44
N VAL A 1461 -27.44 1.63 -18.17
CA VAL A 1461 -28.34 1.15 -17.12
C VAL A 1461 -29.12 -0.03 -17.65
N ASP A 1462 -29.22 -1.09 -16.84
CA ASP A 1462 -29.88 -2.35 -17.19
C ASP A 1462 -29.24 -3.04 -18.39
N LYS A 1463 -27.94 -2.86 -18.58
CA LYS A 1463 -27.20 -3.49 -19.66
C LYS A 1463 -26.05 -4.31 -19.08
N GLN A 1464 -25.86 -5.51 -19.60
CA GLN A 1464 -24.79 -6.37 -19.12
C GLN A 1464 -23.43 -5.77 -19.50
N PRO A 1465 -22.51 -5.63 -18.56
CA PRO A 1465 -21.19 -5.07 -18.88
C PRO A 1465 -20.42 -5.97 -19.84
N LYS A 1466 -19.59 -5.33 -20.66
CA LYS A 1466 -18.69 -6.02 -21.58
C LYS A 1466 -17.26 -5.68 -21.21
N TYR A 1467 -16.34 -6.59 -21.47
CA TYR A 1467 -14.95 -6.45 -21.04
C TYR A 1467 -14.32 -5.19 -21.64
N GLU A 1468 -14.01 -4.24 -20.76
CA GLU A 1468 -13.35 -2.99 -21.15
C GLU A 1468 -14.08 -2.29 -22.28
N TYR A 1469 -15.41 -2.26 -22.19
CA TYR A 1469 -16.21 -1.48 -23.13
C TYR A 1469 -15.88 0.00 -23.02
N SER A 1470 -15.89 0.55 -21.82
CA SER A 1470 -15.47 1.91 -21.57
C SER A 1470 -14.03 1.93 -21.07
N LEU A 1471 -13.09 1.53 -21.92
CA LEU A 1471 -11.70 1.35 -21.49
C LEU A 1471 -11.11 2.64 -20.96
N TYR A 1472 -11.38 3.76 -21.61
CA TYR A 1472 -10.78 5.03 -21.26
C TYR A 1472 -11.47 5.73 -20.10
N MET A 1473 -12.24 5.00 -19.30
CA MET A 1473 -12.71 5.49 -18.01
C MET A 1473 -11.63 5.41 -16.94
N TYR A 1474 -10.48 4.82 -17.26
CA TYR A 1474 -9.34 4.84 -16.35
C TYR A 1474 -8.81 6.25 -16.16
N ILE A 1475 -9.10 7.16 -17.10
CA ILE A 1475 -8.62 8.53 -17.01
C ILE A 1475 -9.26 9.23 -15.83
N TYR A 1476 -10.53 8.94 -15.58
CA TYR A 1476 -11.22 9.52 -14.43
C TYR A 1476 -10.50 9.17 -13.14
N PHE A 1477 -10.13 7.90 -12.99
CA PHE A 1477 -9.47 7.45 -11.76
C PHE A 1477 -8.07 8.03 -11.65
N VAL A 1478 -7.35 8.13 -12.77
CA VAL A 1478 -6.01 8.72 -12.74
C VAL A 1478 -6.09 10.20 -12.32
N VAL A 1479 -7.02 10.95 -12.93
CA VAL A 1479 -7.16 12.36 -12.61
C VAL A 1479 -7.58 12.54 -11.16
N PHE A 1480 -8.52 11.72 -10.68
CA PHE A 1480 -8.92 11.83 -9.28
C PHE A 1480 -7.77 11.49 -8.36
N ILE A 1481 -7.00 10.44 -8.68
CA ILE A 1481 -5.86 10.10 -7.82
C ILE A 1481 -4.93 11.30 -7.72
N ILE A 1482 -4.54 11.86 -8.86
CA ILE A 1482 -3.64 13.03 -8.84
C ILE A 1482 -4.24 14.13 -7.97
N PHE A 1483 -5.39 14.67 -8.36
CA PHE A 1483 -5.88 15.88 -7.70
C PHE A 1483 -6.34 15.65 -6.26
N GLY A 1484 -7.12 14.60 -6.01
CA GLY A 1484 -7.66 14.38 -4.68
C GLY A 1484 -6.80 13.53 -3.77
N SER A 1485 -5.61 13.14 -4.21
CA SER A 1485 -4.66 12.52 -3.30
C SER A 1485 -3.38 13.35 -3.18
N PHE A 1486 -2.69 13.61 -4.29
CA PHE A 1486 -1.40 14.28 -4.22
C PHE A 1486 -1.57 15.70 -3.69
N PHE A 1487 -2.37 16.52 -4.37
CA PHE A 1487 -2.59 17.89 -3.95
C PHE A 1487 -3.33 17.98 -2.62
N THR A 1488 -4.29 17.09 -2.39
CA THR A 1488 -5.04 17.12 -1.13
C THR A 1488 -4.12 16.86 0.05
N LEU A 1489 -3.30 15.81 -0.03
CA LEU A 1489 -2.36 15.51 1.04
C LEU A 1489 -1.32 16.62 1.16
N ASN A 1490 -0.95 17.24 0.03
CA ASN A 1490 -0.03 18.36 0.06
C ASN A 1490 -0.59 19.50 0.90
N LEU A 1491 -1.85 19.88 0.65
CA LEU A 1491 -2.50 20.93 1.43
C LEU A 1491 -2.61 20.55 2.90
N PHE A 1492 -3.02 19.31 3.16
CA PHE A 1492 -3.20 18.85 4.54
C PHE A 1492 -1.92 18.94 5.34
N ILE A 1493 -0.81 18.41 4.79
CA ILE A 1493 0.45 18.43 5.51
C ILE A 1493 1.03 19.84 5.56
N GLY A 1494 0.77 20.64 4.52
CA GLY A 1494 1.23 22.04 4.50
C GLY A 1494 0.60 22.82 5.64
N VAL A 1495 -0.65 22.53 5.99
CA VAL A 1495 -1.37 23.21 7.10
C VAL A 1495 -0.94 22.58 8.43
N ILE A 1496 -0.63 21.28 8.42
CA ILE A 1496 -0.22 20.55 9.66
C ILE A 1496 1.12 21.11 10.11
N ILE A 1497 1.97 21.52 9.16
CA ILE A 1497 3.30 22.04 9.48
C ILE A 1497 3.18 23.35 10.24
N ASP A 1498 2.41 24.30 9.71
CA ASP A 1498 2.20 25.57 10.40
C ASP A 1498 1.51 25.39 11.74
N ASN A 1499 0.52 24.51 11.80
CA ASN A 1499 -0.19 24.31 13.06
C ASN A 1499 0.76 23.87 14.17
N PHE A 1500 1.60 22.87 13.89
CA PHE A 1500 2.49 22.37 14.92
C PHE A 1500 3.64 23.34 15.19
N ASN A 1501 4.05 24.11 14.18
CA ASN A 1501 5.07 25.14 14.42
C ASN A 1501 4.56 26.20 15.39
N GLN A 1502 3.33 26.68 15.19
CA GLN A 1502 2.77 27.64 16.14
C GLN A 1502 2.45 27.00 17.49
N GLN A 1503 2.14 25.69 17.51
CA GLN A 1503 2.02 25.02 18.80
C GLN A 1503 3.34 25.03 19.56
N LYS A 1504 4.45 24.75 18.86
CA LYS A 1504 5.76 24.77 19.50
C LYS A 1504 6.15 26.18 19.93
N LYS A 1505 5.85 27.18 19.11
CA LYS A 1505 6.28 28.55 19.41
C LYS A 1505 5.62 29.08 20.67
N LYS A 1506 4.33 28.83 20.84
CA LYS A 1506 3.59 29.49 21.91
C LYS A 1506 4.04 29.02 23.29
N LEU A 1507 4.57 27.81 23.41
CA LEU A 1507 5.00 27.27 24.68
C LEU A 1507 6.51 27.33 24.87
N GLY A 1508 7.23 28.06 24.02
CA GLY A 1508 8.64 28.30 24.21
C GLY A 1508 9.58 27.39 23.46
N GLY A 1509 9.09 26.64 22.47
CA GLY A 1509 9.94 25.76 21.68
C GLY A 1509 10.16 24.39 22.25
N GLN A 1510 9.52 24.04 23.36
CA GLN A 1510 9.66 22.71 23.92
C GLN A 1510 8.94 21.67 23.06
N ASP A 1511 9.40 20.42 23.16
CA ASP A 1511 8.76 19.34 22.42
C ASP A 1511 7.34 19.10 22.95
N ILE A 1512 6.40 18.89 22.03
CA ILE A 1512 4.99 18.84 22.42
C ILE A 1512 4.57 17.41 22.74
N PHE A 1513 5.36 16.42 22.34
CA PHE A 1513 5.00 15.03 22.55
C PHE A 1513 5.65 14.41 23.77
N MET A 1514 6.38 15.18 24.57
CA MET A 1514 7.15 14.64 25.69
C MET A 1514 6.76 15.31 26.99
N THR A 1515 6.84 14.54 28.08
CA THR A 1515 6.59 15.06 29.41
C THR A 1515 7.84 15.70 29.99
N GLU A 1516 7.69 16.35 31.13
CA GLU A 1516 8.80 17.09 31.73
C GLU A 1516 9.96 16.16 32.09
N GLU A 1517 9.65 15.02 32.72
CA GLU A 1517 10.68 14.04 33.03
C GLU A 1517 11.30 13.50 31.75
N GLN A 1518 10.48 13.24 30.73
CA GLN A 1518 11.01 12.83 29.44
C GLN A 1518 11.86 13.93 28.82
N LYS A 1519 11.54 15.21 29.10
CA LYS A 1519 12.39 16.29 28.62
C LYS A 1519 13.76 16.25 29.29
N LYS A 1520 13.79 16.01 30.60
CA LYS A 1520 15.08 15.91 31.29
C LYS A 1520 15.90 14.74 30.76
N TYR A 1521 15.27 13.57 30.59
CA TYR A 1521 15.98 12.44 30.02
C TYR A 1521 16.38 12.70 28.57
N TYR A 1522 15.60 13.51 27.85
CA TYR A 1522 15.96 13.86 26.48
C TYR A 1522 17.22 14.71 26.45
N ASN A 1523 17.33 15.67 27.38
CA ASN A 1523 18.56 16.45 27.49
C ASN A 1523 19.74 15.56 27.87
N ALA A 1524 19.51 14.63 28.81
CA ALA A 1524 20.57 13.73 29.25
C ALA A 1524 21.03 12.81 28.11
N MET A 1525 20.11 12.45 27.21
CA MET A 1525 20.50 11.67 26.04
C MET A 1525 21.19 12.55 25.00
N LYS A 1526 20.80 13.83 24.93
CA LYS A 1526 21.44 14.75 23.99
C LYS A 1526 22.90 14.97 24.34
N LYS A 1527 23.22 15.06 25.63
CA LYS A 1527 24.60 15.29 26.02
C LYS A 1527 25.47 14.07 25.70
N LEU A 1528 24.86 12.90 25.55
CA LEU A 1528 25.58 11.68 25.18
C LEU A 1528 26.20 11.77 23.79
N GLY A 1529 25.44 12.28 22.82
CA GLY A 1529 25.90 12.30 21.45
C GLY A 1529 26.77 13.48 21.10
N SER A 1530 27.07 14.33 22.09
CA SER A 1530 27.88 15.52 21.87
C SER A 1530 29.10 15.62 22.78
N LYS A 1531 29.52 14.53 23.43
CA LYS A 1531 30.68 14.58 24.31
C LYS A 1531 31.97 14.87 23.54
N LYS A 1532 32.85 15.63 24.15
CA LYS A 1532 34.19 15.87 23.62
C LYS A 1532 35.02 14.61 23.72
N PRO A 1533 36.11 14.51 22.94
CA PRO A 1533 37.00 13.35 23.06
C PRO A 1533 37.46 13.09 24.48
N GLN A 1534 37.19 11.89 24.98
CA GLN A 1534 37.54 11.55 26.35
C GLN A 1534 39.04 11.34 26.48
N LYS A 1535 39.49 11.20 27.73
CA LYS A 1535 40.90 11.00 28.01
C LYS A 1535 41.37 9.68 27.39
N PRO A 1536 42.48 9.68 26.65
CA PRO A 1536 42.98 8.44 26.07
C PRO A 1536 43.28 7.39 27.12
N ILE A 1537 42.99 6.14 26.80
CA ILE A 1537 43.21 5.02 27.70
C ILE A 1537 44.71 4.90 27.95
N PRO A 1538 45.16 4.84 29.20
CA PRO A 1538 46.60 4.76 29.45
C PRO A 1538 47.15 3.37 29.17
N ARG A 1539 48.32 3.34 28.55
CA ARG A 1539 48.95 2.09 28.15
C ARG A 1539 49.50 1.37 29.38
N PRO A 1540 49.64 0.04 29.31
CA PRO A 1540 50.19 -0.71 30.44
C PRO A 1540 51.71 -0.74 30.39
N GLY A 1541 52.33 -0.75 31.58
CA GLY A 1541 53.77 -0.68 31.66
C GLY A 1541 54.49 -1.94 31.21
N ASN A 1542 53.79 -3.08 31.18
CA ASN A 1542 54.43 -4.33 30.79
C ASN A 1542 54.76 -4.32 29.30
N LYS A 1543 55.79 -5.08 28.94
CA LYS A 1543 56.25 -5.09 27.55
C LYS A 1543 55.23 -5.77 26.64
N ILE A 1544 54.85 -7.00 26.96
CA ILE A 1544 53.88 -7.72 26.14
C ILE A 1544 52.54 -7.01 26.17
N GLN A 1545 52.12 -6.52 27.34
CA GLN A 1545 50.88 -5.78 27.43
C GLN A 1545 50.95 -4.48 26.63
N GLY A 1546 52.12 -3.86 26.58
CA GLY A 1546 52.29 -2.69 25.74
C GLY A 1546 52.18 -3.03 24.26
N CYS A 1547 52.70 -4.19 23.86
CA CYS A 1547 52.53 -4.64 22.48
C CYS A 1547 51.06 -4.87 22.15
N ILE A 1548 50.33 -5.50 23.07
CA ILE A 1548 48.89 -5.69 22.87
C ILE A 1548 48.19 -4.34 22.77
N PHE A 1549 48.64 -3.37 23.57
CA PHE A 1549 48.03 -2.05 23.54
C PHE A 1549 48.24 -1.37 22.19
N ASP A 1550 49.47 -1.40 21.68
CA ASP A 1550 49.72 -0.76 20.39
C ASP A 1550 49.10 -1.54 19.25
N LEU A 1551 48.75 -2.82 19.48
CA LEU A 1551 48.08 -3.60 18.46
C LEU A 1551 46.58 -3.28 18.41
N VAL A 1552 45.89 -3.47 19.53
CA VAL A 1552 44.42 -3.40 19.54
C VAL A 1552 43.95 -1.96 19.32
N THR A 1553 44.78 -0.98 19.68
CA THR A 1553 44.38 0.41 19.54
C THR A 1553 44.54 0.93 18.11
N ASN A 1554 45.19 0.17 17.24
CA ASN A 1554 45.38 0.59 15.86
C ASN A 1554 44.06 0.53 15.09
N GLN A 1555 43.94 1.41 14.10
CA GLN A 1555 42.76 1.40 13.23
C GLN A 1555 42.76 0.18 12.32
N ALA A 1556 43.92 -0.40 12.05
CA ALA A 1556 43.97 -1.63 11.26
C ALA A 1556 43.22 -2.75 11.96
N PHE A 1557 43.35 -2.84 13.28
CA PHE A 1557 42.60 -3.82 14.05
C PHE A 1557 41.10 -3.63 13.84
N ASP A 1558 40.63 -2.38 13.92
CA ASP A 1558 39.20 -2.13 13.78
C ASP A 1558 38.70 -2.46 12.38
N ILE A 1559 39.47 -2.10 11.34
CA ILE A 1559 38.97 -2.36 9.99
C ILE A 1559 39.01 -3.86 9.69
N SER A 1560 40.00 -4.57 10.25
CA SER A 1560 40.00 -6.02 10.12
C SER A 1560 38.81 -6.63 10.83
N ILE A 1561 38.43 -6.06 11.98
CA ILE A 1561 37.23 -6.51 12.69
C ILE A 1561 36.00 -6.32 11.81
N MET A 1562 35.90 -5.17 11.15
CA MET A 1562 34.76 -4.92 10.28
C MET A 1562 34.71 -5.90 9.11
N VAL A 1563 35.87 -6.19 8.50
CA VAL A 1563 35.84 -7.14 7.39
C VAL A 1563 35.50 -8.55 7.89
N LEU A 1564 35.95 -8.91 9.10
CA LEU A 1564 35.57 -10.21 9.66
C LEU A 1564 34.07 -10.29 9.89
N ILE A 1565 33.48 -9.21 10.40
CA ILE A 1565 32.03 -9.19 10.62
C ILE A 1565 31.29 -9.28 9.29
N CYS A 1566 31.82 -8.61 8.25
CA CYS A 1566 31.21 -8.72 6.93
C CYS A 1566 31.28 -10.14 6.40
N LEU A 1567 32.41 -10.82 6.61
CA LEU A 1567 32.52 -12.22 6.19
C LEU A 1567 31.53 -13.10 6.95
N ASN A 1568 31.34 -12.82 8.24
CA ASN A 1568 30.33 -13.55 9.01
C ASN A 1568 28.93 -13.29 8.45
N MET A 1569 28.65 -12.06 8.05
CA MET A 1569 27.37 -11.73 7.44
C MET A 1569 27.17 -12.53 6.15
N VAL A 1570 28.20 -12.61 5.33
CA VAL A 1570 28.12 -13.39 4.10
C VAL A 1570 27.87 -14.87 4.43
N THR A 1571 28.57 -15.38 5.44
CA THR A 1571 28.38 -16.76 5.85
C THR A 1571 26.93 -17.03 6.24
N MET A 1572 26.31 -16.09 6.95
CA MET A 1572 24.90 -16.27 7.31
C MET A 1572 23.99 -16.09 6.10
N MET A 1573 24.41 -15.30 5.11
CA MET A 1573 23.60 -15.13 3.91
C MET A 1573 23.64 -16.38 3.03
N VAL A 1574 24.69 -17.18 3.13
CA VAL A 1574 24.82 -18.37 2.28
C VAL A 1574 23.72 -19.38 2.59
N GLU A 1575 23.22 -19.40 3.83
CA GLU A 1575 22.25 -20.42 4.24
C GLU A 1575 20.98 -20.33 3.42
N LYS A 1576 20.40 -21.49 3.10
CA LYS A 1576 19.22 -21.56 2.25
C LYS A 1576 18.40 -22.80 2.60
N GLU A 1577 17.16 -22.80 2.15
CA GLU A 1577 16.26 -23.94 2.33
C GLU A 1577 16.69 -25.10 1.45
N GLY A 1578 16.72 -26.30 2.05
CA GLY A 1578 17.03 -27.50 1.31
C GLY A 1578 18.50 -27.76 1.10
N GLN A 1579 19.38 -27.02 1.78
CA GLN A 1579 20.81 -27.25 1.64
C GLN A 1579 21.20 -28.60 2.23
N SER A 1580 22.26 -29.18 1.68
CA SER A 1580 22.71 -30.48 2.10
C SER A 1580 23.30 -30.44 3.52
N GLN A 1581 23.57 -31.61 4.07
CA GLN A 1581 24.17 -31.70 5.39
C GLN A 1581 25.63 -31.28 5.38
N HIS A 1582 26.32 -31.48 4.26
CA HIS A 1582 27.70 -31.03 4.14
C HIS A 1582 27.79 -29.52 4.26
N MET A 1583 26.88 -28.80 3.58
CA MET A 1583 26.85 -27.35 3.70
C MET A 1583 26.54 -26.92 5.13
N THR A 1584 25.62 -27.64 5.79
CA THR A 1584 25.28 -27.31 7.17
C THR A 1584 26.50 -27.45 8.07
N GLU A 1585 27.24 -28.55 7.92
CA GLU A 1585 28.45 -28.75 8.73
C GLU A 1585 29.49 -27.68 8.44
N VAL A 1586 29.69 -27.36 7.16
CA VAL A 1586 30.71 -26.37 6.80
C VAL A 1586 30.36 -25.02 7.40
N LEU A 1587 29.10 -24.59 7.27
CA LEU A 1587 28.69 -23.31 7.82
C LEU A 1587 28.78 -23.30 9.34
N TYR A 1588 28.44 -24.42 9.98
CA TYR A 1588 28.54 -24.52 11.43
C TYR A 1588 29.98 -24.35 11.89
N TRP A 1589 30.92 -25.00 11.21
CA TRP A 1589 32.32 -24.89 11.61
C TRP A 1589 32.88 -23.49 11.33
N ILE A 1590 32.45 -22.87 10.23
CA ILE A 1590 32.89 -21.50 9.96
C ILE A 1590 32.38 -20.55 11.04
N ASN A 1591 31.11 -20.71 11.45
CA ASN A 1591 30.56 -19.87 12.51
C ASN A 1591 31.29 -20.11 13.82
N VAL A 1592 31.63 -21.37 14.12
CA VAL A 1592 32.39 -21.68 15.32
C VAL A 1592 33.74 -20.99 15.30
N VAL A 1593 34.42 -21.04 14.15
CA VAL A 1593 35.72 -20.38 14.03
C VAL A 1593 35.59 -18.88 14.25
N PHE A 1594 34.53 -18.28 13.71
CA PHE A 1594 34.30 -16.85 13.92
C PHE A 1594 34.07 -16.55 15.39
N ILE A 1595 33.34 -17.43 16.08
CA ILE A 1595 33.08 -17.24 17.51
C ILE A 1595 34.38 -17.27 18.30
N ILE A 1596 35.27 -18.21 17.99
CA ILE A 1596 36.58 -18.36 18.68
C ILE A 1596 37.47 -17.18 18.34
N LEU A 1597 37.36 -16.60 17.16
CA LEU A 1597 38.11 -15.40 16.83
C LEU A 1597 37.62 -14.19 17.61
N PHE A 1598 36.31 -13.96 17.61
CA PHE A 1598 35.68 -12.79 18.28
C PHE A 1598 35.91 -12.86 19.79
N THR A 1599 35.69 -14.03 20.40
CA THR A 1599 35.88 -14.22 21.86
C THR A 1599 37.34 -13.96 22.20
N GLY A 1600 38.26 -14.46 21.37
CA GLY A 1600 39.70 -14.24 21.54
C GLY A 1600 39.98 -12.75 21.51
N GLU A 1601 39.50 -12.02 20.49
CA GLU A 1601 39.66 -10.55 20.42
C GLU A 1601 39.13 -9.86 21.67
N CYS A 1602 38.06 -10.37 22.28
CA CYS A 1602 37.57 -9.82 23.53
C CYS A 1602 38.56 -10.05 24.66
N VAL A 1603 39.17 -11.24 24.70
CA VAL A 1603 40.14 -11.55 25.74
C VAL A 1603 41.37 -10.67 25.59
N LEU A 1604 41.82 -10.43 24.36
CA LEU A 1604 42.95 -9.55 24.12
C LEU A 1604 42.66 -8.12 24.56
N LYS A 1605 41.47 -7.61 24.23
CA LYS A 1605 41.10 -6.26 24.67
C LYS A 1605 41.00 -6.18 26.19
N LEU A 1606 40.47 -7.23 26.82
CA LEU A 1606 40.39 -7.27 28.27
C LEU A 1606 41.76 -7.25 28.92
N ILE A 1607 42.70 -8.04 28.39
CA ILE A 1607 44.06 -8.05 28.90
C ILE A 1607 44.74 -6.71 28.73
N SER A 1608 44.59 -6.08 27.57
CA SER A 1608 45.28 -4.83 27.28
C SER A 1608 44.67 -3.62 27.99
N LEU A 1609 43.40 -3.33 27.72
CA LEU A 1609 42.76 -2.13 28.23
C LEU A 1609 42.46 -2.20 29.72
N ARG A 1610 42.69 -3.37 30.31
CA ARG A 1610 42.41 -3.61 31.76
C ARG A 1610 41.00 -3.12 32.07
N HIS A 1611 40.83 -2.30 33.10
CA HIS A 1611 39.49 -1.90 33.49
C HIS A 1611 38.94 -0.79 32.62
N TYR A 1612 39.76 -0.17 31.78
CA TYR A 1612 39.28 0.86 30.87
C TYR A 1612 38.47 0.28 29.72
N TYR A 1613 38.46 -1.04 29.55
CA TYR A 1613 37.63 -1.66 28.53
C TYR A 1613 36.16 -1.40 28.80
N PHE A 1614 35.74 -1.49 30.07
CA PHE A 1614 34.35 -1.32 30.42
C PHE A 1614 33.92 0.13 30.51
N THR A 1615 34.87 1.08 30.48
CA THR A 1615 34.55 2.49 30.57
C THR A 1615 33.90 3.01 29.28
N VAL A 1616 33.94 2.24 28.20
CA VAL A 1616 33.33 2.62 26.94
C VAL A 1616 32.10 1.73 26.72
N GLY A 1617 30.98 2.34 26.36
CA GLY A 1617 29.76 1.58 26.19
C GLY A 1617 29.82 0.60 25.04
N TRP A 1618 30.55 0.95 23.98
CA TRP A 1618 30.62 0.07 22.83
C TRP A 1618 31.35 -1.24 23.16
N ASN A 1619 32.42 -1.16 23.95
CA ASN A 1619 33.07 -2.39 24.39
C ASN A 1619 32.17 -3.19 25.33
N ILE A 1620 31.32 -2.50 26.10
CA ILE A 1620 30.34 -3.21 26.92
C ILE A 1620 29.40 -4.01 26.04
N PHE A 1621 28.90 -3.37 24.98
CA PHE A 1621 28.00 -4.06 24.05
C PHE A 1621 28.72 -5.23 23.39
N ASP A 1622 29.99 -5.04 23.02
CA ASP A 1622 30.76 -6.10 22.40
C ASP A 1622 30.92 -7.30 23.34
N PHE A 1623 31.26 -7.04 24.60
CA PHE A 1623 31.42 -8.12 25.57
C PHE A 1623 30.09 -8.86 25.74
N VAL A 1624 29.00 -8.11 25.87
CA VAL A 1624 27.69 -8.73 26.07
C VAL A 1624 27.34 -9.60 24.86
N VAL A 1625 27.59 -9.11 23.65
CA VAL A 1625 27.14 -9.83 22.47
C VAL A 1625 27.99 -11.08 22.25
N VAL A 1626 29.27 -11.03 22.60
CA VAL A 1626 30.17 -12.22 22.48
C VAL A 1626 29.72 -13.25 23.53
N ILE A 1627 29.21 -12.81 24.69
CA ILE A 1627 28.68 -13.74 25.68
C ILE A 1627 27.40 -14.39 25.17
N ILE A 1628 26.49 -13.59 24.60
CA ILE A 1628 25.26 -14.14 24.06
C ILE A 1628 25.55 -15.10 22.91
N SER A 1629 26.54 -14.78 22.08
CA SER A 1629 26.88 -15.65 20.96
C SER A 1629 27.31 -17.03 21.46
N ILE A 1630 28.25 -17.06 22.41
CA ILE A 1630 28.73 -18.33 22.93
C ILE A 1630 27.60 -19.11 23.59
N VAL A 1631 26.85 -18.43 24.47
CA VAL A 1631 25.79 -19.12 25.22
C VAL A 1631 24.71 -19.63 24.28
N GLY A 1632 24.30 -18.81 23.31
CA GLY A 1632 23.25 -19.21 22.41
C GLY A 1632 23.67 -20.34 21.48
N MET A 1633 24.93 -20.31 21.02
CA MET A 1633 25.41 -21.41 20.20
C MET A 1633 25.41 -22.71 20.98
N PHE A 1634 25.90 -22.68 22.22
CA PHE A 1634 25.90 -23.90 23.03
C PHE A 1634 24.48 -24.39 23.31
N LEU A 1635 23.57 -23.47 23.64
CA LEU A 1635 22.20 -23.85 23.94
C LEU A 1635 21.48 -24.39 22.71
N ALA A 1636 21.71 -23.78 21.55
CA ALA A 1636 21.11 -24.27 20.32
C ALA A 1636 21.63 -25.65 19.96
N ASP A 1637 22.93 -25.88 20.14
CA ASP A 1637 23.46 -27.22 19.94
C ASP A 1637 22.82 -28.22 20.89
N LEU A 1638 22.67 -27.84 22.16
CA LEU A 1638 22.06 -28.73 23.14
C LEU A 1638 20.63 -29.08 22.75
N ILE A 1639 19.87 -28.07 22.31
CA ILE A 1639 18.47 -28.32 21.97
C ILE A 1639 18.36 -29.16 20.70
N GLU A 1640 19.21 -28.88 19.70
CA GLU A 1640 19.12 -29.62 18.44
C GLU A 1640 19.63 -31.05 18.59
N THR A 1641 20.44 -31.32 19.61
CA THR A 1641 20.96 -32.68 19.80
C THR A 1641 20.14 -33.49 20.80
N TYR A 1642 19.77 -32.91 21.95
CA TYR A 1642 19.13 -33.65 23.02
C TYR A 1642 17.69 -33.21 23.27
N PHE A 1643 17.05 -32.57 22.30
CA PHE A 1643 15.69 -32.08 22.48
C PHE A 1643 15.01 -31.96 21.12
N VAL A 1644 13.69 -31.79 21.14
CA VAL A 1644 12.89 -31.63 19.93
C VAL A 1644 12.08 -30.34 20.11
N SER A 1645 12.59 -29.24 19.57
CA SER A 1645 11.89 -27.96 19.62
C SER A 1645 12.45 -27.05 18.53
N PRO A 1646 11.99 -27.21 17.29
CA PRO A 1646 12.50 -26.35 16.21
C PRO A 1646 12.23 -24.88 16.44
N THR A 1647 11.08 -24.52 17.01
CA THR A 1647 10.75 -23.12 17.24
C THR A 1647 11.74 -22.49 18.21
N LEU A 1648 11.95 -23.13 19.37
CA LEU A 1648 12.91 -22.64 20.33
C LEU A 1648 14.30 -22.59 19.74
N PHE A 1649 14.66 -23.63 18.95
CA PHE A 1649 15.95 -23.66 18.29
C PHE A 1649 16.17 -22.40 17.46
N ARG A 1650 15.18 -22.04 16.64
CA ARG A 1650 15.30 -20.84 15.81
C ARG A 1650 15.37 -19.58 16.67
N VAL A 1651 14.57 -19.52 17.73
CA VAL A 1651 14.53 -18.32 18.56
C VAL A 1651 15.88 -18.05 19.21
N ILE A 1652 16.52 -19.09 19.76
CA ILE A 1652 17.86 -18.83 20.32
C ILE A 1652 18.93 -18.71 19.25
N ARG A 1653 18.80 -19.38 18.11
CA ARG A 1653 19.76 -19.17 17.04
C ARG A 1653 19.66 -17.78 16.43
N LEU A 1654 18.60 -17.03 16.75
CA LEU A 1654 18.56 -15.63 16.39
C LEU A 1654 19.62 -14.80 17.12
N ALA A 1655 20.26 -15.36 18.15
CA ALA A 1655 21.31 -14.63 18.85
C ALA A 1655 22.53 -14.39 17.96
N ARG A 1656 22.60 -15.09 16.83
CA ARG A 1656 23.69 -14.88 15.88
C ARG A 1656 23.68 -13.48 15.27
N ILE A 1657 22.53 -12.81 15.31
CA ILE A 1657 22.39 -11.50 14.67
C ILE A 1657 23.24 -10.45 15.37
N GLY A 1658 23.48 -10.60 16.67
CA GLY A 1658 24.17 -9.55 17.42
C GLY A 1658 25.56 -9.25 16.89
N ARG A 1659 26.27 -10.27 16.43
CA ARG A 1659 27.61 -10.05 15.89
C ARG A 1659 27.58 -9.10 14.71
N ILE A 1660 26.56 -9.17 13.86
CA ILE A 1660 26.45 -8.32 12.66
C ILE A 1660 25.91 -6.95 13.08
N LEU A 1661 25.24 -6.82 14.23
CA LEU A 1661 24.81 -5.50 14.69
C LEU A 1661 25.98 -4.61 15.10
N ARG A 1662 27.19 -5.18 15.22
CA ARG A 1662 28.37 -4.40 15.57
C ARG A 1662 28.92 -3.59 14.40
N LEU A 1663 28.39 -3.78 13.19
CA LEU A 1663 28.84 -3.00 12.04
C LEU A 1663 28.47 -1.53 12.17
N VAL A 1664 27.47 -1.19 12.99
CA VAL A 1664 27.06 0.20 13.12
C VAL A 1664 28.12 1.00 13.88
N LYS A 1665 29.04 0.31 14.55
CA LYS A 1665 30.13 1.00 15.24
C LYS A 1665 31.04 1.74 14.27
N GLY A 1666 31.37 1.10 13.15
CA GLY A 1666 32.29 1.72 12.20
C GLY A 1666 31.62 2.76 11.33
N ALA A 1667 30.34 2.56 11.01
CA ALA A 1667 29.61 3.47 10.14
C ALA A 1667 29.13 4.66 10.95
N LYS A 1668 29.70 5.83 10.69
CA LYS A 1668 29.37 7.01 11.50
C LYS A 1668 28.00 7.56 11.14
N GLY A 1669 27.66 7.60 9.86
CA GLY A 1669 26.39 8.16 9.45
C GLY A 1669 25.20 7.37 9.98
N ILE A 1670 25.24 6.05 9.75
CA ILE A 1670 24.15 5.13 10.19
C ILE A 1670 24.10 5.18 11.72
N ARG A 1671 25.22 5.39 12.40
CA ARG A 1671 25.23 5.59 13.85
C ARG A 1671 24.49 6.88 14.22
N THR A 1672 24.67 7.93 13.43
CA THR A 1672 23.95 9.18 13.70
C THR A 1672 22.45 9.02 13.53
N LEU A 1673 22.02 8.31 12.48
CA LEU A 1673 20.58 8.07 12.31
C LEU A 1673 20.03 7.21 13.44
N LEU A 1674 20.78 6.21 13.89
CA LEU A 1674 20.31 5.41 15.02
C LEU A 1674 20.24 6.25 16.29
N PHE A 1675 21.16 7.19 16.47
CA PHE A 1675 21.07 8.11 17.61
C PHE A 1675 19.82 8.97 17.51
N ALA A 1676 19.49 9.43 16.30
CA ALA A 1676 18.26 10.20 16.12
C ALA A 1676 17.04 9.36 16.48
N LEU A 1677 17.03 8.09 16.08
CA LEU A 1677 15.93 7.21 16.46
C LEU A 1677 15.83 7.06 17.98
N MET A 1678 16.98 6.87 18.63
CA MET A 1678 16.99 6.74 20.09
C MET A 1678 16.45 7.99 20.76
N MET A 1679 16.83 9.16 20.25
CA MET A 1679 16.28 10.42 20.77
C MET A 1679 14.78 10.52 20.53
N SER A 1680 14.30 10.01 19.40
CA SER A 1680 12.87 10.08 19.08
C SER A 1680 12.04 9.03 19.80
N LEU A 1681 12.67 8.06 20.46
CA LEU A 1681 11.94 6.96 21.08
C LEU A 1681 10.90 7.38 22.12
N PRO A 1682 11.18 8.31 23.05
CA PRO A 1682 10.16 8.62 24.09
C PRO A 1682 8.84 9.13 23.52
N ALA A 1683 8.89 10.11 22.63
CA ALA A 1683 7.66 10.62 22.03
C ALA A 1683 6.94 9.52 21.26
N LEU A 1684 7.70 8.68 20.55
CA LEU A 1684 7.09 7.54 19.89
C LEU A 1684 6.45 6.60 20.89
N PHE A 1685 7.03 6.48 22.08
CA PHE A 1685 6.41 5.65 23.12
C PHE A 1685 5.06 6.22 23.55
N ASN A 1686 4.99 7.53 23.76
CA ASN A 1686 3.71 8.14 24.16
C ASN A 1686 2.65 7.95 23.08
N ILE A 1687 3.03 8.22 21.83
CA ILE A 1687 2.07 8.08 20.74
C ILE A 1687 1.67 6.62 20.56
N GLY A 1688 2.60 5.69 20.78
CA GLY A 1688 2.26 4.28 20.71
C GLY A 1688 1.31 3.85 21.81
N LEU A 1689 1.47 4.40 23.01
CA LEU A 1689 0.49 4.14 24.06
C LEU A 1689 -0.90 4.62 23.67
N LEU A 1690 -0.99 5.84 23.12
CA LEU A 1690 -2.29 6.33 22.67
C LEU A 1690 -2.89 5.43 21.59
N LEU A 1691 -2.06 5.05 20.60
CA LEU A 1691 -2.54 4.20 19.52
C LEU A 1691 -2.98 2.84 20.03
N PHE A 1692 -2.25 2.26 20.98
CA PHE A 1692 -2.64 0.97 21.53
C PHE A 1692 -3.95 1.07 22.29
N LEU A 1693 -4.16 2.17 23.02
CA LEU A 1693 -5.44 2.33 23.73
C LEU A 1693 -6.61 2.45 22.74
N VAL A 1694 -6.42 3.22 21.68
CA VAL A 1694 -7.48 3.34 20.67
C VAL A 1694 -7.74 1.99 20.01
N MET A 1695 -6.68 1.25 19.70
CA MET A 1695 -6.83 -0.08 19.11
C MET A 1695 -7.55 -1.02 20.05
N PHE A 1696 -7.27 -0.94 21.36
CA PHE A 1696 -7.98 -1.75 22.35
C PHE A 1696 -9.47 -1.45 22.35
N ILE A 1697 -9.83 -0.16 22.35
CA ILE A 1697 -11.25 0.20 22.34
C ILE A 1697 -11.93 -0.32 21.08
N TYR A 1698 -11.30 -0.12 19.93
CA TYR A 1698 -11.89 -0.60 18.69
C TYR A 1698 -11.96 -2.12 18.64
N ALA A 1699 -11.01 -2.81 19.29
CA ALA A 1699 -11.05 -4.26 19.36
C ALA A 1699 -12.24 -4.74 20.17
N ILE A 1700 -12.50 -4.09 21.31
CA ILE A 1700 -13.66 -4.46 22.11
C ILE A 1700 -14.95 -4.23 21.32
N PHE A 1701 -15.03 -3.09 20.63
CA PHE A 1701 -16.22 -2.81 19.83
C PHE A 1701 -16.39 -3.81 18.70
N GLY A 1702 -15.30 -4.18 18.04
CA GLY A 1702 -15.39 -5.16 16.97
C GLY A 1702 -15.79 -6.54 17.47
N MET A 1703 -15.28 -6.94 18.63
CA MET A 1703 -15.71 -8.19 19.23
C MET A 1703 -17.20 -8.16 19.54
N SER A 1704 -17.70 -7.02 20.03
CA SER A 1704 -19.11 -6.91 20.35
C SER A 1704 -20.00 -6.94 19.11
N ASN A 1705 -19.54 -6.34 18.01
CA ASN A 1705 -20.38 -6.18 16.82
C ASN A 1705 -20.17 -7.24 15.75
N PHE A 1706 -18.96 -7.40 15.22
CA PHE A 1706 -18.72 -8.19 14.01
C PHE A 1706 -18.21 -9.59 14.33
N ALA A 1707 -18.62 -10.16 15.47
CA ALA A 1707 -18.17 -11.50 15.83
C ALA A 1707 -18.86 -12.59 15.02
N TYR A 1708 -20.10 -12.37 14.58
CA TYR A 1708 -20.87 -13.40 13.90
C TYR A 1708 -21.12 -13.06 12.43
N VAL A 1709 -20.36 -12.13 11.87
CA VAL A 1709 -20.50 -11.77 10.46
C VAL A 1709 -19.94 -12.89 9.58
N LYS A 1710 -20.54 -13.05 8.40
CA LYS A 1710 -20.16 -14.14 7.50
C LYS A 1710 -18.68 -14.11 7.18
N LYS A 1711 -18.07 -15.29 7.11
CA LYS A 1711 -16.64 -15.43 6.84
C LYS A 1711 -16.42 -15.46 5.33
N GLU A 1712 -16.27 -14.27 4.77
CA GLU A 1712 -15.91 -14.08 3.37
C GLU A 1712 -15.00 -12.86 3.26
N ASP A 1713 -14.46 -12.66 2.06
CA ASP A 1713 -13.58 -11.51 1.76
C ASP A 1713 -12.41 -11.54 2.73
N GLY A 1714 -12.15 -10.47 3.49
CA GLY A 1714 -11.02 -10.48 4.41
C GLY A 1714 -11.29 -11.21 5.70
N ILE A 1715 -12.54 -11.60 5.94
CA ILE A 1715 -12.90 -12.31 7.16
C ILE A 1715 -12.89 -13.81 6.88
N ASN A 1716 -12.11 -14.55 7.68
CA ASN A 1716 -11.95 -15.98 7.48
C ASN A 1716 -11.73 -16.64 8.83
N ASP A 1717 -11.25 -17.88 8.82
CA ASP A 1717 -11.16 -18.67 10.05
C ASP A 1717 -10.09 -18.15 10.99
N MET A 1718 -9.12 -17.39 10.48
CA MET A 1718 -8.01 -16.90 11.29
C MET A 1718 -8.01 -15.38 11.47
N PHE A 1719 -8.59 -14.63 10.55
CA PHE A 1719 -8.57 -13.17 10.57
C PHE A 1719 -10.01 -12.67 10.62
N ASN A 1720 -10.54 -12.56 11.84
CA ASN A 1720 -11.92 -12.17 12.07
C ASN A 1720 -11.97 -11.40 13.38
N PHE A 1721 -13.19 -11.16 13.88
CA PHE A 1721 -13.40 -10.43 15.13
C PHE A 1721 -13.98 -11.33 16.22
N GLU A 1722 -13.69 -12.63 16.19
CA GLU A 1722 -14.28 -13.54 17.17
C GLU A 1722 -13.63 -13.38 18.54
N THR A 1723 -12.32 -13.23 18.58
CA THR A 1723 -11.59 -13.14 19.85
C THR A 1723 -10.81 -11.83 19.91
N PHE A 1724 -10.26 -11.54 21.08
CA PHE A 1724 -9.45 -10.34 21.25
C PHE A 1724 -8.18 -10.40 20.43
N GLY A 1725 -7.53 -11.57 20.42
CA GLY A 1725 -6.33 -11.73 19.60
C GLY A 1725 -6.61 -11.52 18.13
N ASN A 1726 -7.68 -12.12 17.62
CA ASN A 1726 -8.03 -11.95 16.22
C ASN A 1726 -8.37 -10.51 15.90
N SER A 1727 -9.10 -9.84 16.81
CA SER A 1727 -9.45 -8.45 16.58
C SER A 1727 -8.23 -7.56 16.53
N MET A 1728 -7.25 -7.80 17.42
CA MET A 1728 -6.02 -7.01 17.39
C MET A 1728 -5.19 -7.32 16.15
N ILE A 1729 -5.19 -8.59 15.72
CA ILE A 1729 -4.56 -8.96 14.46
C ILE A 1729 -5.14 -8.13 13.32
N CYS A 1730 -6.47 -8.05 13.27
CA CYS A 1730 -7.13 -7.37 12.15
C CYS A 1730 -6.93 -5.86 12.24
N LEU A 1731 -6.90 -5.30 13.45
CA LEU A 1731 -6.78 -3.85 13.59
C LEU A 1731 -5.36 -3.37 13.34
N PHE A 1732 -4.37 -4.17 13.73
CA PHE A 1732 -2.98 -3.80 13.41
C PHE A 1732 -2.77 -3.77 11.91
N GLN A 1733 -3.42 -4.69 11.18
CA GLN A 1733 -3.29 -4.73 9.73
C GLN A 1733 -3.81 -3.44 9.09
N ILE A 1734 -4.99 -2.98 9.50
CA ILE A 1734 -5.59 -1.79 8.89
C ILE A 1734 -5.14 -0.50 9.55
N THR A 1735 -4.23 -0.57 10.52
CA THR A 1735 -3.59 0.66 11.00
C THR A 1735 -2.82 1.34 9.90
N THR A 1736 -2.23 0.57 8.99
CA THR A 1736 -1.60 1.08 7.79
C THR A 1736 -2.57 1.19 6.62
N SER A 1737 -3.87 1.01 6.88
CA SER A 1737 -4.97 1.00 5.92
C SER A 1737 -4.98 -0.26 5.06
N ALA A 1738 -4.13 -1.23 5.34
CA ALA A 1738 -4.00 -2.38 4.46
C ALA A 1738 -5.20 -3.31 4.57
N GLY A 1739 -5.91 -3.49 3.46
CA GLY A 1739 -6.98 -4.49 3.41
C GLY A 1739 -8.22 -4.14 4.19
N TRP A 1740 -8.49 -2.85 4.42
CA TRP A 1740 -9.68 -2.48 5.18
C TRP A 1740 -10.95 -2.69 4.38
N ASP A 1741 -10.86 -2.64 3.05
CA ASP A 1741 -12.03 -2.93 2.22
C ASP A 1741 -12.47 -4.39 2.35
N GLY A 1742 -11.50 -5.30 2.41
CA GLY A 1742 -11.84 -6.71 2.56
C GLY A 1742 -12.50 -7.01 3.88
N LEU A 1743 -12.10 -6.30 4.94
CA LEU A 1743 -12.79 -6.42 6.21
C LEU A 1743 -14.17 -5.80 6.17
N LEU A 1744 -14.32 -4.64 5.52
CA LEU A 1744 -15.61 -3.95 5.51
C LEU A 1744 -16.65 -4.70 4.69
N ALA A 1745 -16.23 -5.34 3.60
CA ALA A 1745 -17.19 -5.94 2.66
C ALA A 1745 -18.17 -6.92 3.29
N PRO A 1746 -17.76 -7.87 4.15
CA PRO A 1746 -18.76 -8.77 4.74
C PRO A 1746 -19.77 -8.08 5.65
N ILE A 1747 -19.42 -6.92 6.22
CA ILE A 1747 -20.35 -6.20 7.07
C ILE A 1747 -21.44 -5.55 6.24
N LEU A 1748 -21.13 -5.17 5.00
CA LEU A 1748 -22.10 -4.45 4.18
C LEU A 1748 -23.26 -5.34 3.77
N ASN A 1749 -23.17 -6.65 4.01
CA ASN A 1749 -24.30 -7.53 3.82
C ASN A 1749 -25.35 -7.25 4.89
N SER A 1750 -26.59 -6.97 4.47
CA SER A 1750 -27.63 -6.63 5.42
C SER A 1750 -28.92 -7.41 5.17
N LYS A 1751 -29.14 -7.83 3.93
CA LYS A 1751 -30.38 -8.48 3.56
C LYS A 1751 -30.09 -9.71 2.71
N PRO A 1752 -31.00 -10.68 2.70
CA PRO A 1752 -30.80 -11.87 1.86
C PRO A 1752 -30.86 -11.50 0.39
N PRO A 1753 -30.21 -12.29 -0.48
CA PRO A 1753 -29.46 -13.52 -0.21
C PRO A 1753 -28.01 -13.25 0.17
N ASP A 1754 -27.65 -11.99 0.46
CA ASP A 1754 -26.28 -11.70 0.88
C ASP A 1754 -25.96 -12.37 2.21
N CYS A 1755 -26.91 -12.36 3.14
CA CYS A 1755 -26.71 -12.94 4.47
C CYS A 1755 -27.96 -13.70 4.85
N ASP A 1756 -27.92 -14.34 6.02
CA ASP A 1756 -29.06 -15.08 6.56
C ASP A 1756 -29.43 -14.52 7.91
N PRO A 1757 -30.55 -13.80 8.05
CA PRO A 1757 -30.89 -13.19 9.34
C PRO A 1757 -31.22 -14.19 10.43
N LYS A 1758 -31.51 -15.45 10.08
CA LYS A 1758 -31.84 -16.49 11.06
C LYS A 1758 -30.81 -17.61 11.04
N LYS A 1759 -29.54 -17.25 10.90
CA LYS A 1759 -28.46 -18.23 10.96
C LYS A 1759 -28.27 -18.70 12.40
N VAL A 1760 -28.29 -20.00 12.61
CA VAL A 1760 -28.14 -20.57 13.94
C VAL A 1760 -26.67 -20.93 14.16
N HIS A 1761 -26.08 -20.36 15.21
CA HIS A 1761 -24.68 -20.63 15.53
C HIS A 1761 -24.62 -21.59 16.71
N PRO A 1762 -24.14 -22.82 16.53
CA PRO A 1762 -24.08 -23.76 17.64
C PRO A 1762 -23.24 -23.23 18.80
N GLY A 1763 -23.69 -23.50 20.02
CA GLY A 1763 -23.01 -23.05 21.21
C GLY A 1763 -23.31 -21.63 21.63
N SER A 1764 -24.10 -20.89 20.87
CA SER A 1764 -24.45 -19.52 21.23
C SER A 1764 -25.90 -19.26 20.86
N SER A 1765 -26.47 -18.27 21.52
CA SER A 1765 -27.85 -17.86 21.28
C SER A 1765 -27.97 -16.71 20.28
N VAL A 1766 -26.84 -16.20 19.76
CA VAL A 1766 -26.89 -15.16 18.76
C VAL A 1766 -27.39 -15.73 17.45
N GLU A 1767 -28.33 -15.03 16.81
CA GLU A 1767 -28.98 -15.49 15.60
C GLU A 1767 -28.72 -14.50 14.47
N GLY A 1768 -28.30 -15.02 13.32
CA GLY A 1768 -28.07 -14.18 12.15
C GLY A 1768 -26.62 -13.88 11.88
N ASP A 1769 -26.22 -13.96 10.62
CA ASP A 1769 -24.85 -13.65 10.20
C ASP A 1769 -24.76 -12.38 9.38
N CYS A 1770 -25.71 -11.46 9.55
CA CYS A 1770 -25.72 -10.22 8.80
C CYS A 1770 -24.92 -9.15 9.53
N GLY A 1771 -24.51 -8.12 8.79
CA GLY A 1771 -23.80 -7.00 9.37
C GLY A 1771 -24.63 -5.73 9.35
N ASN A 1772 -24.23 -4.74 10.12
CA ASN A 1772 -24.91 -3.45 10.11
C ASN A 1772 -24.09 -2.49 9.26
N PRO A 1773 -24.53 -2.17 8.04
CA PRO A 1773 -23.66 -1.38 7.14
C PRO A 1773 -23.26 -0.02 7.70
N SER A 1774 -24.17 0.68 8.37
CA SER A 1774 -23.86 2.01 8.87
C SER A 1774 -22.80 1.95 9.98
N VAL A 1775 -22.96 1.01 10.91
CA VAL A 1775 -22.00 0.86 12.00
C VAL A 1775 -20.64 0.46 11.44
N GLY A 1776 -20.63 -0.48 10.49
CA GLY A 1776 -19.37 -0.90 9.90
C GLY A 1776 -18.66 0.22 9.17
N ILE A 1777 -19.41 1.01 8.39
CA ILE A 1777 -18.82 2.11 7.64
C ILE A 1777 -18.23 3.13 8.61
N PHE A 1778 -19.00 3.49 9.65
CA PHE A 1778 -18.52 4.48 10.61
C PHE A 1778 -17.27 3.96 11.31
N TYR A 1779 -17.31 2.71 11.77
CA TYR A 1779 -16.21 2.03 12.41
C TYR A 1779 -14.93 2.14 11.59
N PHE A 1780 -14.98 1.65 10.35
CA PHE A 1780 -13.77 1.56 9.55
C PHE A 1780 -13.26 2.93 9.12
N VAL A 1781 -14.18 3.83 8.72
CA VAL A 1781 -13.74 5.15 8.28
C VAL A 1781 -13.13 5.93 9.45
N SER A 1782 -13.78 5.90 10.61
CA SER A 1782 -13.25 6.61 11.77
C SER A 1782 -11.91 6.02 12.19
N TYR A 1783 -11.78 4.70 12.17
CA TYR A 1783 -10.51 4.10 12.57
C TYR A 1783 -9.39 4.48 11.63
N ILE A 1784 -9.64 4.43 10.31
CA ILE A 1784 -8.56 4.75 9.38
C ILE A 1784 -8.19 6.23 9.48
N ILE A 1785 -9.18 7.11 9.71
CA ILE A 1785 -8.88 8.53 9.84
C ILE A 1785 -8.04 8.79 11.10
N ILE A 1786 -8.44 8.19 12.22
CA ILE A 1786 -7.72 8.40 13.47
C ILE A 1786 -6.31 7.82 13.37
N SER A 1787 -6.17 6.63 12.76
CA SER A 1787 -4.86 6.04 12.57
C SER A 1787 -3.99 6.92 11.69
N PHE A 1788 -4.58 7.50 10.64
CA PHE A 1788 -3.83 8.42 9.78
C PHE A 1788 -3.32 9.62 10.58
N LEU A 1789 -4.17 10.19 11.44
CA LEU A 1789 -3.76 11.34 12.23
C LEU A 1789 -2.64 10.98 13.20
N VAL A 1790 -2.76 9.83 13.88
CA VAL A 1790 -1.74 9.42 14.84
C VAL A 1790 -0.43 9.10 14.14
N VAL A 1791 -0.50 8.46 12.97
CA VAL A 1791 0.69 8.16 12.19
C VAL A 1791 1.35 9.46 11.73
N VAL A 1792 0.55 10.46 11.36
CA VAL A 1792 1.11 11.76 11.01
C VAL A 1792 1.83 12.39 12.21
N ASN A 1793 1.25 12.24 13.40
CA ASN A 1793 1.92 12.73 14.61
C ASN A 1793 3.29 12.09 14.78
N MET A 1794 3.34 10.76 14.66
CA MET A 1794 4.61 10.04 14.82
C MET A 1794 5.61 10.47 13.74
N TYR A 1795 5.14 10.59 12.50
CA TYR A 1795 5.94 11.16 11.43
C TYR A 1795 6.60 12.46 11.85
N ILE A 1796 5.80 13.48 12.19
CA ILE A 1796 6.37 14.79 12.49
C ILE A 1796 7.31 14.73 13.68
N ALA A 1797 7.03 13.86 14.66
CA ALA A 1797 7.98 13.68 15.75
C ALA A 1797 9.34 13.24 15.23
N VAL A 1798 9.35 12.24 14.35
CA VAL A 1798 10.61 11.75 13.80
C VAL A 1798 11.29 12.83 12.95
N ILE A 1799 10.51 13.64 12.23
CA ILE A 1799 11.10 14.73 11.45
C ILE A 1799 11.77 15.77 12.36
N LEU A 1800 11.10 16.15 13.46
CA LEU A 1800 11.71 17.11 14.37
C LEU A 1800 13.02 16.56 14.93
N GLU A 1801 13.02 15.30 15.33
CA GLU A 1801 14.26 14.71 15.86
C GLU A 1801 15.34 14.64 14.78
N ASN A 1802 14.95 14.32 13.54
CA ASN A 1802 15.93 14.17 12.46
C ASN A 1802 16.57 15.50 12.12
N PHE A 1803 15.76 16.54 11.88
CA PHE A 1803 16.31 17.86 11.61
C PHE A 1803 17.12 18.39 12.78
N SER A 1804 16.69 18.12 14.01
CA SER A 1804 17.46 18.59 15.16
C SER A 1804 18.84 17.96 15.21
N VAL A 1805 18.95 16.68 14.86
CA VAL A 1805 20.22 15.97 15.00
C VAL A 1805 21.23 16.43 13.95
N ALA A 1806 20.80 16.51 12.69
CA ALA A 1806 21.72 16.78 11.59
C ALA A 1806 22.17 18.22 11.52
N THR A 1807 21.35 19.16 11.97
CA THR A 1807 21.65 20.59 11.89
C THR A 1807 22.11 21.15 13.24
N GLU A 1808 22.76 20.32 14.05
CA GLU A 1808 23.26 20.77 15.34
C GLU A 1808 24.70 20.28 15.57
N GLY B 20 -19.53 -18.36 14.91
CA GLY B 20 -19.48 -19.58 14.12
C GLY B 20 -20.00 -20.80 14.86
N CYS B 21 -19.10 -21.72 15.18
CA CYS B 21 -19.45 -22.94 15.91
C CYS B 21 -18.55 -23.05 17.13
N VAL B 22 -19.16 -23.30 18.29
CA VAL B 22 -18.44 -23.41 19.56
C VAL B 22 -18.88 -24.69 20.23
N GLU B 23 -17.92 -25.51 20.66
CA GLU B 23 -18.22 -26.78 21.33
C GLU B 23 -18.32 -26.53 22.83
N VAL B 24 -19.53 -26.36 23.33
CA VAL B 24 -19.78 -26.15 24.75
C VAL B 24 -20.19 -27.47 25.37
N ASP B 25 -19.74 -27.73 26.59
CA ASP B 25 -20.05 -28.97 27.27
C ASP B 25 -21.48 -28.94 27.82
N SER B 26 -22.10 -30.12 27.88
CA SER B 26 -23.43 -30.24 28.44
C SER B 26 -23.37 -30.12 29.96
N GLU B 27 -24.47 -29.62 30.53
CA GLU B 27 -24.57 -29.53 31.98
C GLU B 27 -24.75 -30.92 32.57
N THR B 28 -24.12 -31.16 33.72
CA THR B 28 -24.09 -32.47 34.34
C THR B 28 -25.18 -32.65 35.39
N GLU B 29 -26.08 -31.67 35.54
CA GLU B 29 -27.08 -31.72 36.59
C GLU B 29 -28.46 -31.45 36.00
N ALA B 30 -29.40 -32.36 36.25
CA ALA B 30 -30.78 -32.23 35.82
C ALA B 30 -31.69 -32.51 37.00
N VAL B 31 -32.76 -31.72 37.13
CA VAL B 31 -33.66 -31.80 38.27
C VAL B 31 -34.87 -32.64 37.88
N TYR B 32 -35.42 -33.36 38.87
CA TYR B 32 -36.49 -34.31 38.60
C TYR B 32 -37.79 -33.59 38.24
N GLY B 33 -38.51 -34.15 37.27
CA GLY B 33 -39.82 -33.69 36.89
C GLY B 33 -39.84 -32.57 35.86
N MET B 34 -38.72 -31.91 35.63
CA MET B 34 -38.64 -30.79 34.72
C MET B 34 -38.01 -31.24 33.40
N THR B 35 -37.70 -30.27 32.53
CA THR B 35 -37.08 -30.53 31.24
C THR B 35 -35.57 -30.36 31.32
N PHE B 36 -34.87 -31.10 30.46
CA PHE B 36 -33.41 -31.02 30.40
C PHE B 36 -32.95 -31.25 28.97
N LYS B 37 -31.92 -30.52 28.56
CA LYS B 37 -31.35 -30.61 27.22
C LYS B 37 -29.89 -31.04 27.35
N ILE B 38 -29.52 -32.10 26.64
CA ILE B 38 -28.14 -32.59 26.68
C ILE B 38 -27.42 -32.14 25.41
N LEU B 39 -26.38 -31.32 25.57
CA LEU B 39 -25.68 -30.71 24.46
C LEU B 39 -24.64 -31.67 23.89
N CYS B 40 -24.64 -31.80 22.56
CA CYS B 40 -23.59 -32.51 21.83
C CYS B 40 -23.26 -31.70 20.59
N ILE B 41 -22.21 -30.89 20.67
CA ILE B 41 -21.81 -30.00 19.59
C ILE B 41 -20.46 -30.46 19.06
N SER B 42 -20.41 -30.83 17.79
CA SER B 42 -19.17 -31.22 17.14
C SER B 42 -18.99 -30.36 15.90
N CYS B 43 -18.00 -29.47 15.95
CA CYS B 43 -17.73 -28.52 14.86
C CYS B 43 -16.67 -29.10 13.94
N LYS B 44 -16.90 -29.00 12.65
CA LYS B 44 -15.90 -29.40 11.67
C LYS B 44 -14.67 -28.49 11.79
N ARG B 45 -13.49 -29.06 11.51
CA ARG B 45 -12.26 -28.32 11.71
C ARG B 45 -12.14 -27.14 10.74
N ARG B 46 -12.75 -27.23 9.56
CA ARG B 46 -12.89 -26.10 8.67
C ARG B 46 -14.37 -25.91 8.33
N SER B 47 -14.85 -24.67 8.44
CA SER B 47 -16.28 -24.42 8.32
C SER B 47 -16.73 -24.47 6.87
N GLU B 48 -15.88 -24.06 5.94
CA GLU B 48 -16.30 -23.96 4.54
C GLU B 48 -16.47 -25.32 3.88
N THR B 49 -16.04 -26.40 4.53
CA THR B 49 -16.18 -27.72 3.95
C THR B 49 -17.63 -28.19 4.03
N ASN B 50 -17.99 -29.13 3.17
CA ASN B 50 -19.33 -29.70 3.11
C ASN B 50 -19.28 -31.15 3.55
N ALA B 51 -20.30 -31.58 4.29
CA ALA B 51 -20.36 -32.93 4.82
C ALA B 51 -21.81 -33.36 4.99
N GLU B 52 -21.99 -34.63 5.34
CA GLU B 52 -23.30 -35.21 5.63
C GLU B 52 -23.18 -36.02 6.91
N THR B 53 -23.89 -35.58 7.95
CA THR B 53 -23.71 -36.11 9.29
C THR B 53 -24.99 -36.74 9.81
N PHE B 54 -24.82 -37.84 10.56
CA PHE B 54 -25.89 -38.43 11.33
C PHE B 54 -25.32 -38.84 12.69
N THR B 55 -26.20 -38.97 13.67
CA THR B 55 -25.78 -39.19 15.05
C THR B 55 -26.51 -40.38 15.65
N GLU B 56 -25.88 -40.97 16.66
CA GLU B 56 -26.46 -42.06 17.44
C GLU B 56 -26.16 -41.81 18.91
N TRP B 57 -27.15 -42.01 19.76
CA TRP B 57 -27.03 -41.74 21.19
C TRP B 57 -27.12 -43.05 21.96
N THR B 58 -26.24 -43.19 22.95
CA THR B 58 -26.15 -44.38 23.79
C THR B 58 -26.24 -43.99 25.25
N PHE B 59 -26.92 -44.81 26.05
CA PHE B 59 -27.14 -44.52 27.46
C PHE B 59 -26.82 -45.73 28.32
N ARG B 60 -26.07 -45.50 29.40
CA ARG B 60 -25.78 -46.51 30.40
C ARG B 60 -26.23 -45.98 31.77
N GLN B 61 -27.11 -46.73 32.43
CA GLN B 61 -27.65 -46.30 33.71
C GLN B 61 -26.72 -46.70 34.84
N LYS B 62 -26.91 -46.06 36.00
CA LYS B 62 -26.16 -46.42 37.19
C LYS B 62 -26.54 -47.82 37.66
N GLY B 63 -25.56 -48.55 38.19
CA GLY B 63 -25.80 -49.91 38.60
C GLY B 63 -25.71 -50.91 37.48
N THR B 64 -25.46 -50.45 36.25
CA THR B 64 -25.31 -51.30 35.09
C THR B 64 -24.05 -50.90 34.34
N GLU B 65 -23.38 -51.88 33.74
CA GLU B 65 -22.09 -51.66 33.11
C GLU B 65 -22.12 -51.81 31.59
N GLU B 66 -23.29 -51.75 30.97
CA GLU B 66 -23.42 -51.92 29.52
C GLU B 66 -24.09 -50.69 28.91
N PHE B 67 -23.51 -50.21 27.81
CA PHE B 67 -24.04 -49.04 27.12
C PHE B 67 -25.08 -49.48 26.09
N VAL B 68 -26.28 -48.91 26.16
CA VAL B 68 -27.39 -49.32 25.32
C VAL B 68 -27.85 -48.15 24.47
N LYS B 69 -28.00 -48.40 23.17
CA LYS B 69 -28.46 -47.37 22.24
C LYS B 69 -29.91 -47.01 22.51
N ILE B 70 -30.23 -45.72 22.41
CA ILE B 70 -31.57 -45.24 22.72
C ILE B 70 -32.20 -44.41 21.60
N LEU B 71 -31.41 -43.81 20.71
CA LEU B 71 -32.00 -43.12 19.56
C LEU B 71 -30.96 -43.03 18.45
N ARG B 72 -31.44 -42.68 17.26
CA ARG B 72 -30.59 -42.41 16.10
C ARG B 72 -31.28 -41.35 15.25
N TYR B 73 -30.51 -40.36 14.80
CA TYR B 73 -31.04 -39.27 13.98
C TYR B 73 -30.28 -39.23 12.67
N GLU B 74 -31.02 -39.20 11.56
CA GLU B 74 -30.41 -39.19 10.23
C GLU B 74 -31.45 -38.70 9.23
N ASN B 75 -31.05 -37.71 8.43
CA ASN B 75 -31.86 -37.23 7.30
C ASN B 75 -33.19 -36.65 7.78
N GLU B 76 -33.10 -35.74 8.74
CA GLU B 76 -34.25 -34.97 9.23
C GLU B 76 -35.39 -35.87 9.71
N VAL B 77 -35.05 -36.98 10.38
CA VAL B 77 -36.05 -37.83 11.02
C VAL B 77 -35.39 -38.56 12.19
N LEU B 78 -36.09 -38.58 13.31
CA LEU B 78 -35.57 -39.14 14.55
C LEU B 78 -36.16 -40.53 14.80
N GLN B 79 -35.29 -41.52 14.99
CA GLN B 79 -35.69 -42.89 15.28
C GLN B 79 -35.34 -43.21 16.72
N LEU B 80 -36.31 -43.71 17.47
CA LEU B 80 -36.13 -44.05 18.87
C LEU B 80 -36.15 -45.56 19.06
N GLU B 81 -35.26 -46.06 19.91
CA GLU B 81 -35.31 -47.45 20.31
C GLU B 81 -36.46 -47.69 21.27
N GLU B 82 -36.85 -48.96 21.42
CA GLU B 82 -37.96 -49.32 22.30
C GLU B 82 -37.44 -49.56 23.71
N ASP B 83 -37.30 -48.46 24.44
CA ASP B 83 -36.88 -48.51 25.84
C ASP B 83 -37.85 -47.69 26.69
N GLU B 84 -38.18 -48.21 27.86
CA GLU B 84 -39.17 -47.57 28.72
C GLU B 84 -38.69 -46.21 29.21
N ARG B 85 -37.42 -46.11 29.60
CA ARG B 85 -36.92 -44.90 30.24
C ARG B 85 -36.90 -43.69 29.31
N PHE B 86 -36.98 -43.88 27.99
CA PHE B 86 -36.85 -42.78 27.06
C PHE B 86 -38.00 -42.69 26.07
N GLU B 87 -39.03 -43.52 26.20
CA GLU B 87 -40.13 -43.49 25.24
C GLU B 87 -41.06 -42.32 25.55
N GLY B 88 -41.28 -41.46 24.55
CA GLY B 88 -42.19 -40.36 24.67
C GLY B 88 -41.70 -39.20 25.51
N ARG B 89 -40.42 -39.17 25.88
CA ARG B 89 -39.87 -38.10 26.70
C ARG B 89 -38.74 -37.34 26.04
N VAL B 90 -38.31 -37.72 24.84
CA VAL B 90 -37.14 -37.14 24.20
C VAL B 90 -37.54 -36.61 22.83
N VAL B 91 -37.01 -35.43 22.47
CA VAL B 91 -37.20 -34.82 21.17
C VAL B 91 -35.83 -34.35 20.66
N TRP B 92 -35.85 -33.69 19.51
CA TRP B 92 -34.62 -33.27 18.85
C TRP B 92 -34.39 -31.77 19.06
N ASN B 93 -33.22 -31.42 19.57
CA ASN B 93 -32.77 -30.05 19.75
C ASN B 93 -31.47 -29.74 19.00
N GLY B 94 -31.12 -30.53 18.00
CA GLY B 94 -29.90 -30.34 17.25
C GLY B 94 -30.08 -29.45 16.03
N SER B 95 -29.14 -29.58 15.10
CA SER B 95 -29.21 -28.81 13.86
C SER B 95 -30.41 -29.24 13.03
N ARG B 96 -31.03 -28.27 12.36
CA ARG B 96 -32.30 -28.48 11.68
C ARG B 96 -32.22 -27.93 10.26
N GLY B 97 -32.84 -28.64 9.32
CA GLY B 97 -32.93 -28.18 7.95
C GLY B 97 -31.72 -28.45 7.08
N THR B 98 -30.73 -29.19 7.58
CA THR B 98 -29.52 -29.49 6.82
C THR B 98 -29.08 -30.91 7.11
N LYS B 99 -28.21 -31.44 6.24
CA LYS B 99 -27.51 -32.68 6.50
C LYS B 99 -26.16 -32.47 7.17
N ASP B 100 -25.61 -31.25 7.09
CA ASP B 100 -24.36 -30.91 7.76
C ASP B 100 -24.69 -30.46 9.19
N LEU B 101 -24.87 -31.44 10.07
CA LEU B 101 -25.24 -31.19 11.45
C LEU B 101 -23.99 -30.94 12.28
N GLN B 102 -23.94 -29.77 12.92
CA GLN B 102 -22.90 -29.46 13.88
C GLN B 102 -23.44 -29.36 15.31
N ASP B 103 -24.76 -29.42 15.48
CA ASP B 103 -25.40 -29.51 16.78
C ASP B 103 -26.23 -30.78 16.80
N LEU B 104 -25.94 -31.67 17.76
CA LEU B 104 -26.59 -32.97 17.82
C LEU B 104 -27.32 -33.15 19.14
N SER B 105 -27.67 -32.06 19.79
CA SER B 105 -28.24 -32.12 21.15
C SER B 105 -29.71 -32.50 21.19
N ILE B 106 -30.06 -33.31 22.17
CA ILE B 106 -31.43 -33.78 22.33
C ILE B 106 -32.06 -33.08 23.52
N PHE B 107 -33.34 -33.33 23.73
CA PHE B 107 -34.12 -32.62 24.73
C PHE B 107 -35.06 -33.61 25.42
N ILE B 108 -34.97 -33.68 26.75
CA ILE B 108 -35.83 -34.56 27.55
C ILE B 108 -36.91 -33.70 28.20
N THR B 109 -38.16 -34.14 28.08
CA THR B 109 -39.28 -33.35 28.59
C THR B 109 -39.55 -33.60 30.06
N ASN B 110 -39.70 -34.85 30.48
CA ASN B 110 -39.97 -35.17 31.88
C ASN B 110 -38.81 -36.03 32.38
N VAL B 111 -37.83 -35.39 33.01
CA VAL B 111 -36.68 -36.11 33.54
C VAL B 111 -37.12 -36.95 34.73
N THR B 112 -36.68 -38.20 34.76
CA THR B 112 -36.97 -39.12 35.85
C THR B 112 -35.66 -39.59 36.49
N TYR B 113 -35.80 -40.36 37.57
CA TYR B 113 -34.63 -40.84 38.29
C TYR B 113 -33.86 -41.93 37.55
N ASN B 114 -34.46 -42.55 36.53
CA ASN B 114 -33.75 -43.56 35.77
C ASN B 114 -32.99 -42.98 34.58
N HIS B 115 -33.08 -41.67 34.36
CA HIS B 115 -32.29 -41.00 33.33
C HIS B 115 -30.89 -40.68 33.82
N SER B 116 -30.59 -40.90 35.10
CA SER B 116 -29.26 -40.68 35.63
C SER B 116 -28.29 -41.71 35.06
N GLY B 117 -27.11 -41.25 34.69
CA GLY B 117 -26.11 -42.11 34.09
C GLY B 117 -25.20 -41.31 33.20
N ASP B 118 -24.49 -42.02 32.32
CA ASP B 118 -23.57 -41.42 31.38
C ASP B 118 -24.01 -41.72 29.95
N TYR B 119 -23.91 -40.72 29.09
CA TYR B 119 -24.36 -40.81 27.70
C TYR B 119 -23.16 -40.83 26.78
N GLU B 120 -23.33 -41.41 25.59
CA GLU B 120 -22.35 -41.36 24.53
C GLU B 120 -23.01 -40.82 23.28
N CYS B 121 -22.47 -39.74 22.74
CA CYS B 121 -22.97 -39.11 21.52
C CYS B 121 -22.05 -39.46 20.36
N HIS B 122 -22.50 -40.35 19.49
CA HIS B 122 -21.71 -40.81 18.35
C HIS B 122 -22.06 -39.95 17.15
N VAL B 123 -21.08 -39.23 16.63
CA VAL B 123 -21.24 -38.36 15.47
C VAL B 123 -20.50 -38.99 14.30
N TYR B 124 -21.22 -39.21 13.20
CA TYR B 124 -20.68 -39.94 12.05
C TYR B 124 -20.75 -39.00 10.84
N ARG B 125 -19.68 -38.24 10.62
CA ARG B 125 -19.65 -37.20 9.60
C ARG B 125 -18.90 -37.70 8.38
N LEU B 126 -19.47 -37.44 7.19
CA LEU B 126 -18.88 -37.84 5.92
C LEU B 126 -18.50 -36.60 5.13
N LEU B 127 -17.22 -36.24 5.18
CA LEU B 127 -16.71 -35.07 4.49
C LEU B 127 -16.71 -35.30 2.97
N PHE B 128 -16.93 -34.23 2.22
CA PHE B 128 -16.95 -34.28 0.75
C PHE B 128 -15.90 -33.30 0.24
N PHE B 129 -14.79 -33.84 -0.27
CA PHE B 129 -13.73 -33.04 -0.87
C PHE B 129 -13.70 -33.29 -2.38
N GLU B 130 -12.70 -32.71 -3.03
CA GLU B 130 -12.50 -32.89 -4.47
C GLU B 130 -11.84 -34.25 -4.70
N ASN B 131 -12.59 -35.18 -5.28
CA ASN B 131 -12.14 -36.55 -5.51
C ASN B 131 -11.68 -37.24 -4.24
N TYR B 132 -12.35 -36.98 -3.12
CA TYR B 132 -11.92 -37.51 -1.83
C TYR B 132 -13.08 -37.44 -0.85
N GLU B 133 -13.47 -38.60 -0.32
CA GLU B 133 -14.49 -38.68 0.72
C GLU B 133 -13.85 -39.25 1.98
N HIS B 134 -13.98 -38.52 3.09
CA HIS B 134 -13.41 -38.94 4.37
C HIS B 134 -14.54 -39.19 5.36
N ASN B 135 -14.61 -40.44 5.84
CA ASN B 135 -15.60 -40.83 6.83
C ASN B 135 -14.98 -40.71 8.22
N THR B 136 -15.46 -39.75 9.02
CA THR B 136 -14.95 -39.51 10.35
C THR B 136 -15.94 -40.00 11.39
N SER B 137 -15.53 -39.89 12.66
CA SER B 137 -16.37 -40.27 13.79
C SER B 137 -15.79 -39.68 15.06
N VAL B 138 -16.66 -39.04 15.84
CA VAL B 138 -16.28 -38.49 17.14
C VAL B 138 -17.26 -39.01 18.18
N VAL B 139 -16.82 -39.03 19.45
CA VAL B 139 -17.63 -39.47 20.57
C VAL B 139 -17.50 -38.45 21.69
N LYS B 140 -18.63 -38.09 22.29
CA LYS B 140 -18.65 -37.22 23.46
C LYS B 140 -19.39 -37.91 24.59
N LYS B 141 -18.84 -37.82 25.80
CA LYS B 141 -19.41 -38.45 26.98
C LYS B 141 -20.04 -37.40 27.89
N ILE B 142 -21.31 -37.61 28.25
CA ILE B 142 -22.03 -36.72 29.14
C ILE B 142 -22.57 -37.53 30.31
N HIS B 143 -22.18 -37.18 31.52
CA HIS B 143 -22.69 -37.78 32.73
C HIS B 143 -23.61 -36.78 33.41
N ILE B 144 -24.85 -37.20 33.67
CA ILE B 144 -25.88 -36.30 34.21
C ILE B 144 -26.32 -36.82 35.57
N GLU B 145 -26.58 -35.89 36.48
CA GLU B 145 -27.07 -36.20 37.83
C GLU B 145 -28.53 -35.80 37.93
N VAL B 146 -29.35 -36.68 38.50
CA VAL B 146 -30.77 -36.40 38.71
C VAL B 146 -31.03 -36.23 40.19
N VAL B 147 -31.40 -35.02 40.60
CA VAL B 147 -31.65 -34.70 42.00
C VAL B 147 -32.99 -34.01 42.14
N ASP B 148 -33.42 -33.84 43.38
CA ASP B 148 -34.71 -33.21 43.65
C ASP B 148 -34.70 -31.71 43.42
N LYS B 149 -33.65 -31.03 43.87
CA LYS B 149 -33.58 -29.57 43.80
C LYS B 149 -32.26 -29.15 43.19
N ALA B 150 -32.32 -28.11 42.37
CA ALA B 150 -31.15 -27.62 41.65
C ALA B 150 -30.11 -27.06 42.61
N ASN B 151 -29.01 -27.79 42.80
CA ASN B 151 -27.93 -27.32 43.65
C ASN B 151 -27.26 -26.11 43.03
N ARG B 152 -27.11 -25.04 43.82
CA ARG B 152 -26.46 -23.83 43.33
C ARG B 152 -24.96 -24.06 43.18
N ASP B 153 -24.40 -23.49 42.12
CA ASP B 153 -22.99 -23.68 41.81
C ASP B 153 -22.12 -23.06 42.90
N MET B 154 -20.97 -23.68 43.16
CA MET B 154 -20.01 -23.13 44.10
C MET B 154 -19.48 -21.78 43.59
N ALA B 155 -19.32 -21.66 42.28
CA ALA B 155 -18.74 -20.44 41.71
C ALA B 155 -19.57 -19.20 42.06
N SER B 156 -20.88 -19.29 41.86
CA SER B 156 -21.74 -18.14 42.15
C SER B 156 -21.71 -17.77 43.63
N ILE B 157 -21.80 -18.78 44.50
CA ILE B 157 -21.84 -18.52 45.94
C ILE B 157 -20.53 -17.86 46.39
N VAL B 158 -19.40 -18.46 46.02
CA VAL B 158 -18.13 -17.91 46.46
C VAL B 158 -17.90 -16.53 45.86
N SER B 159 -18.27 -16.33 44.58
CA SER B 159 -18.04 -15.03 43.95
C SER B 159 -18.87 -13.94 44.62
N GLU B 160 -20.12 -14.22 44.95
CA GLU B 160 -20.94 -13.25 45.66
C GLU B 160 -20.37 -12.96 47.05
N ILE B 161 -19.88 -14.00 47.73
CA ILE B 161 -19.29 -13.80 49.05
C ILE B 161 -18.06 -12.89 48.97
N MET B 162 -17.18 -13.13 47.99
CA MET B 162 -16.01 -12.25 47.86
C MET B 162 -16.41 -10.86 47.42
N MET B 163 -17.45 -10.72 46.59
CA MET B 163 -17.90 -9.37 46.24
C MET B 163 -18.27 -8.60 47.51
N TYR B 164 -19.08 -9.24 48.37
CA TYR B 164 -19.55 -8.54 49.57
C TYR B 164 -18.39 -8.25 50.52
N VAL B 165 -17.48 -9.20 50.72
CA VAL B 165 -16.40 -8.96 51.67
C VAL B 165 -15.45 -7.89 51.13
N LEU B 166 -15.19 -7.87 49.83
CA LEU B 166 -14.34 -6.83 49.26
C LEU B 166 -14.99 -5.45 49.39
N ILE B 167 -16.30 -5.37 49.13
CA ILE B 167 -16.99 -4.10 49.25
C ILE B 167 -16.91 -3.59 50.68
N VAL B 168 -17.17 -4.47 51.65
CA VAL B 168 -17.14 -4.06 53.06
C VAL B 168 -15.74 -3.65 53.48
N VAL B 169 -14.72 -4.40 53.03
CA VAL B 169 -13.34 -4.08 53.39
C VAL B 169 -12.94 -2.73 52.83
N LEU B 170 -13.26 -2.48 51.56
CA LEU B 170 -12.92 -1.19 50.97
C LEU B 170 -13.63 -0.04 51.69
N THR B 171 -14.92 -0.23 52.01
CA THR B 171 -15.65 0.81 52.72
C THR B 171 -15.04 1.09 54.09
N ILE B 172 -14.70 0.03 54.84
CA ILE B 172 -14.14 0.23 56.17
C ILE B 172 -12.79 0.92 56.09
N TRP B 173 -11.94 0.49 55.16
CA TRP B 173 -10.64 1.14 54.99
C TRP B 173 -10.81 2.61 54.67
N LEU B 174 -11.68 2.93 53.70
CA LEU B 174 -11.89 4.32 53.33
C LEU B 174 -12.38 5.14 54.52
N VAL B 175 -13.37 4.62 55.26
CA VAL B 175 -13.95 5.37 56.36
C VAL B 175 -12.91 5.63 57.44
N ALA B 176 -12.10 4.62 57.76
CA ALA B 176 -11.05 4.81 58.76
C ALA B 176 -10.07 5.89 58.31
N GLU B 177 -9.72 5.90 57.03
CA GLU B 177 -8.79 6.91 56.53
C GLU B 177 -9.38 8.32 56.62
N MET B 178 -10.67 8.47 56.27
CA MET B 178 -11.30 9.78 56.43
C MET B 178 -11.33 10.21 57.89
N ILE B 179 -11.60 9.27 58.80
CA ILE B 179 -11.63 9.60 60.22
C ILE B 179 -10.28 10.14 60.66
N TYR B 180 -9.21 9.42 60.30
CA TYR B 180 -7.87 9.84 60.71
C TYR B 180 -7.51 11.21 60.14
N CYS B 181 -7.80 11.42 58.86
CA CYS B 181 -7.46 12.69 58.24
C CYS B 181 -8.26 13.84 58.83
N TYR B 182 -9.55 13.60 59.11
CA TYR B 182 -10.36 14.67 59.72
C TYR B 182 -9.82 15.02 61.09
N LYS B 183 -9.43 14.01 61.88
CA LYS B 183 -8.84 14.31 63.18
C LYS B 183 -7.57 15.12 63.04
N LYS B 184 -6.70 14.75 62.09
CA LYS B 184 -5.45 15.48 61.90
C LYS B 184 -5.70 16.93 61.50
N ILE B 185 -6.59 17.16 60.54
CA ILE B 185 -6.83 18.51 60.07
C ILE B 185 -7.56 19.33 61.11
N ALA B 186 -8.42 18.70 61.92
CA ALA B 186 -9.05 19.41 63.02
C ALA B 186 -8.02 19.84 64.06
N ALA B 187 -7.08 18.97 64.38
CA ALA B 187 -6.01 19.35 65.30
C ALA B 187 -5.19 20.49 64.73
N ALA B 188 -4.90 20.44 63.43
CA ALA B 188 -4.18 21.54 62.79
C ALA B 188 -4.96 22.85 62.87
N THR B 189 -6.28 22.78 62.65
CA THR B 189 -7.11 23.98 62.73
C THR B 189 -7.10 24.57 64.13
N GLU B 190 -7.21 23.73 65.16
CA GLU B 190 -7.13 24.22 66.52
C GLU B 190 -5.76 24.82 66.82
N THR B 191 -4.70 24.21 66.26
CA THR B 191 -3.36 24.76 66.46
C THR B 191 -3.23 26.16 65.86
N ALA B 192 -3.77 26.36 64.67
CA ALA B 192 -3.70 27.65 64.01
C ALA B 192 -4.63 28.67 64.69
N MET C 30 3.13 -19.99 -34.36
CA MET C 30 4.45 -19.80 -33.80
C MET C 30 5.50 -19.55 -34.89
N GLU C 31 6.66 -19.06 -34.47
CA GLU C 31 7.79 -18.89 -35.38
C GLU C 31 8.44 -20.25 -35.63
N VAL C 32 8.46 -20.67 -36.90
CA VAL C 32 9.07 -21.94 -37.29
C VAL C 32 10.24 -21.63 -38.21
N THR C 33 11.44 -22.09 -37.83
CA THR C 33 12.66 -21.80 -38.57
C THR C 33 13.02 -23.02 -39.40
N VAL C 34 12.75 -22.94 -40.70
CA VAL C 34 13.08 -24.01 -41.65
C VAL C 34 13.76 -23.40 -42.86
N PRO C 35 14.65 -24.16 -43.50
CA PRO C 35 15.25 -23.69 -44.76
C PRO C 35 14.24 -23.80 -45.89
N ALA C 36 14.14 -22.71 -46.68
CA ALA C 36 13.19 -22.71 -47.79
C ALA C 36 13.54 -23.76 -48.83
N THR C 37 14.82 -23.87 -49.16
CA THR C 37 15.29 -24.85 -50.14
C THR C 37 16.56 -25.49 -49.62
N LEU C 38 16.63 -26.82 -49.72
CA LEU C 38 17.80 -27.58 -49.28
C LEU C 38 18.31 -28.42 -50.45
N ASN C 39 19.60 -28.32 -50.72
CA ASN C 39 20.25 -29.05 -51.81
C ASN C 39 21.12 -30.15 -51.22
N VAL C 40 20.85 -31.39 -51.61
CA VAL C 40 21.50 -32.57 -51.03
C VAL C 40 22.01 -33.46 -52.15
N LEU C 41 23.24 -33.94 -52.00
CA LEU C 41 23.85 -34.79 -53.01
C LEU C 41 23.22 -36.18 -53.00
N ASN C 42 23.37 -36.90 -54.12
CA ASN C 42 22.88 -38.26 -54.23
C ASN C 42 23.68 -39.19 -53.33
N GLY C 43 22.97 -39.96 -52.50
CA GLY C 43 23.60 -40.91 -51.61
C GLY C 43 24.02 -40.35 -50.28
N SER C 44 24.08 -39.04 -50.13
CA SER C 44 24.47 -38.43 -48.87
CA SER C 44 24.47 -38.42 -48.88
C SER C 44 23.28 -38.36 -47.91
N ASP C 45 23.57 -37.97 -46.68
CA ASP C 45 22.56 -37.86 -45.63
C ASP C 45 22.05 -36.43 -45.55
N ALA C 46 20.72 -36.28 -45.49
CA ALA C 46 20.06 -34.99 -45.45
C ALA C 46 19.38 -34.81 -44.10
N ARG C 47 19.88 -33.86 -43.31
CA ARG C 47 19.20 -33.46 -42.08
C ARG C 47 18.21 -32.35 -42.41
N LEU C 48 16.96 -32.54 -42.02
CA LEU C 48 15.90 -31.59 -42.37
C LEU C 48 15.59 -30.70 -41.17
N PRO C 49 16.17 -29.50 -41.11
CA PRO C 49 16.02 -28.67 -39.92
C PRO C 49 14.63 -28.06 -39.81
N CYS C 50 14.03 -28.20 -38.63
CA CYS C 50 12.74 -27.60 -38.32
C CYS C 50 12.70 -27.32 -36.84
N THR C 51 12.77 -26.03 -36.47
CA THR C 51 12.73 -25.61 -35.08
C THR C 51 11.66 -24.53 -34.91
N PHE C 52 11.05 -24.51 -33.73
CA PHE C 52 9.96 -23.60 -33.44
C PHE C 52 10.23 -22.89 -32.12
N ASN C 53 9.86 -21.62 -32.04
CA ASN C 53 10.01 -20.82 -30.82
C ASN C 53 8.65 -20.71 -30.14
N SER C 54 8.44 -21.55 -29.14
CA SER C 54 7.21 -21.57 -28.35
C SER C 54 7.54 -21.19 -26.91
N CYS C 55 6.73 -20.28 -26.35
CA CYS C 55 6.96 -19.83 -24.99
C CYS C 55 6.84 -20.97 -23.98
N TYR C 56 5.88 -21.87 -24.22
CA TYR C 56 5.54 -22.86 -23.20
C TYR C 56 6.41 -24.10 -23.34
N THR C 57 6.72 -24.72 -22.20
CA THR C 57 7.56 -25.91 -22.19
C THR C 57 6.88 -27.04 -22.95
N VAL C 58 7.68 -27.77 -23.72
CA VAL C 58 7.17 -28.90 -24.49
C VAL C 58 6.90 -30.05 -23.54
N ASN C 59 5.63 -30.34 -23.30
CA ASN C 59 5.22 -31.48 -22.48
C ASN C 59 4.87 -32.63 -23.41
N HIS C 60 5.55 -33.76 -23.22
CA HIS C 60 5.48 -34.84 -24.20
C HIS C 60 4.11 -35.52 -24.26
N LYS C 61 3.27 -35.30 -23.25
CA LYS C 61 2.00 -36.04 -23.19
C LYS C 61 0.92 -35.38 -24.04
N GLN C 62 1.17 -34.17 -24.46
CA GLN C 62 0.20 -33.37 -25.27
C GLN C 62 0.85 -32.83 -26.54
N PHE C 63 2.18 -32.79 -26.62
CA PHE C 63 2.85 -32.22 -27.79
C PHE C 63 2.53 -33.02 -29.04
N SER C 64 2.37 -32.32 -30.16
CA SER C 64 2.03 -32.94 -31.44
C SER C 64 3.02 -32.50 -32.51
N LEU C 65 3.54 -33.47 -33.26
CA LEU C 65 4.44 -33.19 -34.37
C LEU C 65 3.97 -33.96 -35.59
N ASN C 66 3.81 -33.28 -36.73
CA ASN C 66 3.23 -33.92 -37.96
C ASN C 66 4.09 -33.65 -39.19
N TRP C 67 4.87 -34.63 -39.66
CA TRP C 67 5.75 -34.53 -40.80
C TRP C 67 5.07 -35.15 -42.02
N THR C 68 4.92 -34.35 -43.07
CA THR C 68 4.26 -34.79 -44.30
C THR C 68 5.18 -34.57 -45.49
N TYR C 69 4.82 -35.18 -46.61
CA TYR C 69 5.58 -35.05 -47.85
C TYR C 69 4.61 -34.92 -49.01
N GLN C 70 4.80 -33.88 -49.83
CA GLN C 70 4.00 -33.68 -51.03
C GLN C 70 4.92 -33.37 -52.20
N GLU C 71 4.60 -33.95 -53.36
CA GLU C 71 5.41 -33.71 -54.55
C GLU C 71 5.34 -32.26 -55.00
N CYS C 72 4.16 -31.65 -54.91
CA CYS C 72 3.97 -30.27 -55.34
C CYS C 72 3.08 -29.56 -54.32
N ASN C 73 2.95 -28.24 -54.52
CA ASN C 73 2.15 -27.44 -53.59
C ASN C 73 0.67 -27.83 -53.62
N ASN C 74 0.18 -28.26 -54.78
CA ASN C 74 -1.21 -28.67 -54.94
C ASN C 74 -1.37 -30.18 -54.96
N CYS C 75 -0.34 -30.90 -54.52
CA CYS C 75 -0.33 -32.36 -54.54
C CYS C 75 -0.69 -32.91 -53.17
N SER C 76 -0.87 -34.22 -53.12
CA SER C 76 -1.27 -34.91 -51.90
C SER C 76 -0.11 -34.99 -50.91
N GLU C 77 -0.42 -34.83 -49.63
CA GLU C 77 0.57 -34.96 -48.57
C GLU C 77 0.54 -36.36 -47.99
N GLU C 78 1.72 -36.93 -47.76
CA GLU C 78 1.85 -38.30 -47.26
C GLU C 78 2.45 -38.26 -45.86
N MET C 79 1.75 -38.86 -44.90
CA MET C 79 2.25 -38.97 -43.54
C MET C 79 3.37 -39.99 -43.47
N PHE C 80 4.50 -39.60 -42.89
CA PHE C 80 5.62 -40.51 -42.71
C PHE C 80 6.25 -40.47 -41.31
N LEU C 81 5.90 -39.49 -40.49
CA LEU C 81 6.41 -39.41 -39.13
C LEU C 81 5.44 -38.59 -38.29
N GLN C 82 5.26 -39.01 -37.03
CA GLN C 82 4.34 -38.33 -36.13
C GLN C 82 4.75 -38.58 -34.69
N PHE C 83 4.58 -37.56 -33.86
CA PHE C 83 4.87 -37.62 -32.43
C PHE C 83 3.57 -37.34 -31.67
N ARG C 84 2.94 -38.40 -31.17
CA ARG C 84 1.69 -38.22 -30.43
C ARG C 84 1.99 -38.30 -28.93
N MET C 85 2.60 -39.40 -28.50
CA MET C 85 3.35 -39.42 -27.25
C MET C 85 4.83 -39.67 -27.47
N LYS C 86 5.17 -40.53 -28.44
CA LYS C 86 6.54 -40.86 -28.78
C LYS C 86 6.70 -40.76 -30.29
N ILE C 87 7.94 -40.94 -30.76
CA ILE C 87 8.23 -40.89 -32.18
C ILE C 87 7.63 -42.11 -32.86
N ILE C 88 6.66 -41.88 -33.75
CA ILE C 88 6.01 -42.95 -34.50
C ILE C 88 6.44 -42.81 -35.94
N ASN C 89 7.15 -43.81 -36.45
CA ASN C 89 7.63 -43.84 -37.83
C ASN C 89 6.69 -44.70 -38.65
N LEU C 90 5.95 -44.07 -39.57
CA LEU C 90 4.99 -44.77 -40.40
C LEU C 90 5.66 -45.72 -41.39
N LYS C 91 6.94 -45.54 -41.68
CA LYS C 91 7.71 -46.43 -42.56
C LYS C 91 7.06 -46.53 -43.94
N LEU C 92 7.03 -45.40 -44.64
CA LEU C 92 6.48 -45.38 -45.99
C LEU C 92 7.35 -46.18 -46.95
N GLU C 93 6.71 -46.82 -47.92
CA GLU C 93 7.44 -47.62 -48.90
C GLU C 93 8.32 -46.75 -49.78
N ARG C 94 7.86 -45.53 -50.09
CA ARG C 94 8.64 -44.62 -50.92
C ARG C 94 9.93 -44.18 -50.24
N PHE C 95 10.02 -44.31 -48.92
CA PHE C 95 11.21 -43.93 -48.17
C PHE C 95 11.97 -45.13 -47.62
N GLN C 96 11.40 -46.33 -47.71
CA GLN C 96 12.00 -47.56 -47.17
C GLN C 96 12.20 -47.34 -45.67
N ASP C 97 13.39 -47.58 -45.12
CA ASP C 97 13.69 -47.33 -43.72
C ASP C 97 14.73 -46.24 -43.58
N ARG C 98 14.69 -45.27 -44.50
CA ARG C 98 15.66 -44.19 -44.54
C ARG C 98 15.22 -42.95 -43.77
N VAL C 99 14.02 -42.97 -43.19
CA VAL C 99 13.53 -41.82 -42.43
C VAL C 99 13.80 -42.04 -40.95
N GLU C 100 14.51 -41.09 -40.33
CA GLU C 100 14.86 -41.18 -38.92
C GLU C 100 14.67 -39.81 -38.28
N PHE C 101 14.43 -39.81 -36.98
CA PHE C 101 14.24 -38.56 -36.25
C PHE C 101 15.57 -38.04 -35.74
N SER C 102 15.83 -36.75 -35.99
CA SER C 102 17.11 -36.15 -35.63
C SER C 102 16.93 -34.87 -34.82
N GLY C 103 15.82 -34.76 -34.08
CA GLY C 103 15.61 -33.61 -33.22
C GLY C 103 15.36 -34.00 -31.78
N ASN C 104 15.07 -33.02 -30.92
CA ASN C 104 14.67 -33.30 -29.55
C ASN C 104 13.55 -32.35 -29.16
N PRO C 105 12.35 -32.86 -28.91
CA PRO C 105 11.19 -31.97 -28.68
C PRO C 105 11.39 -31.00 -27.53
N SER C 106 12.05 -31.42 -26.46
CA SER C 106 12.21 -30.55 -25.30
CA SER C 106 12.22 -30.55 -25.29
C SER C 106 13.04 -29.31 -25.62
N LYS C 107 14.02 -29.43 -26.52
CA LYS C 107 14.84 -28.29 -26.92
C LYS C 107 14.32 -27.62 -28.18
N TYR C 108 13.01 -27.73 -28.45
CA TYR C 108 12.36 -27.05 -29.56
C TYR C 108 12.93 -27.46 -30.91
N ASP C 109 13.34 -28.72 -31.04
CA ASP C 109 13.94 -29.24 -32.27
C ASP C 109 13.17 -30.50 -32.69
N VAL C 110 12.58 -30.45 -33.87
CA VAL C 110 11.82 -31.58 -34.40
C VAL C 110 12.38 -31.99 -35.75
N SER C 111 13.68 -31.77 -35.94
CA SER C 111 14.32 -32.09 -37.21
CA SER C 111 14.32 -32.09 -37.21
C SER C 111 14.35 -33.61 -37.43
N VAL C 112 14.33 -33.99 -38.70
CA VAL C 112 14.45 -35.38 -39.12
C VAL C 112 15.58 -35.48 -40.13
N MET C 113 16.14 -36.68 -40.26
CA MET C 113 17.23 -36.92 -41.19
C MET C 113 16.85 -38.05 -42.15
N LEU C 114 17.25 -37.89 -43.41
CA LEU C 114 16.97 -38.85 -44.47
C LEU C 114 18.28 -39.47 -44.93
N ARG C 115 18.52 -40.72 -44.54
CA ARG C 115 19.76 -41.39 -44.88
C ARG C 115 19.75 -41.83 -46.34
N ASN C 116 20.90 -41.69 -46.99
CA ASN C 116 21.11 -42.16 -48.37
C ASN C 116 20.06 -41.61 -49.32
N VAL C 117 20.09 -40.29 -49.49
CA VAL C 117 19.09 -39.60 -50.31
C VAL C 117 19.12 -40.12 -51.73
N GLN C 118 17.93 -40.45 -52.25
CA GLN C 118 17.72 -40.92 -53.61
C GLN C 118 16.95 -39.87 -54.40
N PRO C 119 17.02 -39.90 -55.74
CA PRO C 119 16.43 -38.81 -56.54
C PRO C 119 14.93 -38.61 -56.32
N GLU C 120 14.17 -39.68 -56.07
CA GLU C 120 12.73 -39.51 -55.91
C GLU C 120 12.36 -38.87 -54.57
N ASP C 121 13.32 -38.70 -53.66
CA ASP C 121 13.08 -37.96 -52.42
C ASP C 121 12.82 -36.48 -52.66
N GLU C 122 13.07 -35.98 -53.87
CA GLU C 122 12.80 -34.58 -54.19
C GLU C 122 11.32 -34.29 -54.03
N GLY C 123 11.01 -33.17 -53.40
CA GLY C 123 9.63 -32.79 -53.15
C GLY C 123 9.56 -31.71 -52.08
N ILE C 124 8.41 -31.67 -51.41
CA ILE C 124 8.13 -30.67 -50.38
C ILE C 124 7.84 -31.41 -49.07
N TYR C 125 8.57 -31.04 -48.01
CA TYR C 125 8.40 -31.62 -46.69
C TYR C 125 7.87 -30.57 -45.73
N ASN C 126 6.79 -30.91 -45.04
CA ASN C 126 6.14 -30.01 -44.09
C ASN C 126 6.30 -30.56 -42.69
N CYS C 127 6.63 -29.68 -41.74
CA CYS C 127 6.65 -30.02 -40.32
C CYS C 127 5.59 -29.18 -39.61
N TYR C 128 4.53 -29.84 -39.16
CA TYR C 128 3.44 -29.19 -38.44
C TYR C 128 3.65 -29.37 -36.94
N ILE C 129 3.59 -28.26 -36.20
CA ILE C 129 3.88 -28.25 -34.78
C ILE C 129 2.64 -27.80 -34.03
N MET C 130 2.30 -28.51 -32.96
CA MET C 130 1.27 -28.09 -32.01
C MET C 130 1.80 -28.32 -30.61
N ASN C 131 1.88 -27.24 -29.83
CA ASN C 131 2.46 -27.26 -28.49
C ASN C 131 1.47 -26.64 -27.52
N PRO C 132 0.65 -27.46 -26.86
CA PRO C 132 -0.29 -26.92 -25.88
C PRO C 132 0.44 -26.32 -24.70
N PRO C 133 -0.11 -25.27 -24.08
CA PRO C 133 -1.40 -24.64 -24.36
C PRO C 133 -1.30 -23.50 -25.37
N ASP C 134 -0.25 -23.44 -26.20
CA ASP C 134 -0.15 -22.40 -27.20
C ASP C 134 -1.24 -22.61 -28.25
N ARG C 135 -1.99 -21.54 -28.53
CA ARG C 135 -3.21 -21.68 -29.33
C ARG C 135 -2.90 -21.96 -30.79
N HIS C 136 -1.96 -21.23 -31.37
CA HIS C 136 -1.73 -21.25 -32.82
C HIS C 136 -1.14 -22.59 -33.26
N ARG C 137 -1.19 -22.83 -34.56
CA ARG C 137 -0.59 -24.01 -35.17
C ARG C 137 0.60 -23.60 -36.02
N GLY C 138 1.72 -24.30 -35.87
CA GLY C 138 2.92 -24.02 -36.61
C GLY C 138 3.04 -24.88 -37.86
N HIS C 139 3.76 -24.36 -38.85
CA HIS C 139 3.95 -25.07 -40.12
C HIS C 139 5.22 -24.57 -40.77
N GLY C 140 6.17 -25.48 -40.99
CA GLY C 140 7.40 -25.18 -41.71
C GLY C 140 7.44 -25.97 -43.01
N LYS C 141 7.86 -25.30 -44.08
CA LYS C 141 7.85 -25.89 -45.42
C LYS C 141 9.27 -25.87 -45.97
N ILE C 142 9.76 -27.03 -46.39
CA ILE C 142 11.10 -27.19 -46.94
C ILE C 142 11.00 -27.82 -48.32
N HIS C 143 11.64 -27.20 -49.30
CA HIS C 143 11.72 -27.73 -50.66
C HIS C 143 13.06 -28.43 -50.80
N LEU C 144 13.04 -29.77 -50.81
CA LEU C 144 14.26 -30.56 -50.91
C LEU C 144 14.57 -30.82 -52.38
N GLN C 145 15.67 -30.22 -52.86
CA GLN C 145 16.16 -30.45 -54.22
C GLN C 145 17.39 -31.33 -54.16
N VAL C 146 17.39 -32.39 -54.96
CA VAL C 146 18.45 -33.38 -54.97
C VAL C 146 19.18 -33.28 -56.31
N LEU C 147 20.47 -32.95 -56.26
CA LEU C 147 21.27 -32.84 -57.46
C LEU C 147 22.16 -34.07 -57.62
N MET C 148 22.79 -34.17 -58.79
CA MET C 148 23.66 -35.30 -59.11
C MET C 148 24.90 -35.32 -58.22
#